data_7ZG2
# 
_entry.id   7ZG2 
# 
_audit_conform.dict_name       mmcif_pdbx.dic 
_audit_conform.dict_version    5.384 
_audit_conform.dict_location   http://mmcif.pdb.org/dictionaries/ascii/mmcif_pdbx.dic 
# 
loop_
_database_2.database_id 
_database_2.database_code 
_database_2.pdbx_database_accession 
_database_2.pdbx_DOI 
PDB   7ZG2         pdb_00007zg2 10.2210/pdb7zg2/pdb 
WWPDB D_1292122189 ?            ?                   
# 
loop_
_pdbx_audit_revision_history.ordinal 
_pdbx_audit_revision_history.data_content_type 
_pdbx_audit_revision_history.major_revision 
_pdbx_audit_revision_history.minor_revision 
_pdbx_audit_revision_history.revision_date 
1 'Structure model' 1 0 2022-11-23 
2 'Structure model' 1 1 2022-12-07 
3 'Structure model' 1 2 2024-01-31 
# 
_pdbx_audit_revision_details.ordinal             1 
_pdbx_audit_revision_details.revision_ordinal    1 
_pdbx_audit_revision_details.data_content_type   'Structure model' 
_pdbx_audit_revision_details.provider            repository 
_pdbx_audit_revision_details.type                'Initial release' 
_pdbx_audit_revision_details.description         ? 
_pdbx_audit_revision_details.details             ? 
# 
loop_
_pdbx_audit_revision_group.ordinal 
_pdbx_audit_revision_group.revision_ordinal 
_pdbx_audit_revision_group.data_content_type 
_pdbx_audit_revision_group.group 
1 2 'Structure model' 'Database references'    
2 3 'Structure model' 'Data collection'        
3 3 'Structure model' 'Refinement description' 
# 
loop_
_pdbx_audit_revision_category.ordinal 
_pdbx_audit_revision_category.revision_ordinal 
_pdbx_audit_revision_category.data_content_type 
_pdbx_audit_revision_category.category 
1 2 'Structure model' citation                      
2 2 'Structure model' citation_author               
3 3 'Structure model' chem_comp_atom                
4 3 'Structure model' chem_comp_bond                
5 3 'Structure model' pdbx_initial_refinement_model 
# 
loop_
_pdbx_audit_revision_item.ordinal 
_pdbx_audit_revision_item.revision_ordinal 
_pdbx_audit_revision_item.data_content_type 
_pdbx_audit_revision_item.item 
1 2 'Structure model' '_citation.journal_volume'          
2 2 'Structure model' '_citation.page_first'              
3 2 'Structure model' '_citation.page_last'               
4 2 'Structure model' '_citation_author.identifier_ORCID' 
# 
_pdbx_database_status.status_code                     REL 
_pdbx_database_status.status_code_sf                  REL 
_pdbx_database_status.status_code_mr                  ? 
_pdbx_database_status.entry_id                        7ZG2 
_pdbx_database_status.recvd_initial_deposition_date   2022-04-01 
_pdbx_database_status.SG_entry                        N 
_pdbx_database_status.deposit_site                    PDBE 
_pdbx_database_status.process_site                    PDBE 
_pdbx_database_status.status_code_cs                  ? 
_pdbx_database_status.status_code_nmr_data            ? 
_pdbx_database_status.methods_development_category    ? 
_pdbx_database_status.pdb_format_compatible           N 
# 
_pdbx_contact_author.id                 2 
_pdbx_contact_author.email              martin.noble@ncl.ac.uk 
_pdbx_contact_author.name_first         Martin 
_pdbx_contact_author.name_last          Noble 
_pdbx_contact_author.name_mi            E.M. 
_pdbx_contact_author.role               'principal investigator/group leader' 
_pdbx_contact_author.identifier_ORCID   0000-0002-3595-9807 
# 
loop_
_audit_author.name 
_audit_author.pdbx_ordinal 
_audit_author.identifier_ORCID 
'Turberville, S.' 1 0000-0003-2173-9675 
'Martin, M.P.'    2 0000-0003-4810-3351 
'Hope, I.'        3 ?                   
'Noble, M.E.M.'   4 0000-0002-3595-9807 
# 
_citation.abstract                  ? 
_citation.abstract_id_CAS           ? 
_citation.book_id_ISBN              ? 
_citation.book_publisher            ? 
_citation.book_publisher_city       ? 
_citation.book_title                ? 
_citation.coordinate_linkage        ? 
_citation.country                   US 
_citation.database_id_Medline       ? 
_citation.details                   ? 
_citation.id                        primary 
_citation.journal_abbrev            J.Med.Chem. 
_citation.journal_id_ASTM           JMCMAR 
_citation.journal_id_CSD            0151 
_citation.journal_id_ISSN           0022-2623 
_citation.journal_full              ? 
_citation.journal_issue             ? 
_citation.journal_volume            65 
_citation.language                  ? 
_citation.page_first                15416 
_citation.page_last                 15432 
_citation.title                     
;Mapping Ligand Interactions of Bromodomains BRD4 and ATAD2 with FragLites and PepLites&#9472;Halogenated Probes of Druglike and Peptide-like Molecular Interactions.
;
_citation.year                      2022 
_citation.database_id_CSD           ? 
_citation.pdbx_database_id_DOI      10.1021/acs.jmedchem.2c01357 
_citation.pdbx_database_id_PubMed   36367089 
_citation.pdbx_database_id_patent   ? 
_citation.unpublished_flag          ? 
# 
loop_
_citation_author.citation_id 
_citation_author.name 
_citation_author.ordinal 
_citation_author.identifier_ORCID 
primary 'Davison, G.'       1  ? 
primary 'Martin, M.P.'      2  ? 
primary 'Turberville, S.'   3  ? 
primary 'Dormen, S.'        4  ? 
primary 'Heath, R.'         5  ? 
primary 'Heptinstall, A.B.' 6  ? 
primary 'Lawson, M.'        7  ? 
primary 'Miller, D.C.'      8  ? 
primary 'Ng, Y.M.'          9  ? 
primary 'Sanderson, J.N.'   10 ? 
primary 'Hope, I.'          11 ? 
primary 'Wood, D.J.'        12 ? 
primary 'Cano, C.'          13 ? 
primary 'Endicott, J.A.'    14 ? 
primary 'Hardcastle, I.R.'  15 ? 
primary 'Noble, M.E.M.'     16 ? 
primary 'Waring, M.J.'      17 ? 
# 
loop_
_entity.id 
_entity.type 
_entity.src_method 
_entity.pdbx_description 
_entity.formula_weight 
_entity.pdbx_number_of_molecules 
_entity.pdbx_ec 
_entity.pdbx_mutation 
_entity.pdbx_fragment 
_entity.details 
1 polymer     man 'Bromodomain-containing protein 4'         15294.578 1   ? ? ? ? 
2 non-polymer syn GLYCEROL                                   92.094    3   ? ? ? ? 
3 non-polymer syn '(2S)-2,6-diacetamido-N-methyl-hexanamide' 243.303   1   ? ? ? ? 
4 water       nat water                                      18.015    162 ? ? ? ? 
# 
_entity_name_com.entity_id   1 
_entity_name_com.name        'Protein HUNK1' 
# 
_entity_poly.entity_id                      1 
_entity_poly.type                           'polypeptide(L)' 
_entity_poly.nstd_linkage                   no 
_entity_poly.nstd_monomer                   no 
_entity_poly.pdbx_seq_one_letter_code       
;GSHMNPPPPETSNPNKPKRQTNQLQYLLRVVLKTLWKHQFAWPFQQPVDAVKLNLPDYYKIIKTPMDMGTIKKRLENNYY
WNAQECIQDFNTMFTNCYIYNKPGDDIVLMAEALEKLFLQKINELPTEE
;
_entity_poly.pdbx_seq_one_letter_code_can   
;GSHMNPPPPETSNPNKPKRQTNQLQYLLRVVLKTLWKHQFAWPFQQPVDAVKLNLPDYYKIIKTPMDMGTIKKRLENNYY
WNAQECIQDFNTMFTNCYIYNKPGDDIVLMAEALEKLFLQKINELPTEE
;
_entity_poly.pdbx_strand_id                 AAA 
_entity_poly.pdbx_target_identifier         ? 
# 
loop_
_pdbx_entity_nonpoly.entity_id 
_pdbx_entity_nonpoly.name 
_pdbx_entity_nonpoly.comp_id 
2 GLYCEROL                                   GOL 
3 '(2S)-2,6-diacetamido-N-methyl-hexanamide' 8WS 
4 water                                      HOH 
# 
loop_
_entity_poly_seq.entity_id 
_entity_poly_seq.num 
_entity_poly_seq.mon_id 
_entity_poly_seq.hetero 
1 1   GLY n 
1 2   SER n 
1 3   HIS n 
1 4   MET n 
1 5   ASN n 
1 6   PRO n 
1 7   PRO n 
1 8   PRO n 
1 9   PRO n 
1 10  GLU n 
1 11  THR n 
1 12  SER n 
1 13  ASN n 
1 14  PRO n 
1 15  ASN n 
1 16  LYS n 
1 17  PRO n 
1 18  LYS n 
1 19  ARG n 
1 20  GLN n 
1 21  THR n 
1 22  ASN n 
1 23  GLN n 
1 24  LEU n 
1 25  GLN n 
1 26  TYR n 
1 27  LEU n 
1 28  LEU n 
1 29  ARG n 
1 30  VAL n 
1 31  VAL n 
1 32  LEU n 
1 33  LYS n 
1 34  THR n 
1 35  LEU n 
1 36  TRP n 
1 37  LYS n 
1 38  HIS n 
1 39  GLN n 
1 40  PHE n 
1 41  ALA n 
1 42  TRP n 
1 43  PRO n 
1 44  PHE n 
1 45  GLN n 
1 46  GLN n 
1 47  PRO n 
1 48  VAL n 
1 49  ASP n 
1 50  ALA n 
1 51  VAL n 
1 52  LYS n 
1 53  LEU n 
1 54  ASN n 
1 55  LEU n 
1 56  PRO n 
1 57  ASP n 
1 58  TYR n 
1 59  TYR n 
1 60  LYS n 
1 61  ILE n 
1 62  ILE n 
1 63  LYS n 
1 64  THR n 
1 65  PRO n 
1 66  MET n 
1 67  ASP n 
1 68  MET n 
1 69  GLY n 
1 70  THR n 
1 71  ILE n 
1 72  LYS n 
1 73  LYS n 
1 74  ARG n 
1 75  LEU n 
1 76  GLU n 
1 77  ASN n 
1 78  ASN n 
1 79  TYR n 
1 80  TYR n 
1 81  TRP n 
1 82  ASN n 
1 83  ALA n 
1 84  GLN n 
1 85  GLU n 
1 86  CYS n 
1 87  ILE n 
1 88  GLN n 
1 89  ASP n 
1 90  PHE n 
1 91  ASN n 
1 92  THR n 
1 93  MET n 
1 94  PHE n 
1 95  THR n 
1 96  ASN n 
1 97  CYS n 
1 98  TYR n 
1 99  ILE n 
1 100 TYR n 
1 101 ASN n 
1 102 LYS n 
1 103 PRO n 
1 104 GLY n 
1 105 ASP n 
1 106 ASP n 
1 107 ILE n 
1 108 VAL n 
1 109 LEU n 
1 110 MET n 
1 111 ALA n 
1 112 GLU n 
1 113 ALA n 
1 114 LEU n 
1 115 GLU n 
1 116 LYS n 
1 117 LEU n 
1 118 PHE n 
1 119 LEU n 
1 120 GLN n 
1 121 LYS n 
1 122 ILE n 
1 123 ASN n 
1 124 GLU n 
1 125 LEU n 
1 126 PRO n 
1 127 THR n 
1 128 GLU n 
1 129 GLU n 
# 
_entity_src_gen.entity_id                          1 
_entity_src_gen.pdbx_src_id                        1 
_entity_src_gen.pdbx_alt_source_flag               sample 
_entity_src_gen.pdbx_seq_type                      'Biological sequence' 
_entity_src_gen.pdbx_beg_seq_num                   1 
_entity_src_gen.pdbx_end_seq_num                   129 
_entity_src_gen.gene_src_common_name               human 
_entity_src_gen.gene_src_genus                     ? 
_entity_src_gen.pdbx_gene_src_gene                 'BRD4, HUNK1' 
_entity_src_gen.gene_src_species                   ? 
_entity_src_gen.gene_src_strain                    ? 
_entity_src_gen.gene_src_tissue                    ? 
_entity_src_gen.gene_src_tissue_fraction           ? 
_entity_src_gen.gene_src_details                   ? 
_entity_src_gen.pdbx_gene_src_fragment             ? 
_entity_src_gen.pdbx_gene_src_scientific_name      'Homo sapiens' 
_entity_src_gen.pdbx_gene_src_ncbi_taxonomy_id     9606 
_entity_src_gen.pdbx_gene_src_variant              ? 
_entity_src_gen.pdbx_gene_src_cell_line            ? 
_entity_src_gen.pdbx_gene_src_atcc                 ? 
_entity_src_gen.pdbx_gene_src_organ                ? 
_entity_src_gen.pdbx_gene_src_organelle            ? 
_entity_src_gen.pdbx_gene_src_cell                 ? 
_entity_src_gen.pdbx_gene_src_cellular_location    ? 
_entity_src_gen.host_org_common_name               ? 
_entity_src_gen.pdbx_host_org_scientific_name      'Escherichia coli BL21(DE3)' 
_entity_src_gen.pdbx_host_org_ncbi_taxonomy_id     469008 
_entity_src_gen.host_org_genus                     ? 
_entity_src_gen.pdbx_host_org_gene                 ? 
_entity_src_gen.pdbx_host_org_organ                ? 
_entity_src_gen.host_org_species                   ? 
_entity_src_gen.pdbx_host_org_tissue               ? 
_entity_src_gen.pdbx_host_org_tissue_fraction      ? 
_entity_src_gen.pdbx_host_org_strain               ? 
_entity_src_gen.pdbx_host_org_variant              ? 
_entity_src_gen.pdbx_host_org_cell_line            ? 
_entity_src_gen.pdbx_host_org_atcc                 ? 
_entity_src_gen.pdbx_host_org_culture_collection   ? 
_entity_src_gen.pdbx_host_org_cell                 ? 
_entity_src_gen.pdbx_host_org_organelle            ? 
_entity_src_gen.pdbx_host_org_cellular_location    ? 
_entity_src_gen.pdbx_host_org_vector_type          ? 
_entity_src_gen.pdbx_host_org_vector               ? 
_entity_src_gen.host_org_details                   ? 
_entity_src_gen.expression_system_id               ? 
_entity_src_gen.plasmid_name                       pET28b 
_entity_src_gen.plasmid_details                    ? 
_entity_src_gen.pdbx_description                   ? 
# 
loop_
_chem_comp.id 
_chem_comp.type 
_chem_comp.mon_nstd_flag 
_chem_comp.name 
_chem_comp.pdbx_synonyms 
_chem_comp.formula 
_chem_comp.formula_weight 
8WS non-polymer         . '(2S)-2,6-diacetamido-N-methyl-hexanamide' ?                               'C11 H21 N3 O3'  243.303 
ALA 'L-peptide linking' y ALANINE                                    ?                               'C3 H7 N O2'     89.093  
ARG 'L-peptide linking' y ARGININE                                   ?                               'C6 H15 N4 O2 1' 175.209 
ASN 'L-peptide linking' y ASPARAGINE                                 ?                               'C4 H8 N2 O3'    132.118 
ASP 'L-peptide linking' y 'ASPARTIC ACID'                            ?                               'C4 H7 N O4'     133.103 
CYS 'L-peptide linking' y CYSTEINE                                   ?                               'C3 H7 N O2 S'   121.158 
GLN 'L-peptide linking' y GLUTAMINE                                  ?                               'C5 H10 N2 O3'   146.144 
GLU 'L-peptide linking' y 'GLUTAMIC ACID'                            ?                               'C5 H9 N O4'     147.129 
GLY 'peptide linking'   y GLYCINE                                    ?                               'C2 H5 N O2'     75.067  
GOL non-polymer         . GLYCEROL                                   'GLYCERIN; PROPANE-1,2,3-TRIOL' 'C3 H8 O3'       92.094  
HIS 'L-peptide linking' y HISTIDINE                                  ?                               'C6 H10 N3 O2 1' 156.162 
HOH non-polymer         . WATER                                      ?                               'H2 O'           18.015  
ILE 'L-peptide linking' y ISOLEUCINE                                 ?                               'C6 H13 N O2'    131.173 
LEU 'L-peptide linking' y LEUCINE                                    ?                               'C6 H13 N O2'    131.173 
LYS 'L-peptide linking' y LYSINE                                     ?                               'C6 H15 N2 O2 1' 147.195 
MET 'L-peptide linking' y METHIONINE                                 ?                               'C5 H11 N O2 S'  149.211 
PHE 'L-peptide linking' y PHENYLALANINE                              ?                               'C9 H11 N O2'    165.189 
PRO 'L-peptide linking' y PROLINE                                    ?                               'C5 H9 N O2'     115.130 
SER 'L-peptide linking' y SERINE                                     ?                               'C3 H7 N O3'     105.093 
THR 'L-peptide linking' y THREONINE                                  ?                               'C4 H9 N O3'     119.119 
TRP 'L-peptide linking' y TRYPTOPHAN                                 ?                               'C11 H12 N2 O2'  204.225 
TYR 'L-peptide linking' y TYROSINE                                   ?                               'C9 H11 N O3'    181.189 
VAL 'L-peptide linking' y VALINE                                     ?                               'C5 H11 N O2'    117.146 
# 
loop_
_pdbx_poly_seq_scheme.asym_id 
_pdbx_poly_seq_scheme.entity_id 
_pdbx_poly_seq_scheme.seq_id 
_pdbx_poly_seq_scheme.mon_id 
_pdbx_poly_seq_scheme.ndb_seq_num 
_pdbx_poly_seq_scheme.pdb_seq_num 
_pdbx_poly_seq_scheme.auth_seq_num 
_pdbx_poly_seq_scheme.pdb_mon_id 
_pdbx_poly_seq_scheme.auth_mon_id 
_pdbx_poly_seq_scheme.pdb_strand_id 
_pdbx_poly_seq_scheme.pdb_ins_code 
_pdbx_poly_seq_scheme.hetero 
A 1 1   GLY 1   40  40  GLY GLY AAA . n 
A 1 2   SER 2   41  41  SER SER AAA . n 
A 1 3   HIS 3   42  42  HIS HIS AAA . n 
A 1 4   MET 4   43  43  MET MET AAA . n 
A 1 5   ASN 5   44  44  ASN ASN AAA . n 
A 1 6   PRO 6   45  45  PRO PRO AAA . n 
A 1 7   PRO 7   46  46  PRO PRO AAA . n 
A 1 8   PRO 8   47  47  PRO PRO AAA . n 
A 1 9   PRO 9   48  48  PRO PRO AAA . n 
A 1 10  GLU 10  49  49  GLU GLU AAA . n 
A 1 11  THR 11  50  50  THR THR AAA . n 
A 1 12  SER 12  51  51  SER SER AAA . n 
A 1 13  ASN 13  52  52  ASN ASN AAA . n 
A 1 14  PRO 14  53  53  PRO PRO AAA . n 
A 1 15  ASN 15  54  54  ASN ASN AAA . n 
A 1 16  LYS 16  55  55  LYS LYS AAA . n 
A 1 17  PRO 17  56  56  PRO PRO AAA . n 
A 1 18  LYS 18  57  57  LYS LYS AAA . n 
A 1 19  ARG 19  58  58  ARG ARG AAA . n 
A 1 20  GLN 20  59  59  GLN GLN AAA . n 
A 1 21  THR 21  60  60  THR THR AAA . n 
A 1 22  ASN 22  61  61  ASN ASN AAA . n 
A 1 23  GLN 23  62  62  GLN GLN AAA . n 
A 1 24  LEU 24  63  63  LEU LEU AAA . n 
A 1 25  GLN 25  64  64  GLN GLN AAA . n 
A 1 26  TYR 26  65  65  TYR TYR AAA . n 
A 1 27  LEU 27  66  66  LEU LEU AAA . n 
A 1 28  LEU 28  67  67  LEU LEU AAA . n 
A 1 29  ARG 29  68  68  ARG ARG AAA . n 
A 1 30  VAL 30  69  69  VAL VAL AAA . n 
A 1 31  VAL 31  70  70  VAL VAL AAA . n 
A 1 32  LEU 32  71  71  LEU LEU AAA . n 
A 1 33  LYS 33  72  72  LYS LYS AAA . n 
A 1 34  THR 34  73  73  THR THR AAA . n 
A 1 35  LEU 35  74  74  LEU LEU AAA . n 
A 1 36  TRP 36  75  75  TRP TRP AAA . n 
A 1 37  LYS 37  76  76  LYS LYS AAA . n 
A 1 38  HIS 38  77  77  HIS HIS AAA . n 
A 1 39  GLN 39  78  78  GLN GLN AAA . n 
A 1 40  PHE 40  79  79  PHE PHE AAA . n 
A 1 41  ALA 41  80  80  ALA ALA AAA . n 
A 1 42  TRP 42  81  81  TRP TRP AAA . n 
A 1 43  PRO 43  82  82  PRO PRO AAA . n 
A 1 44  PHE 44  83  83  PHE PHE AAA . n 
A 1 45  GLN 45  84  84  GLN GLN AAA . n 
A 1 46  GLN 46  85  85  GLN GLN AAA . n 
A 1 47  PRO 47  86  86  PRO PRO AAA . n 
A 1 48  VAL 48  87  87  VAL VAL AAA . n 
A 1 49  ASP 49  88  88  ASP ASP AAA . n 
A 1 50  ALA 50  89  89  ALA ALA AAA . n 
A 1 51  VAL 51  90  90  VAL VAL AAA . n 
A 1 52  LYS 52  91  91  LYS LYS AAA . n 
A 1 53  LEU 53  92  92  LEU LEU AAA . n 
A 1 54  ASN 54  93  93  ASN ASN AAA . n 
A 1 55  LEU 55  94  94  LEU LEU AAA . n 
A 1 56  PRO 56  95  95  PRO PRO AAA . n 
A 1 57  ASP 57  96  96  ASP ASP AAA . n 
A 1 58  TYR 58  97  97  TYR TYR AAA . n 
A 1 59  TYR 59  98  98  TYR TYR AAA . n 
A 1 60  LYS 60  99  99  LYS LYS AAA . n 
A 1 61  ILE 61  100 100 ILE ILE AAA . n 
A 1 62  ILE 62  101 101 ILE ILE AAA . n 
A 1 63  LYS 63  102 102 LYS LYS AAA . n 
A 1 64  THR 64  103 103 THR THR AAA . n 
A 1 65  PRO 65  104 104 PRO PRO AAA . n 
A 1 66  MET 66  105 105 MET MET AAA . n 
A 1 67  ASP 67  106 106 ASP ASP AAA . n 
A 1 68  MET 68  107 107 MET MET AAA . n 
A 1 69  GLY 69  108 108 GLY GLY AAA . n 
A 1 70  THR 70  109 109 THR THR AAA . n 
A 1 71  ILE 71  110 110 ILE ILE AAA . n 
A 1 72  LYS 72  111 111 LYS LYS AAA . n 
A 1 73  LYS 73  112 112 LYS LYS AAA . n 
A 1 74  ARG 74  113 113 ARG ARG AAA . n 
A 1 75  LEU 75  114 114 LEU LEU AAA . n 
A 1 76  GLU 76  115 115 GLU GLU AAA . n 
A 1 77  ASN 77  116 116 ASN ASN AAA . n 
A 1 78  ASN 78  117 117 ASN ASN AAA . n 
A 1 79  TYR 79  118 118 TYR TYR AAA . n 
A 1 80  TYR 80  119 119 TYR TYR AAA . n 
A 1 81  TRP 81  120 120 TRP TRP AAA . n 
A 1 82  ASN 82  121 121 ASN ASN AAA . n 
A 1 83  ALA 83  122 122 ALA ALA AAA . n 
A 1 84  GLN 84  123 123 GLN GLN AAA . n 
A 1 85  GLU 85  124 124 GLU GLU AAA . n 
A 1 86  CYS 86  125 125 CYS CYS AAA . n 
A 1 87  ILE 87  126 126 ILE ILE AAA . n 
A 1 88  GLN 88  127 127 GLN GLN AAA . n 
A 1 89  ASP 89  128 128 ASP ASP AAA . n 
A 1 90  PHE 90  129 129 PHE PHE AAA . n 
A 1 91  ASN 91  130 130 ASN ASN AAA . n 
A 1 92  THR 92  131 131 THR THR AAA . n 
A 1 93  MET 93  132 132 MET MET AAA . n 
A 1 94  PHE 94  133 133 PHE PHE AAA . n 
A 1 95  THR 95  134 134 THR THR AAA . n 
A 1 96  ASN 96  135 135 ASN ASN AAA . n 
A 1 97  CYS 97  136 136 CYS CYS AAA . n 
A 1 98  TYR 98  137 137 TYR TYR AAA . n 
A 1 99  ILE 99  138 138 ILE ILE AAA . n 
A 1 100 TYR 100 139 139 TYR TYR AAA . n 
A 1 101 ASN 101 140 140 ASN ASN AAA . n 
A 1 102 LYS 102 141 141 LYS LYS AAA . n 
A 1 103 PRO 103 142 142 PRO PRO AAA . n 
A 1 104 GLY 104 143 143 GLY GLY AAA . n 
A 1 105 ASP 105 144 144 ASP ASP AAA . n 
A 1 106 ASP 106 145 145 ASP ASP AAA . n 
A 1 107 ILE 107 146 146 ILE ILE AAA . n 
A 1 108 VAL 108 147 147 VAL VAL AAA . n 
A 1 109 LEU 109 148 148 LEU LEU AAA . n 
A 1 110 MET 110 149 149 MET MET AAA . n 
A 1 111 ALA 111 150 150 ALA ALA AAA . n 
A 1 112 GLU 112 151 151 GLU GLU AAA . n 
A 1 113 ALA 113 152 152 ALA ALA AAA . n 
A 1 114 LEU 114 153 153 LEU LEU AAA . n 
A 1 115 GLU 115 154 154 GLU GLU AAA . n 
A 1 116 LYS 116 155 155 LYS LYS AAA . n 
A 1 117 LEU 117 156 156 LEU LEU AAA . n 
A 1 118 PHE 118 157 157 PHE PHE AAA . n 
A 1 119 LEU 119 158 158 LEU LEU AAA . n 
A 1 120 GLN 120 159 159 GLN GLN AAA . n 
A 1 121 LYS 121 160 160 LYS LYS AAA . n 
A 1 122 ILE 122 161 161 ILE ILE AAA . n 
A 1 123 ASN 123 162 162 ASN ASN AAA . n 
A 1 124 GLU 124 163 163 GLU GLU AAA . n 
A 1 125 LEU 125 164 164 LEU LEU AAA . n 
A 1 126 PRO 126 165 165 PRO PRO AAA . n 
A 1 127 THR 127 166 166 THR THR AAA . n 
A 1 128 GLU 128 167 167 GLU GLU AAA . n 
A 1 129 GLU 129 168 168 GLU GLU AAA . n 
# 
loop_
_pdbx_nonpoly_scheme.asym_id 
_pdbx_nonpoly_scheme.entity_id 
_pdbx_nonpoly_scheme.mon_id 
_pdbx_nonpoly_scheme.ndb_seq_num 
_pdbx_nonpoly_scheme.pdb_seq_num 
_pdbx_nonpoly_scheme.auth_seq_num 
_pdbx_nonpoly_scheme.pdb_mon_id 
_pdbx_nonpoly_scheme.auth_mon_id 
_pdbx_nonpoly_scheme.pdb_strand_id 
_pdbx_nonpoly_scheme.pdb_ins_code 
B 2 GOL 1   201 1   GOL GOL AAA . 
C 2 GOL 1   202 2   GOL GOL AAA . 
D 2 GOL 1   203 3   GOL GOL AAA . 
E 3 8WS 1   204 1   8WS DRG AAA . 
F 4 HOH 1   301 136 HOH HOH AAA . 
F 4 HOH 2   302 67  HOH HOH AAA . 
F 4 HOH 3   303 186 HOH HOH AAA . 
F 4 HOH 4   304 219 HOH HOH AAA . 
F 4 HOH 5   305 135 HOH HOH AAA . 
F 4 HOH 6   306 183 HOH HOH AAA . 
F 4 HOH 7   307 213 HOH HOH AAA . 
F 4 HOH 8   308 111 HOH HOH AAA . 
F 4 HOH 9   309 128 HOH HOH AAA . 
F 4 HOH 10  310 49  HOH HOH AAA . 
F 4 HOH 11  311 4   HOH HOH AAA . 
F 4 HOH 12  312 230 HOH HOH AAA . 
F 4 HOH 13  313 121 HOH HOH AAA . 
F 4 HOH 14  314 151 HOH HOH AAA . 
F 4 HOH 15  315 225 HOH HOH AAA . 
F 4 HOH 16  316 118 HOH HOH AAA . 
F 4 HOH 17  317 102 HOH HOH AAA . 
F 4 HOH 18  318 170 HOH HOH AAA . 
F 4 HOH 19  319 212 HOH HOH AAA . 
F 4 HOH 20  320 81  HOH HOH AAA . 
F 4 HOH 21  321 185 HOH HOH AAA . 
F 4 HOH 22  322 53  HOH HOH AAA . 
F 4 HOH 23  323 39  HOH HOH AAA . 
F 4 HOH 24  324 83  HOH HOH AAA . 
F 4 HOH 25  325 25  HOH HOH AAA . 
F 4 HOH 26  326 143 HOH HOH AAA . 
F 4 HOH 27  327 233 HOH HOH AAA . 
F 4 HOH 28  328 180 HOH HOH AAA . 
F 4 HOH 29  329 71  HOH HOH AAA . 
F 4 HOH 30  330 113 HOH HOH AAA . 
F 4 HOH 31  331 38  HOH HOH AAA . 
F 4 HOH 32  332 207 HOH HOH AAA . 
F 4 HOH 33  333 165 HOH HOH AAA . 
F 4 HOH 34  334 90  HOH HOH AAA . 
F 4 HOH 35  335 82  HOH HOH AAA . 
F 4 HOH 36  336 109 HOH HOH AAA . 
F 4 HOH 37  337 196 HOH HOH AAA . 
F 4 HOH 38  338 26  HOH HOH AAA . 
F 4 HOH 39  339 70  HOH HOH AAA . 
F 4 HOH 40  340 11  HOH HOH AAA . 
F 4 HOH 41  341 47  HOH HOH AAA . 
F 4 HOH 42  342 166 HOH HOH AAA . 
F 4 HOH 43  343 175 HOH HOH AAA . 
F 4 HOH 44  344 231 HOH HOH AAA . 
F 4 HOH 45  345 103 HOH HOH AAA . 
F 4 HOH 46  346 42  HOH HOH AAA . 
F 4 HOH 47  347 2   HOH HOH AAA . 
F 4 HOH 48  348 163 HOH HOH AAA . 
F 4 HOH 49  349 37  HOH HOH AAA . 
F 4 HOH 50  350 22  HOH HOH AAA . 
F 4 HOH 51  351 77  HOH HOH AAA . 
F 4 HOH 52  352 19  HOH HOH AAA . 
F 4 HOH 53  353 161 HOH HOH AAA . 
F 4 HOH 54  354 92  HOH HOH AAA . 
F 4 HOH 55  355 36  HOH HOH AAA . 
F 4 HOH 56  356 69  HOH HOH AAA . 
F 4 HOH 57  357 140 HOH HOH AAA . 
F 4 HOH 58  358 177 HOH HOH AAA . 
F 4 HOH 59  359 215 HOH HOH AAA . 
F 4 HOH 60  360 152 HOH HOH AAA . 
F 4 HOH 61  361 125 HOH HOH AAA . 
F 4 HOH 62  362 51  HOH HOH AAA . 
F 4 HOH 63  363 188 HOH HOH AAA . 
F 4 HOH 64  364 199 HOH HOH AAA . 
F 4 HOH 65  365 6   HOH HOH AAA . 
F 4 HOH 66  366 63  HOH HOH AAA . 
F 4 HOH 67  367 9   HOH HOH AAA . 
F 4 HOH 68  368 17  HOH HOH AAA . 
F 4 HOH 69  369 204 HOH HOH AAA . 
F 4 HOH 70  370 27  HOH HOH AAA . 
F 4 HOH 71  371 134 HOH HOH AAA . 
F 4 HOH 72  372 159 HOH HOH AAA . 
F 4 HOH 73  373 1   HOH HOH AAA . 
F 4 HOH 74  374 14  HOH HOH AAA . 
F 4 HOH 75  375 13  HOH HOH AAA . 
F 4 HOH 76  376 62  HOH HOH AAA . 
F 4 HOH 77  377 33  HOH HOH AAA . 
F 4 HOH 78  378 124 HOH HOH AAA . 
F 4 HOH 79  379 8   HOH HOH AAA . 
F 4 HOH 80  380 144 HOH HOH AAA . 
F 4 HOH 81  381 139 HOH HOH AAA . 
F 4 HOH 82  382 10  HOH HOH AAA . 
F 4 HOH 83  383 35  HOH HOH AAA . 
F 4 HOH 84  384 12  HOH HOH AAA . 
F 4 HOH 85  385 24  HOH HOH AAA . 
F 4 HOH 86  386 220 HOH HOH AAA . 
F 4 HOH 87  387 88  HOH HOH AAA . 
F 4 HOH 88  388 222 HOH HOH AAA . 
F 4 HOH 89  389 93  HOH HOH AAA . 
F 4 HOH 90  390 107 HOH HOH AAA . 
F 4 HOH 91  391 34  HOH HOH AAA . 
F 4 HOH 92  392 228 HOH HOH AAA . 
F 4 HOH 93  393 28  HOH HOH AAA . 
F 4 HOH 94  394 7   HOH HOH AAA . 
F 4 HOH 95  395 122 HOH HOH AAA . 
F 4 HOH 96  396 209 HOH HOH AAA . 
F 4 HOH 97  397 200 HOH HOH AAA . 
F 4 HOH 98  398 3   HOH HOH AAA . 
F 4 HOH 99  399 104 HOH HOH AAA . 
F 4 HOH 100 400 221 HOH HOH AAA . 
F 4 HOH 101 401 68  HOH HOH AAA . 
F 4 HOH 102 402 116 HOH HOH AAA . 
F 4 HOH 103 403 41  HOH HOH AAA . 
F 4 HOH 104 404 115 HOH HOH AAA . 
F 4 HOH 105 405 153 HOH HOH AAA . 
F 4 HOH 106 406 5   HOH HOH AAA . 
F 4 HOH 107 407 15  HOH HOH AAA . 
F 4 HOH 108 408 198 HOH HOH AAA . 
F 4 HOH 109 409 18  HOH HOH AAA . 
F 4 HOH 110 410 105 HOH HOH AAA . 
F 4 HOH 111 411 21  HOH HOH AAA . 
F 4 HOH 112 412 95  HOH HOH AAA . 
F 4 HOH 113 413 45  HOH HOH AAA . 
F 4 HOH 114 414 65  HOH HOH AAA . 
F 4 HOH 115 415 76  HOH HOH AAA . 
F 4 HOH 116 416 197 HOH HOH AAA . 
F 4 HOH 117 417 211 HOH HOH AAA . 
F 4 HOH 118 418 216 HOH HOH AAA . 
F 4 HOH 119 419 43  HOH HOH AAA . 
F 4 HOH 120 420 112 HOH HOH AAA . 
F 4 HOH 121 421 210 HOH HOH AAA . 
F 4 HOH 122 422 106 HOH HOH AAA . 
F 4 HOH 123 423 75  HOH HOH AAA . 
F 4 HOH 124 424 101 HOH HOH AAA . 
F 4 HOH 125 425 202 HOH HOH AAA . 
F 4 HOH 126 426 141 HOH HOH AAA . 
F 4 HOH 127 427 117 HOH HOH AAA . 
F 4 HOH 128 428 48  HOH HOH AAA . 
F 4 HOH 129 429 108 HOH HOH AAA . 
F 4 HOH 130 430 224 HOH HOH AAA . 
F 4 HOH 131 431 217 HOH HOH AAA . 
F 4 HOH 132 432 201 HOH HOH AAA . 
F 4 HOH 133 433 160 HOH HOH AAA . 
F 4 HOH 134 434 167 HOH HOH AAA . 
F 4 HOH 135 435 73  HOH HOH AAA . 
F 4 HOH 136 436 181 HOH HOH AAA . 
F 4 HOH 137 437 206 HOH HOH AAA . 
F 4 HOH 138 438 169 HOH HOH AAA . 
F 4 HOH 139 439 20  HOH HOH AAA . 
F 4 HOH 140 440 72  HOH HOH AAA . 
F 4 HOH 141 441 218 HOH HOH AAA . 
F 4 HOH 142 442 223 HOH HOH AAA . 
F 4 HOH 143 443 29  HOH HOH AAA . 
F 4 HOH 144 444 227 HOH HOH AAA . 
F 4 HOH 145 445 132 HOH HOH AAA . 
F 4 HOH 146 446 191 HOH HOH AAA . 
F 4 HOH 147 447 145 HOH HOH AAA . 
F 4 HOH 148 448 232 HOH HOH AAA . 
F 4 HOH 149 449 123 HOH HOH AAA . 
F 4 HOH 150 450 30  HOH HOH AAA . 
F 4 HOH 151 451 149 HOH HOH AAA . 
F 4 HOH 152 452 226 HOH HOH AAA . 
F 4 HOH 153 453 173 HOH HOH AAA . 
F 4 HOH 154 454 208 HOH HOH AAA . 
F 4 HOH 155 455 137 HOH HOH AAA . 
F 4 HOH 156 456 187 HOH HOH AAA . 
F 4 HOH 157 457 229 HOH HOH AAA . 
F 4 HOH 158 458 84  HOH HOH AAA . 
F 4 HOH 159 459 205 HOH HOH AAA . 
F 4 HOH 160 460 138 HOH HOH AAA . 
F 4 HOH 161 461 85  HOH HOH AAA . 
F 4 HOH 162 462 214 HOH HOH AAA . 
# 
loop_
_software.citation_id 
_software.classification 
_software.compiler_name 
_software.compiler_version 
_software.contact_author 
_software.contact_author_email 
_software.date 
_software.description 
_software.dependencies 
_software.hardware 
_software.language 
_software.location 
_software.mods 
_software.name 
_software.os 
_software.os_version 
_software.type 
_software.version 
_software.pdbx_ordinal 
? refinement       ? ? ? ? ? ? ? ? ? ? ? REFMAC  ? ? ? 5.8.0258 1 
? refinement       ? ? ? ? ? ? ? ? ? ? ? REFMAC  ? ? ? 5.8.0258 2 
? 'data scaling'   ? ? ? ? ? ? ? ? ? ? ? Aimless ? ? ? 0.7.4    3 
? 'data reduction' ? ? ? ? ? ? ? ? ? ? ? xia2    ? ? ? .        4 
? phasing          ? ? ? ? ? ? ? ? ? ? ? PHASER  ? ? ? .        5 
# 
_cell.angle_alpha                  90.000 
_cell.angle_alpha_esd              ? 
_cell.angle_beta                   90.000 
_cell.angle_beta_esd               ? 
_cell.angle_gamma                  90.000 
_cell.angle_gamma_esd              ? 
_cell.entry_id                     7ZG2 
_cell.details                      ? 
_cell.formula_units_Z              ? 
_cell.length_a                     37.329 
_cell.length_a_esd                 ? 
_cell.length_b                     43.265 
_cell.length_b_esd                 ? 
_cell.length_c                     79.848 
_cell.length_c_esd                 ? 
_cell.volume                       ? 
_cell.volume_esd                   ? 
_cell.Z_PDB                        4 
_cell.reciprocal_angle_alpha       ? 
_cell.reciprocal_angle_beta        ? 
_cell.reciprocal_angle_gamma       ? 
_cell.reciprocal_angle_alpha_esd   ? 
_cell.reciprocal_angle_beta_esd    ? 
_cell.reciprocal_angle_gamma_esd   ? 
_cell.reciprocal_length_a          ? 
_cell.reciprocal_length_b          ? 
_cell.reciprocal_length_c          ? 
_cell.reciprocal_length_a_esd      ? 
_cell.reciprocal_length_b_esd      ? 
_cell.reciprocal_length_c_esd      ? 
_cell.pdbx_unique_axis             ? 
# 
_symmetry.entry_id                         7ZG2 
_symmetry.cell_setting                     ? 
_symmetry.Int_Tables_number                19 
_symmetry.space_group_name_Hall            ? 
_symmetry.space_group_name_H-M             'P 21 21 21' 
_symmetry.pdbx_full_space_group_name_H-M   ? 
# 
_exptl.absorpt_coefficient_mu     ? 
_exptl.absorpt_correction_T_max   ? 
_exptl.absorpt_correction_T_min   ? 
_exptl.absorpt_correction_type    ? 
_exptl.absorpt_process_details    ? 
_exptl.entry_id                   7ZG2 
_exptl.crystals_number            1 
_exptl.details                    ? 
_exptl.method                     'X-RAY DIFFRACTION' 
_exptl.method_details             ? 
# 
_exptl_crystal.colour                      ? 
_exptl_crystal.density_diffrn              ? 
_exptl_crystal.density_Matthews            2.11 
_exptl_crystal.density_method              ? 
_exptl_crystal.density_percent_sol         41.65 
_exptl_crystal.description                 ? 
_exptl_crystal.F_000                       ? 
_exptl_crystal.id                          1 
_exptl_crystal.preparation                 ? 
_exptl_crystal.size_max                    ? 
_exptl_crystal.size_mid                    ? 
_exptl_crystal.size_min                    ? 
_exptl_crystal.size_rad                    ? 
_exptl_crystal.colour_lustre               ? 
_exptl_crystal.colour_modifier             ? 
_exptl_crystal.colour_primary              ? 
_exptl_crystal.density_meas                ? 
_exptl_crystal.density_meas_esd            ? 
_exptl_crystal.density_meas_gt             ? 
_exptl_crystal.density_meas_lt             ? 
_exptl_crystal.density_meas_temp           ? 
_exptl_crystal.density_meas_temp_esd       ? 
_exptl_crystal.density_meas_temp_gt        ? 
_exptl_crystal.density_meas_temp_lt        ? 
_exptl_crystal.pdbx_crystal_image_url      ? 
_exptl_crystal.pdbx_crystal_image_format   ? 
_exptl_crystal.pdbx_mosaicity              ? 
_exptl_crystal.pdbx_mosaicity_esd          ? 
# 
_exptl_crystal_grow.apparatus       ? 
_exptl_crystal_grow.atmosphere      ? 
_exptl_crystal_grow.crystal_id      1 
_exptl_crystal_grow.details         ? 
_exptl_crystal_grow.method          'VAPOR DIFFUSION, SITTING DROP' 
_exptl_crystal_grow.method_ref      ? 
_exptl_crystal_grow.pH              8.5 
_exptl_crystal_grow.pressure        ? 
_exptl_crystal_grow.pressure_esd    ? 
_exptl_crystal_grow.seeding         ? 
_exptl_crystal_grow.seeding_ref     ? 
_exptl_crystal_grow.temp            293 
_exptl_crystal_grow.temp_details    ? 
_exptl_crystal_grow.temp_esd        ? 
_exptl_crystal_grow.time            ? 
_exptl_crystal_grow.pdbx_details    
;0.1 M Buffer system 3 (1 M Tris, 1 M BICINE, pH 8.5), 34-44% Precipitant Solution 3 (20% PEG 4000, 40%) and 60-80 mM Halogens Mix (NaF, NaBr and NaI) solution
;
_exptl_crystal_grow.pdbx_pH_range   ? 
# 
_diffrn.ambient_environment              ? 
_diffrn.ambient_temp                     100 
_diffrn.ambient_temp_details             ? 
_diffrn.ambient_temp_esd                 ? 
_diffrn.crystal_id                       1 
_diffrn.crystal_support                  ? 
_diffrn.crystal_treatment                ? 
_diffrn.details                          ? 
_diffrn.id                               1 
_diffrn.ambient_pressure                 ? 
_diffrn.ambient_pressure_esd             ? 
_diffrn.ambient_pressure_gt              ? 
_diffrn.ambient_pressure_lt              ? 
_diffrn.ambient_temp_gt                  ? 
_diffrn.ambient_temp_lt                  ? 
_diffrn.pdbx_serial_crystal_experiment   N 
# 
_diffrn_detector.details                      ? 
_diffrn_detector.detector                     PIXEL 
_diffrn_detector.diffrn_id                    1 
_diffrn_detector.type                         'DECTRIS PILATUS 6M' 
_diffrn_detector.area_resol_mean              ? 
_diffrn_detector.dtime                        ? 
_diffrn_detector.pdbx_frames_total            ? 
_diffrn_detector.pdbx_collection_time_total   ? 
_diffrn_detector.pdbx_collection_date         2019-10-18 
_diffrn_detector.pdbx_frequency               ? 
# 
_diffrn_radiation.collimation                      ? 
_diffrn_radiation.diffrn_id                        1 
_diffrn_radiation.filter_edge                      ? 
_diffrn_radiation.inhomogeneity                    ? 
_diffrn_radiation.monochromator                    ? 
_diffrn_radiation.polarisn_norm                    ? 
_diffrn_radiation.polarisn_ratio                   ? 
_diffrn_radiation.probe                            ? 
_diffrn_radiation.type                             ? 
_diffrn_radiation.xray_symbol                      ? 
_diffrn_radiation.wavelength_id                    1 
_diffrn_radiation.pdbx_monochromatic_or_laue_m_l   M 
_diffrn_radiation.pdbx_wavelength_list             ? 
_diffrn_radiation.pdbx_wavelength                  ? 
_diffrn_radiation.pdbx_diffrn_protocol             'SINGLE WAVELENGTH' 
_diffrn_radiation.pdbx_analyzer                    ? 
_diffrn_radiation.pdbx_scattering_type             x-ray 
# 
_diffrn_radiation_wavelength.id           1 
_diffrn_radiation_wavelength.wavelength   0.898442 
_diffrn_radiation_wavelength.wt           1.0 
# 
_diffrn_source.current                     ? 
_diffrn_source.details                     ? 
_diffrn_source.diffrn_id                   1 
_diffrn_source.power                       ? 
_diffrn_source.size                        ? 
_diffrn_source.source                      SYNCHROTRON 
_diffrn_source.target                      ? 
_diffrn_source.type                        'DIAMOND BEAMLINE I04-1' 
_diffrn_source.voltage                     ? 
_diffrn_source.take-off_angle              ? 
_diffrn_source.pdbx_wavelength_list        0.898442 
_diffrn_source.pdbx_wavelength             ? 
_diffrn_source.pdbx_synchrotron_beamline   I04-1 
_diffrn_source.pdbx_synchrotron_site       Diamond 
# 
_reflns.B_iso_Wilson_estimate                          ? 
_reflns.entry_id                                       7ZG2 
_reflns.data_reduction_details                         ? 
_reflns.data_reduction_method                          ? 
_reflns.d_resolution_high                              1.18 
_reflns.d_resolution_low                               39.92 
_reflns.details                                        ? 
_reflns.limit_h_max                                    ? 
_reflns.limit_h_min                                    ? 
_reflns.limit_k_max                                    ? 
_reflns.limit_k_min                                    ? 
_reflns.limit_l_max                                    ? 
_reflns.limit_l_min                                    ? 
_reflns.number_all                                     ? 
_reflns.number_obs                                     43405 
_reflns.observed_criterion                             ? 
_reflns.observed_criterion_F_max                       ? 
_reflns.observed_criterion_F_min                       ? 
_reflns.observed_criterion_I_max                       ? 
_reflns.observed_criterion_I_min                       ? 
_reflns.observed_criterion_sigma_F                     ? 
_reflns.observed_criterion_sigma_I                     ? 
_reflns.percent_possible_obs                           100.0 
_reflns.R_free_details                                 ? 
_reflns.Rmerge_F_all                                   ? 
_reflns.Rmerge_F_obs                                   ? 
_reflns.Friedel_coverage                               ? 
_reflns.number_gt                                      ? 
_reflns.threshold_expression                           ? 
_reflns.pdbx_redundancy                                13.1 
_reflns.pdbx_Rmerge_I_obs                              0.136 
_reflns.pdbx_Rmerge_I_all                              ? 
_reflns.pdbx_Rsym_value                                ? 
_reflns.pdbx_netI_over_av_sigmaI                       ? 
_reflns.pdbx_netI_over_sigmaI                          8.9 
_reflns.pdbx_res_netI_over_av_sigmaI_2                 ? 
_reflns.pdbx_res_netI_over_sigmaI_2                    ? 
_reflns.pdbx_chi_squared                               ? 
_reflns.pdbx_scaling_rejects                           ? 
_reflns.pdbx_d_res_high_opt                            ? 
_reflns.pdbx_d_res_low_opt                             ? 
_reflns.pdbx_d_res_opt_method                          ? 
_reflns.phase_calculation_details                      ? 
_reflns.pdbx_Rrim_I_all                                0.147 
_reflns.pdbx_Rpim_I_all                                0.056 
_reflns.pdbx_d_opt                                     ? 
_reflns.pdbx_number_measured_all                       ? 
_reflns.pdbx_diffrn_id                                 1 
_reflns.pdbx_ordinal                                   1 
_reflns.pdbx_CC_half                                   0.999 
_reflns.pdbx_CC_star                                   ? 
_reflns.pdbx_R_split                                   ? 
_reflns.pdbx_aniso_diffraction_limit_axis_1_ortho[1]   ? 
_reflns.pdbx_aniso_diffraction_limit_axis_1_ortho[2]   ? 
_reflns.pdbx_aniso_diffraction_limit_axis_1_ortho[3]   ? 
_reflns.pdbx_aniso_diffraction_limit_axis_2_ortho[1]   ? 
_reflns.pdbx_aniso_diffraction_limit_axis_2_ortho[2]   ? 
_reflns.pdbx_aniso_diffraction_limit_axis_2_ortho[3]   ? 
_reflns.pdbx_aniso_diffraction_limit_axis_3_ortho[1]   ? 
_reflns.pdbx_aniso_diffraction_limit_axis_3_ortho[2]   ? 
_reflns.pdbx_aniso_diffraction_limit_axis_3_ortho[3]   ? 
_reflns.pdbx_aniso_diffraction_limit_1                 ? 
_reflns.pdbx_aniso_diffraction_limit_2                 ? 
_reflns.pdbx_aniso_diffraction_limit_3                 ? 
_reflns.pdbx_aniso_B_tensor_eigenvector_1_ortho[1]     ? 
_reflns.pdbx_aniso_B_tensor_eigenvector_1_ortho[2]     ? 
_reflns.pdbx_aniso_B_tensor_eigenvector_1_ortho[3]     ? 
_reflns.pdbx_aniso_B_tensor_eigenvector_2_ortho[1]     ? 
_reflns.pdbx_aniso_B_tensor_eigenvector_2_ortho[2]     ? 
_reflns.pdbx_aniso_B_tensor_eigenvector_2_ortho[3]     ? 
_reflns.pdbx_aniso_B_tensor_eigenvector_3_ortho[1]     ? 
_reflns.pdbx_aniso_B_tensor_eigenvector_3_ortho[2]     ? 
_reflns.pdbx_aniso_B_tensor_eigenvector_3_ortho[3]     ? 
_reflns.pdbx_aniso_B_tensor_eigenvalue_1               ? 
_reflns.pdbx_aniso_B_tensor_eigenvalue_2               ? 
_reflns.pdbx_aniso_B_tensor_eigenvalue_3               ? 
_reflns.pdbx_orthogonalization_convention              ? 
_reflns.pdbx_percent_possible_ellipsoidal              ? 
_reflns.pdbx_percent_possible_spherical                ? 
_reflns.pdbx_percent_possible_ellipsoidal_anomalous    ? 
_reflns.pdbx_percent_possible_spherical_anomalous      ? 
_reflns.pdbx_redundancy_anomalous                      ? 
_reflns.pdbx_CC_half_anomalous                         ? 
_reflns.pdbx_absDiff_over_sigma_anomalous              ? 
_reflns.pdbx_percent_possible_anomalous                ? 
_reflns.pdbx_observed_signal_threshold                 ? 
_reflns.pdbx_signal_type                               ? 
_reflns.pdbx_signal_details                            ? 
_reflns.pdbx_signal_software_id                        ? 
# 
loop_
_reflns_shell.d_res_high 
_reflns_shell.d_res_low 
_reflns_shell.meanI_over_sigI_all 
_reflns_shell.meanI_over_sigI_obs 
_reflns_shell.number_measured_all 
_reflns_shell.number_measured_obs 
_reflns_shell.number_possible 
_reflns_shell.number_unique_all 
_reflns_shell.number_unique_obs 
_reflns_shell.percent_possible_all 
_reflns_shell.percent_possible_obs 
_reflns_shell.Rmerge_F_all 
_reflns_shell.Rmerge_F_obs 
_reflns_shell.Rmerge_I_all 
_reflns_shell.Rmerge_I_obs 
_reflns_shell.meanI_over_sigI_gt 
_reflns_shell.meanI_over_uI_all 
_reflns_shell.meanI_over_uI_gt 
_reflns_shell.number_measured_gt 
_reflns_shell.number_unique_gt 
_reflns_shell.percent_possible_gt 
_reflns_shell.Rmerge_F_gt 
_reflns_shell.Rmerge_I_gt 
_reflns_shell.pdbx_redundancy 
_reflns_shell.pdbx_Rsym_value 
_reflns_shell.pdbx_chi_squared 
_reflns_shell.pdbx_netI_over_sigmaI_all 
_reflns_shell.pdbx_netI_over_sigmaI_obs 
_reflns_shell.pdbx_Rrim_I_all 
_reflns_shell.pdbx_Rpim_I_all 
_reflns_shell.pdbx_rejects 
_reflns_shell.pdbx_ordinal 
_reflns_shell.pdbx_diffrn_id 
_reflns_shell.pdbx_CC_half 
_reflns_shell.pdbx_CC_star 
_reflns_shell.pdbx_R_split 
_reflns_shell.pdbx_percent_possible_ellipsoidal 
_reflns_shell.pdbx_percent_possible_spherical 
_reflns_shell.pdbx_percent_possible_ellipsoidal_anomalous 
_reflns_shell.pdbx_percent_possible_spherical_anomalous 
_reflns_shell.pdbx_redundancy_anomalous 
_reflns_shell.pdbx_CC_half_anomalous 
_reflns_shell.pdbx_absDiff_over_sigma_anomalous 
_reflns_shell.pdbx_percent_possible_anomalous 
6.46 39.92 ? ? ? ? ? ? 327  ? ? ? ? ? 0.035 ? ? ? ? ? ? ? ? 11.3 ? ? ? ? 0.037 0.014 ? 1 1 0.999 ? ? ? ? ? ? ? ? ? ? 
1.18 1.20  ? ? ? ? ? ? 2130 ? ? ? ? ? 6.124 ? ? ? ? ? ? ? ? 10.6 ? ? ? ? 6.775 2.869 ? 2 1 0.372 ? ? ? ? ? ? ? ? ? ? 
# 
_refine.aniso_B[1][1]                            2.194 
_refine.aniso_B[1][2]                            0.000 
_refine.aniso_B[1][3]                            -0.000 
_refine.aniso_B[2][2]                            -1.511 
_refine.aniso_B[2][3]                            0.000 
_refine.aniso_B[3][3]                            -0.683 
_refine.B_iso_max                                ? 
_refine.B_iso_mean                               19.433 
_refine.B_iso_min                                ? 
_refine.correlation_coeff_Fo_to_Fc               0.969 
_refine.correlation_coeff_Fo_to_Fc_free          0.962 
_refine.details                                  'Hydrogens have been added in their riding positions' 
_refine.diff_density_max                         ? 
_refine.diff_density_max_esd                     ? 
_refine.diff_density_min                         ? 
_refine.diff_density_min_esd                     ? 
_refine.diff_density_rms                         ? 
_refine.diff_density_rms_esd                     ? 
_refine.entry_id                                 7ZG2 
_refine.pdbx_refine_id                           'X-RAY DIFFRACTION' 
_refine.ls_abs_structure_details                 ? 
_refine.ls_abs_structure_Flack                   ? 
_refine.ls_abs_structure_Flack_esd               ? 
_refine.ls_abs_structure_Rogers                  ? 
_refine.ls_abs_structure_Rogers_esd              ? 
_refine.ls_d_res_high                            1.180 
_refine.ls_d_res_low                             39.92 
_refine.ls_extinction_coef                       ? 
_refine.ls_extinction_coef_esd                   ? 
_refine.ls_extinction_expression                 ? 
_refine.ls_extinction_method                     ? 
_refine.ls_goodness_of_fit_all                   ? 
_refine.ls_goodness_of_fit_all_esd               ? 
_refine.ls_goodness_of_fit_obs                   ? 
_refine.ls_goodness_of_fit_obs_esd               ? 
_refine.ls_hydrogen_treatment                    ? 
_refine.ls_matrix_type                           ? 
_refine.ls_number_constraints                    ? 
_refine.ls_number_parameters                     ? 
_refine.ls_number_reflns_all                     ? 
_refine.ls_number_reflns_obs                     43339 
_refine.ls_number_reflns_R_free                  2120 
_refine.ls_number_reflns_R_work                  41219 
_refine.ls_number_restraints                     ? 
_refine.ls_percent_reflns_obs                    99.958 
_refine.ls_percent_reflns_R_free                 4.892 
_refine.ls_R_factor_all                          0.206 
_refine.ls_R_factor_obs                          ? 
_refine.ls_R_factor_R_free                       0.2313 
_refine.ls_R_factor_R_free_error                 ? 
_refine.ls_R_factor_R_free_error_details         ? 
_refine.ls_R_factor_R_work                       0.2044 
_refine.ls_R_Fsqd_factor_obs                     ? 
_refine.ls_R_I_factor_obs                        ? 
_refine.ls_redundancy_reflns_all                 ? 
_refine.ls_redundancy_reflns_obs                 ? 
_refine.ls_restrained_S_all                      ? 
_refine.ls_restrained_S_obs                      ? 
_refine.ls_shift_over_esd_max                    ? 
_refine.ls_shift_over_esd_mean                   ? 
_refine.ls_structure_factor_coef                 ? 
_refine.ls_weighting_details                     ? 
_refine.ls_weighting_scheme                      ? 
_refine.ls_wR_factor_all                         ? 
_refine.ls_wR_factor_obs                         ? 
_refine.ls_wR_factor_R_free                      ? 
_refine.ls_wR_factor_R_work                      ? 
_refine.occupancy_max                            ? 
_refine.occupancy_min                            ? 
_refine.solvent_model_details                    'MASK BULK SOLVENT' 
_refine.solvent_model_param_bsol                 ? 
_refine.solvent_model_param_ksol                 ? 
_refine.pdbx_R_complete                          ? 
_refine.ls_R_factor_gt                           ? 
_refine.ls_goodness_of_fit_gt                    ? 
_refine.ls_goodness_of_fit_ref                   ? 
_refine.ls_shift_over_su_max                     ? 
_refine.ls_shift_over_su_max_lt                  ? 
_refine.ls_shift_over_su_mean                    ? 
_refine.ls_shift_over_su_mean_lt                 ? 
_refine.pdbx_ls_sigma_I                          ? 
_refine.pdbx_ls_sigma_F                          ? 
_refine.pdbx_ls_sigma_Fsqd                       ? 
_refine.pdbx_data_cutoff_high_absF               ? 
_refine.pdbx_data_cutoff_high_rms_absF           ? 
_refine.pdbx_data_cutoff_low_absF                ? 
_refine.pdbx_isotropic_thermal_model             ? 
_refine.pdbx_ls_cross_valid_method               'FREE R-VALUE' 
_refine.pdbx_method_to_determine_struct          'MOLECULAR REPLACEMENT' 
_refine.pdbx_starting_model                      5LRQ 
_refine.pdbx_stereochemistry_target_values       ? 
_refine.pdbx_R_Free_selection_details            ? 
_refine.pdbx_stereochem_target_val_spec_case     ? 
_refine.pdbx_overall_ESU_R                       0.046 
_refine.pdbx_overall_ESU_R_Free                  0.049 
_refine.pdbx_solvent_vdw_probe_radii             1.200 
_refine.pdbx_solvent_ion_probe_radii             0.800 
_refine.pdbx_solvent_shrinkage_radii             0.800 
_refine.pdbx_real_space_R                        ? 
_refine.pdbx_density_correlation                 ? 
_refine.pdbx_pd_number_of_powder_patterns        ? 
_refine.pdbx_pd_number_of_points                 ? 
_refine.pdbx_pd_meas_number_of_points            ? 
_refine.pdbx_pd_proc_ls_prof_R_factor            ? 
_refine.pdbx_pd_proc_ls_prof_wR_factor           ? 
_refine.pdbx_pd_Marquardt_correlation_coeff      ? 
_refine.pdbx_pd_Fsqrd_R_factor                   ? 
_refine.pdbx_pd_ls_matrix_band_width             ? 
_refine.pdbx_overall_phase_error                 ? 
_refine.pdbx_overall_SU_R_free_Cruickshank_DPI   ? 
_refine.pdbx_overall_SU_R_free_Blow_DPI          ? 
_refine.pdbx_overall_SU_R_Blow_DPI               ? 
_refine.pdbx_TLS_residual_ADP_flag               ? 
_refine.pdbx_diffrn_id                           1 
_refine.overall_SU_B                             1.441 
_refine.overall_SU_ML                            0.057 
_refine.overall_SU_R_Cruickshank_DPI             ? 
_refine.overall_SU_R_free                        ? 
_refine.overall_FOM_free_R_set                   ? 
_refine.overall_FOM_work_R_set                   ? 
_refine.pdbx_average_fsc_overall                 ? 
_refine.pdbx_average_fsc_work                    ? 
_refine.pdbx_average_fsc_free                    ? 
# 
_refine_hist.pdbx_refine_id                   'X-RAY DIFFRACTION' 
_refine_hist.cycle_id                         LAST 
_refine_hist.details                          ? 
_refine_hist.d_res_high                       1.180 
_refine_hist.d_res_low                        39.92 
_refine_hist.number_atoms_solvent             162 
_refine_hist.number_atoms_total               1273 
_refine_hist.number_reflns_all                ? 
_refine_hist.number_reflns_obs                ? 
_refine_hist.number_reflns_R_free             ? 
_refine_hist.number_reflns_R_work             ? 
_refine_hist.R_factor_all                     ? 
_refine_hist.R_factor_obs                     ? 
_refine_hist.R_factor_R_free                  ? 
_refine_hist.R_factor_R_work                  ? 
_refine_hist.pdbx_number_residues_total       ? 
_refine_hist.pdbx_B_iso_mean_ligand           ? 
_refine_hist.pdbx_B_iso_mean_solvent          ? 
_refine_hist.pdbx_number_atoms_protein        1076 
_refine_hist.pdbx_number_atoms_nucleic_acid   0 
_refine_hist.pdbx_number_atoms_ligand         35 
_refine_hist.pdbx_number_atoms_lipid          ? 
_refine_hist.pdbx_number_atoms_carb           ? 
_refine_hist.pdbx_pseudo_atom_details         ? 
# 
loop_
_refine_ls_restr.pdbx_refine_id 
_refine_ls_restr.criterion 
_refine_ls_restr.dev_ideal 
_refine_ls_restr.dev_ideal_target 
_refine_ls_restr.number 
_refine_ls_restr.rejects 
_refine_ls_restr.type 
_refine_ls_restr.weight 
_refine_ls_restr.pdbx_restraint_function 
'X-RAY DIFFRACTION' ? 0.011  0.012  1159 ? r_bond_refined_d               ? ? 
'X-RAY DIFFRACTION' ? 1.836  1.655  1574 ? r_angle_refined_deg            ? ? 
'X-RAY DIFFRACTION' ? 5.926  5.000  134  ? r_dihedral_angle_1_deg         ? ? 
'X-RAY DIFFRACTION' ? 31.315 24.262 61   ? r_dihedral_angle_2_deg         ? ? 
'X-RAY DIFFRACTION' ? 13.342 15.000 202  ? r_dihedral_angle_3_deg         ? ? 
'X-RAY DIFFRACTION' ? 14.076 15.000 3    ? r_dihedral_angle_4_deg         ? ? 
'X-RAY DIFFRACTION' ? 0.116  0.200  147  ? r_chiral_restr                 ? ? 
'X-RAY DIFFRACTION' ? 0.011  0.020  891  ? r_gen_planes_refined           ? ? 
'X-RAY DIFFRACTION' ? 0.228  0.200  563  ? r_nbd_refined                  ? ? 
'X-RAY DIFFRACTION' ? 0.324  0.200  787  ? r_nbtor_refined                ? ? 
'X-RAY DIFFRACTION' ? 0.197  0.200  119  ? r_xyhbond_nbd_refined          ? ? 
'X-RAY DIFFRACTION' ? 0.260  0.200  49   ? r_symmetry_nbd_refined         ? ? 
'X-RAY DIFFRACTION' ? 0.226  0.200  22   ? r_symmetry_xyhbond_nbd_refined ? ? 
'X-RAY DIFFRACTION' ? 1.519  1.569  527  ? r_mcbond_it                    ? ? 
'X-RAY DIFFRACTION' ? 2.153  2.349  661  ? r_mcangle_it                   ? ? 
'X-RAY DIFFRACTION' ? 2.816  1.851  632  ? r_scbond_it                    ? ? 
'X-RAY DIFFRACTION' ? 3.900  2.671  912  ? r_scangle_it                   ? ? 
'X-RAY DIFFRACTION' ? 5.522  23.471 1861 ? r_lrange_it                    ? ? 
# 
loop_
_refine_ls_shell.pdbx_refine_id 
_refine_ls_shell.d_res_high 
_refine_ls_shell.d_res_low 
_refine_ls_shell.number_reflns_all 
_refine_ls_shell.number_reflns_obs 
_refine_ls_shell.number_reflns_R_free 
_refine_ls_shell.number_reflns_R_work 
_refine_ls_shell.percent_reflns_obs 
_refine_ls_shell.percent_reflns_R_free 
_refine_ls_shell.R_factor_all 
_refine_ls_shell.R_factor_obs 
_refine_ls_shell.R_factor_R_free 
_refine_ls_shell.R_factor_R_free_error 
_refine_ls_shell.R_factor_R_work 
_refine_ls_shell.redundancy_reflns_all 
_refine_ls_shell.redundancy_reflns_obs 
_refine_ls_shell.wR_factor_all 
_refine_ls_shell.wR_factor_obs 
_refine_ls_shell.wR_factor_R_free 
_refine_ls_shell.wR_factor_R_work 
_refine_ls_shell.pdbx_R_complete 
_refine_ls_shell.pdbx_total_number_of_bins_used 
_refine_ls_shell.pdbx_phase_error 
_refine_ls_shell.pdbx_fsc_work 
_refine_ls_shell.pdbx_fsc_free 
'X-RAY DIFFRACTION' 1.180 1.211 . . 168 3016 99.8119  . . . 0.412 . 0.390 . . . . . . . . . . . 
'X-RAY DIFFRACTION' 1.211 1.244 . . 141 2929 100.0000 . . . 0.332 . 0.355 . . . . . . . . . . . 
'X-RAY DIFFRACTION' 1.244 1.280 . . 133 2846 100.0000 . . . 0.344 . 0.336 . . . . . . . . . . . 
'X-RAY DIFFRACTION' 1.280 1.319 . . 162 2730 100.0000 . . . 0.362 . 0.318 . . . . . . . . . . . 
'X-RAY DIFFRACTION' 1.319 1.362 . . 132 2714 100.0000 . . . 0.303 . 0.296 . . . . . . . . . . . 
'X-RAY DIFFRACTION' 1.362 1.410 . . 125 2586 100.0000 . . . 0.278 . 0.280 . . . . . . . . . . . 
'X-RAY DIFFRACTION' 1.410 1.463 . . 138 2534 100.0000 . . . 0.268 . 0.255 . . . . . . . . . . . 
'X-RAY DIFFRACTION' 1.463 1.523 . . 106 2423 100.0000 . . . 0.245 . 0.220 . . . . . . . . . . . 
'X-RAY DIFFRACTION' 1.523 1.591 . . 111 2350 100.0000 . . . 0.214 . 0.206 . . . . . . . . . . . 
'X-RAY DIFFRACTION' 1.591 1.669 . . 110 2238 100.0000 . . . 0.253 . 0.191 . . . . . . . . . . . 
'X-RAY DIFFRACTION' 1.669 1.759 . . 113 2115 100.0000 . . . 0.244 . 0.185 . . . . . . . . . . . 
'X-RAY DIFFRACTION' 1.759 1.865 . . 117 2009 100.0000 . . . 0.207 . 0.175 . . . . . . . . . . . 
'X-RAY DIFFRACTION' 1.865 1.994 . . 95  1918 100.0000 . . . 0.204 . 0.168 . . . . . . . . . . . 
'X-RAY DIFFRACTION' 1.994 2.154 . . 92  1762 100.0000 . . . 0.156 . 0.170 . . . . . . . . . . . 
'X-RAY DIFFRACTION' 2.154 2.359 . . 86  1649 100.0000 . . . 0.233 . 0.180 . . . . . . . . . . . 
'X-RAY DIFFRACTION' 2.359 2.637 . . 86  1474 100.0000 . . . 0.238 . 0.192 . . . . . . . . . . . 
'X-RAY DIFFRACTION' 2.637 3.045 . . 67  1342 100.0000 . . . 0.194 . 0.188 . . . . . . . . . . . 
'X-RAY DIFFRACTION' 3.045 3.728 . . 52  1152 100.0000 . . . 0.232 . 0.174 . . . . . . . . . . . 
'X-RAY DIFFRACTION' 3.728 5.266 . . 48  901  100.0000 . . . 0.203 . 0.154 . . . . . . . . . . . 
'X-RAY DIFFRACTION' 5.266 39.92 . . 38  531  100.0000 . . . 0.194 . 0.230 . . . . . . . . . . . 
# 
_struct.entry_id                     7ZG2 
_struct.title                        'BRD4 in complex with Acetyl-Lys' 
_struct.pdbx_model_details           ? 
_struct.pdbx_formula_weight          ? 
_struct.pdbx_formula_weight_method   ? 
_struct.pdbx_model_type_details      ? 
_struct.pdbx_CASP_flag               N 
# 
_struct_keywords.entry_id        7ZG2 
_struct_keywords.text            'FragLites, anomalous, BRD4, Fragment screening, TRANSCRIPTION' 
_struct_keywords.pdbx_keywords   TRANSCRIPTION 
# 
loop_
_struct_asym.id 
_struct_asym.pdbx_blank_PDB_chainid_flag 
_struct_asym.pdbx_modified 
_struct_asym.entity_id 
_struct_asym.details 
A N N 1 ? 
B N N 2 ? 
C N N 2 ? 
D N N 2 ? 
E N N 3 ? 
F N N 4 ? 
# 
_struct_ref.id                         1 
_struct_ref.db_name                    UNP 
_struct_ref.db_code                    BRD4_HUMAN 
_struct_ref.pdbx_db_accession          O60885 
_struct_ref.pdbx_db_isoform            ? 
_struct_ref.entity_id                  1 
_struct_ref.pdbx_seq_one_letter_code   
;NPPPPETSNPNKPKRQTNQLQYLLRVVLKTLWKHQFAWPFQQPVDAVKLNLPDYYKIIKTPMDMGTIKKRLENNYYWNAQ
ECIQDFNTMFTNCYIYNKPGDDIVLMAEALEKLFLQKINELPTEE
;
_struct_ref.pdbx_align_begin           44 
# 
_struct_ref_seq.align_id                      1 
_struct_ref_seq.ref_id                        1 
_struct_ref_seq.pdbx_PDB_id_code              7ZG2 
_struct_ref_seq.pdbx_strand_id                AAA 
_struct_ref_seq.seq_align_beg                 5 
_struct_ref_seq.pdbx_seq_align_beg_ins_code   ? 
_struct_ref_seq.seq_align_end                 129 
_struct_ref_seq.pdbx_seq_align_end_ins_code   ? 
_struct_ref_seq.pdbx_db_accession             O60885 
_struct_ref_seq.db_align_beg                  44 
_struct_ref_seq.pdbx_db_align_beg_ins_code    ? 
_struct_ref_seq.db_align_end                  168 
_struct_ref_seq.pdbx_db_align_end_ins_code    ? 
_struct_ref_seq.pdbx_auth_seq_align_beg       44 
_struct_ref_seq.pdbx_auth_seq_align_end       168 
# 
loop_
_struct_ref_seq_dif.align_id 
_struct_ref_seq_dif.pdbx_pdb_id_code 
_struct_ref_seq_dif.mon_id 
_struct_ref_seq_dif.pdbx_pdb_strand_id 
_struct_ref_seq_dif.seq_num 
_struct_ref_seq_dif.pdbx_pdb_ins_code 
_struct_ref_seq_dif.pdbx_seq_db_name 
_struct_ref_seq_dif.pdbx_seq_db_accession_code 
_struct_ref_seq_dif.db_mon_id 
_struct_ref_seq_dif.pdbx_seq_db_seq_num 
_struct_ref_seq_dif.details 
_struct_ref_seq_dif.pdbx_auth_seq_num 
_struct_ref_seq_dif.pdbx_ordinal 
1 7ZG2 GLY AAA 1 ? UNP O60885 ? ? 'expression tag' 40 1 
1 7ZG2 SER AAA 2 ? UNP O60885 ? ? 'expression tag' 41 2 
1 7ZG2 HIS AAA 3 ? UNP O60885 ? ? 'expression tag' 42 3 
1 7ZG2 MET AAA 4 ? UNP O60885 ? ? 'expression tag' 43 4 
# 
_pdbx_struct_assembly.id                   1 
_pdbx_struct_assembly.details              author_and_software_defined_assembly 
_pdbx_struct_assembly.method_details       PISA 
_pdbx_struct_assembly.oligomeric_details   monomeric 
_pdbx_struct_assembly.oligomeric_count     1 
# 
loop_
_pdbx_struct_assembly_prop.biol_id 
_pdbx_struct_assembly_prop.type 
_pdbx_struct_assembly_prop.value 
_pdbx_struct_assembly_prop.details 
1 'ABSA (A^2)' 660  ? 
1 MORE         -1   ? 
1 'SSA (A^2)'  7810 ? 
# 
_pdbx_struct_assembly_gen.assembly_id       1 
_pdbx_struct_assembly_gen.oper_expression   1 
_pdbx_struct_assembly_gen.asym_id_list      A,B,C,D,E,F 
# 
_pdbx_struct_assembly_auth_evidence.id                     1 
_pdbx_struct_assembly_auth_evidence.assembly_id            1 
_pdbx_struct_assembly_auth_evidence.experimental_support   'gel filtration' 
_pdbx_struct_assembly_auth_evidence.details                ? 
# 
_pdbx_struct_oper_list.id                   1 
_pdbx_struct_oper_list.type                 'identity operation' 
_pdbx_struct_oper_list.name                 1_555 
_pdbx_struct_oper_list.symmetry_operation   x,y,z 
_pdbx_struct_oper_list.matrix[1][1]         1.0000000000 
_pdbx_struct_oper_list.matrix[1][2]         0.0000000000 
_pdbx_struct_oper_list.matrix[1][3]         0.0000000000 
_pdbx_struct_oper_list.vector[1]            0.0000000000 
_pdbx_struct_oper_list.matrix[2][1]         0.0000000000 
_pdbx_struct_oper_list.matrix[2][2]         1.0000000000 
_pdbx_struct_oper_list.matrix[2][3]         0.0000000000 
_pdbx_struct_oper_list.vector[2]            0.0000000000 
_pdbx_struct_oper_list.matrix[3][1]         0.0000000000 
_pdbx_struct_oper_list.matrix[3][2]         0.0000000000 
_pdbx_struct_oper_list.matrix[3][3]         1.0000000000 
_pdbx_struct_oper_list.vector[3]            0.0000000000 
# 
loop_
_struct_conf.conf_type_id 
_struct_conf.id 
_struct_conf.pdbx_PDB_helix_id 
_struct_conf.beg_label_comp_id 
_struct_conf.beg_label_asym_id 
_struct_conf.beg_label_seq_id 
_struct_conf.pdbx_beg_PDB_ins_code 
_struct_conf.end_label_comp_id 
_struct_conf.end_label_asym_id 
_struct_conf.end_label_seq_id 
_struct_conf.pdbx_end_PDB_ins_code 
_struct_conf.beg_auth_comp_id 
_struct_conf.beg_auth_asym_id 
_struct_conf.beg_auth_seq_id 
_struct_conf.end_auth_comp_id 
_struct_conf.end_auth_asym_id 
_struct_conf.end_auth_seq_id 
_struct_conf.pdbx_PDB_helix_class 
_struct_conf.details 
_struct_conf.pdbx_PDB_helix_length 
HELX_P HELX_P1 AA1 THR A 21  ? VAL A 30  ? THR AAA 60  VAL AAA 69  1 ? 10 
HELX_P HELX_P2 AA2 VAL A 30  ? LYS A 37  ? VAL AAA 69  LYS AAA 76  1 ? 8  
HELX_P HELX_P3 AA3 ALA A 41  ? GLN A 45  ? ALA AAA 80  GLN AAA 84  5 ? 5  
HELX_P HELX_P4 AA4 ASP A 57  ? ILE A 62  ? ASP AAA 96  ILE AAA 101 1 ? 6  
HELX_P HELX_P5 AA5 ASP A 67  ? ASN A 77  ? ASP AAA 106 ASN AAA 116 1 ? 11 
HELX_P HELX_P6 AA6 ASN A 82  ? ASN A 101 ? ASN AAA 121 ASN AAA 140 1 ? 20 
HELX_P HELX_P7 AA7 ASP A 105 ? ASN A 123 ? ASP AAA 144 ASN AAA 162 1 ? 19 
# 
_struct_conf_type.id          HELX_P 
_struct_conf_type.criteria    ? 
_struct_conf_type.reference   ? 
# 
loop_
_pdbx_validate_close_contact.id 
_pdbx_validate_close_contact.PDB_model_num 
_pdbx_validate_close_contact.auth_atom_id_1 
_pdbx_validate_close_contact.auth_asym_id_1 
_pdbx_validate_close_contact.auth_comp_id_1 
_pdbx_validate_close_contact.auth_seq_id_1 
_pdbx_validate_close_contact.PDB_ins_code_1 
_pdbx_validate_close_contact.label_alt_id_1 
_pdbx_validate_close_contact.auth_atom_id_2 
_pdbx_validate_close_contact.auth_asym_id_2 
_pdbx_validate_close_contact.auth_comp_id_2 
_pdbx_validate_close_contact.auth_seq_id_2 
_pdbx_validate_close_contact.PDB_ins_code_2 
_pdbx_validate_close_contact.label_alt_id_2 
_pdbx_validate_close_contact.dist 
1 1 OG1 AAA THR 103 ? ? O3 AAA GOL 202 ? ? 1.80 
2 1 O   AAA HOH 301 ? ? O  AAA HOH 306 ? ? 2.11 
3 1 O   AAA HOH 314 ? ? O  AAA HOH 419 ? ? 2.11 
4 1 O   AAA HOH 312 ? ? O  AAA HOH 429 ? ? 2.14 
# 
_pdbx_validate_symm_contact.id                1 
_pdbx_validate_symm_contact.PDB_model_num     1 
_pdbx_validate_symm_contact.auth_atom_id_1    O 
_pdbx_validate_symm_contact.auth_asym_id_1    AAA 
_pdbx_validate_symm_contact.auth_comp_id_1    HOH 
_pdbx_validate_symm_contact.auth_seq_id_1     430 
_pdbx_validate_symm_contact.PDB_ins_code_1    ? 
_pdbx_validate_symm_contact.label_alt_id_1    ? 
_pdbx_validate_symm_contact.site_symmetry_1   1_555 
_pdbx_validate_symm_contact.auth_atom_id_2    O 
_pdbx_validate_symm_contact.auth_asym_id_2    AAA 
_pdbx_validate_symm_contact.auth_comp_id_2    HOH 
_pdbx_validate_symm_contact.auth_seq_id_2     434 
_pdbx_validate_symm_contact.PDB_ins_code_2    ? 
_pdbx_validate_symm_contact.label_alt_id_2    ? 
_pdbx_validate_symm_contact.site_symmetry_2   4_445 
_pdbx_validate_symm_contact.dist              1.94 
# 
loop_
_pdbx_validate_rmsd_angle.id 
_pdbx_validate_rmsd_angle.PDB_model_num 
_pdbx_validate_rmsd_angle.auth_atom_id_1 
_pdbx_validate_rmsd_angle.auth_asym_id_1 
_pdbx_validate_rmsd_angle.auth_comp_id_1 
_pdbx_validate_rmsd_angle.auth_seq_id_1 
_pdbx_validate_rmsd_angle.PDB_ins_code_1 
_pdbx_validate_rmsd_angle.label_alt_id_1 
_pdbx_validate_rmsd_angle.auth_atom_id_2 
_pdbx_validate_rmsd_angle.auth_asym_id_2 
_pdbx_validate_rmsd_angle.auth_comp_id_2 
_pdbx_validate_rmsd_angle.auth_seq_id_2 
_pdbx_validate_rmsd_angle.PDB_ins_code_2 
_pdbx_validate_rmsd_angle.label_alt_id_2 
_pdbx_validate_rmsd_angle.auth_atom_id_3 
_pdbx_validate_rmsd_angle.auth_asym_id_3 
_pdbx_validate_rmsd_angle.auth_comp_id_3 
_pdbx_validate_rmsd_angle.auth_seq_id_3 
_pdbx_validate_rmsd_angle.PDB_ins_code_3 
_pdbx_validate_rmsd_angle.label_alt_id_3 
_pdbx_validate_rmsd_angle.angle_value 
_pdbx_validate_rmsd_angle.angle_target_value 
_pdbx_validate_rmsd_angle.angle_deviation 
_pdbx_validate_rmsd_angle.angle_standard_deviation 
_pdbx_validate_rmsd_angle.linker_flag 
1 1 CB AAA LYS 57 ? ? CA AAA LYS 57 ? ? C  AAA LYS 57 ? ? 97.48 110.40 -12.92 2.00 N 
2 1 CG AAA ARG 58 ? ? CD AAA ARG 58 ? ? NE AAA ARG 58 ? ? 97.28 111.80 -14.52 2.10 N 
# 
loop_
_pdbx_validate_torsion.id 
_pdbx_validate_torsion.PDB_model_num 
_pdbx_validate_torsion.auth_comp_id 
_pdbx_validate_torsion.auth_asym_id 
_pdbx_validate_torsion.auth_seq_id 
_pdbx_validate_torsion.PDB_ins_code 
_pdbx_validate_torsion.label_alt_id 
_pdbx_validate_torsion.phi 
_pdbx_validate_torsion.psi 
1 1 ASN AAA 52 ? ? -177.53 109.65 
2 1 ASN AAA 52 ? ? -163.55 109.65 
# 
_pdbx_validate_peptide_omega.id               1 
_pdbx_validate_peptide_omega.PDB_model_num    1 
_pdbx_validate_peptide_omega.auth_comp_id_1   GLY 
_pdbx_validate_peptide_omega.auth_asym_id_1   AAA 
_pdbx_validate_peptide_omega.auth_seq_id_1    143 
_pdbx_validate_peptide_omega.PDB_ins_code_1   ? 
_pdbx_validate_peptide_omega.label_alt_id_1   ? 
_pdbx_validate_peptide_omega.auth_comp_id_2   ASP 
_pdbx_validate_peptide_omega.auth_asym_id_2   AAA 
_pdbx_validate_peptide_omega.auth_seq_id_2    144 
_pdbx_validate_peptide_omega.PDB_ins_code_2   ? 
_pdbx_validate_peptide_omega.label_alt_id_2   ? 
_pdbx_validate_peptide_omega.omega            -148.53 
# 
_pdbx_entry_details.entry_id                 7ZG2 
_pdbx_entry_details.has_ligand_of_interest   Y 
_pdbx_entry_details.compound_details         ? 
_pdbx_entry_details.source_details           ? 
_pdbx_entry_details.nonpolymer_details       ? 
_pdbx_entry_details.sequence_details         ? 
# 
loop_
_chem_comp_atom.comp_id 
_chem_comp_atom.atom_id 
_chem_comp_atom.type_symbol 
_chem_comp_atom.pdbx_aromatic_flag 
_chem_comp_atom.pdbx_stereo_config 
_chem_comp_atom.pdbx_ordinal 
8WS C1   C N N 1   
8WS N1   N N N 2   
8WS O1   O N N 3   
8WS C01  C N N 4   
8WS N01  N N N 5   
8WS O01  O N N 6   
8WS C02  C N N 7   
8WS N02  N N N 8   
8WS O02  O N N 9   
8WS C03  C N S 10  
8WS C04  C N N 11  
8WS C05  C N N 12  
8WS C06  C N N 13  
8WS C07  C N N 14  
8WS C08  C N N 15  
8WS C09  C N N 16  
8WS C10  C N N 17  
8WS H1   H N N 18  
8WS H1A  H N N 19  
8WS H1B  H N N 20  
8WS HN1  H N N 21  
8WS H01  H N N 22  
8WS H01A H N N 23  
8WS H01B H N N 24  
8WS HN01 H N N 25  
8WS HN02 H N N 26  
8WS H03  H N N 27  
8WS H04  H N N 28  
8WS H04A H N N 29  
8WS H05  H N N 30  
8WS H05A H N N 31  
8WS H06  H N N 32  
8WS H06A H N N 33  
8WS H07  H N N 34  
8WS H07A H N N 35  
8WS H09  H N N 36  
8WS H09A H N N 37  
8WS H09B H N N 38  
ALA N    N N N 39  
ALA CA   C N S 40  
ALA C    C N N 41  
ALA O    O N N 42  
ALA CB   C N N 43  
ALA OXT  O N N 44  
ALA H    H N N 45  
ALA H2   H N N 46  
ALA HA   H N N 47  
ALA HB1  H N N 48  
ALA HB2  H N N 49  
ALA HB3  H N N 50  
ALA HXT  H N N 51  
ARG N    N N N 52  
ARG CA   C N S 53  
ARG C    C N N 54  
ARG O    O N N 55  
ARG CB   C N N 56  
ARG CG   C N N 57  
ARG CD   C N N 58  
ARG NE   N N N 59  
ARG CZ   C N N 60  
ARG NH1  N N N 61  
ARG NH2  N N N 62  
ARG OXT  O N N 63  
ARG H    H N N 64  
ARG H2   H N N 65  
ARG HA   H N N 66  
ARG HB2  H N N 67  
ARG HB3  H N N 68  
ARG HG2  H N N 69  
ARG HG3  H N N 70  
ARG HD2  H N N 71  
ARG HD3  H N N 72  
ARG HE   H N N 73  
ARG HH11 H N N 74  
ARG HH12 H N N 75  
ARG HH21 H N N 76  
ARG HH22 H N N 77  
ARG HXT  H N N 78  
ASN N    N N N 79  
ASN CA   C N S 80  
ASN C    C N N 81  
ASN O    O N N 82  
ASN CB   C N N 83  
ASN CG   C N N 84  
ASN OD1  O N N 85  
ASN ND2  N N N 86  
ASN OXT  O N N 87  
ASN H    H N N 88  
ASN H2   H N N 89  
ASN HA   H N N 90  
ASN HB2  H N N 91  
ASN HB3  H N N 92  
ASN HD21 H N N 93  
ASN HD22 H N N 94  
ASN HXT  H N N 95  
ASP N    N N N 96  
ASP CA   C N S 97  
ASP C    C N N 98  
ASP O    O N N 99  
ASP CB   C N N 100 
ASP CG   C N N 101 
ASP OD1  O N N 102 
ASP OD2  O N N 103 
ASP OXT  O N N 104 
ASP H    H N N 105 
ASP H2   H N N 106 
ASP HA   H N N 107 
ASP HB2  H N N 108 
ASP HB3  H N N 109 
ASP HD2  H N N 110 
ASP HXT  H N N 111 
CYS N    N N N 112 
CYS CA   C N R 113 
CYS C    C N N 114 
CYS O    O N N 115 
CYS CB   C N N 116 
CYS SG   S N N 117 
CYS OXT  O N N 118 
CYS H    H N N 119 
CYS H2   H N N 120 
CYS HA   H N N 121 
CYS HB2  H N N 122 
CYS HB3  H N N 123 
CYS HG   H N N 124 
CYS HXT  H N N 125 
GLN N    N N N 126 
GLN CA   C N S 127 
GLN C    C N N 128 
GLN O    O N N 129 
GLN CB   C N N 130 
GLN CG   C N N 131 
GLN CD   C N N 132 
GLN OE1  O N N 133 
GLN NE2  N N N 134 
GLN OXT  O N N 135 
GLN H    H N N 136 
GLN H2   H N N 137 
GLN HA   H N N 138 
GLN HB2  H N N 139 
GLN HB3  H N N 140 
GLN HG2  H N N 141 
GLN HG3  H N N 142 
GLN HE21 H N N 143 
GLN HE22 H N N 144 
GLN HXT  H N N 145 
GLU N    N N N 146 
GLU CA   C N S 147 
GLU C    C N N 148 
GLU O    O N N 149 
GLU CB   C N N 150 
GLU CG   C N N 151 
GLU CD   C N N 152 
GLU OE1  O N N 153 
GLU OE2  O N N 154 
GLU OXT  O N N 155 
GLU H    H N N 156 
GLU H2   H N N 157 
GLU HA   H N N 158 
GLU HB2  H N N 159 
GLU HB3  H N N 160 
GLU HG2  H N N 161 
GLU HG3  H N N 162 
GLU HE2  H N N 163 
GLU HXT  H N N 164 
GLY N    N N N 165 
GLY CA   C N N 166 
GLY C    C N N 167 
GLY O    O N N 168 
GLY OXT  O N N 169 
GLY H    H N N 170 
GLY H2   H N N 171 
GLY HA2  H N N 172 
GLY HA3  H N N 173 
GLY HXT  H N N 174 
GOL C1   C N N 175 
GOL O1   O N N 176 
GOL C2   C N N 177 
GOL O2   O N N 178 
GOL C3   C N N 179 
GOL O3   O N N 180 
GOL H11  H N N 181 
GOL H12  H N N 182 
GOL HO1  H N N 183 
GOL H2   H N N 184 
GOL HO2  H N N 185 
GOL H31  H N N 186 
GOL H32  H N N 187 
GOL HO3  H N N 188 
HIS N    N N N 189 
HIS CA   C N S 190 
HIS C    C N N 191 
HIS O    O N N 192 
HIS CB   C N N 193 
HIS CG   C Y N 194 
HIS ND1  N Y N 195 
HIS CD2  C Y N 196 
HIS CE1  C Y N 197 
HIS NE2  N Y N 198 
HIS OXT  O N N 199 
HIS H    H N N 200 
HIS H2   H N N 201 
HIS HA   H N N 202 
HIS HB2  H N N 203 
HIS HB3  H N N 204 
HIS HD1  H N N 205 
HIS HD2  H N N 206 
HIS HE1  H N N 207 
HIS HE2  H N N 208 
HIS HXT  H N N 209 
HOH O    O N N 210 
HOH H1   H N N 211 
HOH H2   H N N 212 
ILE N    N N N 213 
ILE CA   C N S 214 
ILE C    C N N 215 
ILE O    O N N 216 
ILE CB   C N S 217 
ILE CG1  C N N 218 
ILE CG2  C N N 219 
ILE CD1  C N N 220 
ILE OXT  O N N 221 
ILE H    H N N 222 
ILE H2   H N N 223 
ILE HA   H N N 224 
ILE HB   H N N 225 
ILE HG12 H N N 226 
ILE HG13 H N N 227 
ILE HG21 H N N 228 
ILE HG22 H N N 229 
ILE HG23 H N N 230 
ILE HD11 H N N 231 
ILE HD12 H N N 232 
ILE HD13 H N N 233 
ILE HXT  H N N 234 
LEU N    N N N 235 
LEU CA   C N S 236 
LEU C    C N N 237 
LEU O    O N N 238 
LEU CB   C N N 239 
LEU CG   C N N 240 
LEU CD1  C N N 241 
LEU CD2  C N N 242 
LEU OXT  O N N 243 
LEU H    H N N 244 
LEU H2   H N N 245 
LEU HA   H N N 246 
LEU HB2  H N N 247 
LEU HB3  H N N 248 
LEU HG   H N N 249 
LEU HD11 H N N 250 
LEU HD12 H N N 251 
LEU HD13 H N N 252 
LEU HD21 H N N 253 
LEU HD22 H N N 254 
LEU HD23 H N N 255 
LEU HXT  H N N 256 
LYS N    N N N 257 
LYS CA   C N S 258 
LYS C    C N N 259 
LYS O    O N N 260 
LYS CB   C N N 261 
LYS CG   C N N 262 
LYS CD   C N N 263 
LYS CE   C N N 264 
LYS NZ   N N N 265 
LYS OXT  O N N 266 
LYS H    H N N 267 
LYS H2   H N N 268 
LYS HA   H N N 269 
LYS HB2  H N N 270 
LYS HB3  H N N 271 
LYS HG2  H N N 272 
LYS HG3  H N N 273 
LYS HD2  H N N 274 
LYS HD3  H N N 275 
LYS HE2  H N N 276 
LYS HE3  H N N 277 
LYS HZ1  H N N 278 
LYS HZ2  H N N 279 
LYS HZ3  H N N 280 
LYS HXT  H N N 281 
MET N    N N N 282 
MET CA   C N S 283 
MET C    C N N 284 
MET O    O N N 285 
MET CB   C N N 286 
MET CG   C N N 287 
MET SD   S N N 288 
MET CE   C N N 289 
MET OXT  O N N 290 
MET H    H N N 291 
MET H2   H N N 292 
MET HA   H N N 293 
MET HB2  H N N 294 
MET HB3  H N N 295 
MET HG2  H N N 296 
MET HG3  H N N 297 
MET HE1  H N N 298 
MET HE2  H N N 299 
MET HE3  H N N 300 
MET HXT  H N N 301 
PHE N    N N N 302 
PHE CA   C N S 303 
PHE C    C N N 304 
PHE O    O N N 305 
PHE CB   C N N 306 
PHE CG   C Y N 307 
PHE CD1  C Y N 308 
PHE CD2  C Y N 309 
PHE CE1  C Y N 310 
PHE CE2  C Y N 311 
PHE CZ   C Y N 312 
PHE OXT  O N N 313 
PHE H    H N N 314 
PHE H2   H N N 315 
PHE HA   H N N 316 
PHE HB2  H N N 317 
PHE HB3  H N N 318 
PHE HD1  H N N 319 
PHE HD2  H N N 320 
PHE HE1  H N N 321 
PHE HE2  H N N 322 
PHE HZ   H N N 323 
PHE HXT  H N N 324 
PRO N    N N N 325 
PRO CA   C N S 326 
PRO C    C N N 327 
PRO O    O N N 328 
PRO CB   C N N 329 
PRO CG   C N N 330 
PRO CD   C N N 331 
PRO OXT  O N N 332 
PRO H    H N N 333 
PRO HA   H N N 334 
PRO HB2  H N N 335 
PRO HB3  H N N 336 
PRO HG2  H N N 337 
PRO HG3  H N N 338 
PRO HD2  H N N 339 
PRO HD3  H N N 340 
PRO HXT  H N N 341 
SER N    N N N 342 
SER CA   C N S 343 
SER C    C N N 344 
SER O    O N N 345 
SER CB   C N N 346 
SER OG   O N N 347 
SER OXT  O N N 348 
SER H    H N N 349 
SER H2   H N N 350 
SER HA   H N N 351 
SER HB2  H N N 352 
SER HB3  H N N 353 
SER HG   H N N 354 
SER HXT  H N N 355 
THR N    N N N 356 
THR CA   C N S 357 
THR C    C N N 358 
THR O    O N N 359 
THR CB   C N R 360 
THR OG1  O N N 361 
THR CG2  C N N 362 
THR OXT  O N N 363 
THR H    H N N 364 
THR H2   H N N 365 
THR HA   H N N 366 
THR HB   H N N 367 
THR HG1  H N N 368 
THR HG21 H N N 369 
THR HG22 H N N 370 
THR HG23 H N N 371 
THR HXT  H N N 372 
TRP N    N N N 373 
TRP CA   C N S 374 
TRP C    C N N 375 
TRP O    O N N 376 
TRP CB   C N N 377 
TRP CG   C Y N 378 
TRP CD1  C Y N 379 
TRP CD2  C Y N 380 
TRP NE1  N Y N 381 
TRP CE2  C Y N 382 
TRP CE3  C Y N 383 
TRP CZ2  C Y N 384 
TRP CZ3  C Y N 385 
TRP CH2  C Y N 386 
TRP OXT  O N N 387 
TRP H    H N N 388 
TRP H2   H N N 389 
TRP HA   H N N 390 
TRP HB2  H N N 391 
TRP HB3  H N N 392 
TRP HD1  H N N 393 
TRP HE1  H N N 394 
TRP HE3  H N N 395 
TRP HZ2  H N N 396 
TRP HZ3  H N N 397 
TRP HH2  H N N 398 
TRP HXT  H N N 399 
TYR N    N N N 400 
TYR CA   C N S 401 
TYR C    C N N 402 
TYR O    O N N 403 
TYR CB   C N N 404 
TYR CG   C Y N 405 
TYR CD1  C Y N 406 
TYR CD2  C Y N 407 
TYR CE1  C Y N 408 
TYR CE2  C Y N 409 
TYR CZ   C Y N 410 
TYR OH   O N N 411 
TYR OXT  O N N 412 
TYR H    H N N 413 
TYR H2   H N N 414 
TYR HA   H N N 415 
TYR HB2  H N N 416 
TYR HB3  H N N 417 
TYR HD1  H N N 418 
TYR HD2  H N N 419 
TYR HE1  H N N 420 
TYR HE2  H N N 421 
TYR HH   H N N 422 
TYR HXT  H N N 423 
VAL N    N N N 424 
VAL CA   C N S 425 
VAL C    C N N 426 
VAL O    O N N 427 
VAL CB   C N N 428 
VAL CG1  C N N 429 
VAL CG2  C N N 430 
VAL OXT  O N N 431 
VAL H    H N N 432 
VAL H2   H N N 433 
VAL HA   H N N 434 
VAL HB   H N N 435 
VAL HG11 H N N 436 
VAL HG12 H N N 437 
VAL HG13 H N N 438 
VAL HG21 H N N 439 
VAL HG22 H N N 440 
VAL HG23 H N N 441 
VAL HXT  H N N 442 
# 
loop_
_chem_comp_bond.comp_id 
_chem_comp_bond.atom_id_1 
_chem_comp_bond.atom_id_2 
_chem_comp_bond.value_order 
_chem_comp_bond.pdbx_aromatic_flag 
_chem_comp_bond.pdbx_stereo_config 
_chem_comp_bond.pdbx_ordinal 
8WS C1  C10  sing N N 1   
8WS N1  C03  sing N N 2   
8WS N1  C10  sing N N 3   
8WS O1  C10  doub N N 4   
8WS C01 N01  sing N N 5   
8WS N01 C02  sing N N 6   
8WS O01 C02  doub N N 7   
8WS C02 C03  sing N N 8   
8WS N02 C07  sing N N 9   
8WS N02 C08  sing N N 10  
8WS O02 C08  doub N N 11  
8WS C03 C04  sing N N 12  
8WS C04 C05  sing N N 13  
8WS C05 C06  sing N N 14  
8WS C06 C07  sing N N 15  
8WS C08 C09  sing N N 16  
8WS C1  H1   sing N N 17  
8WS C1  H1A  sing N N 18  
8WS C1  H1B  sing N N 19  
8WS N1  HN1  sing N N 20  
8WS C01 H01  sing N N 21  
8WS C01 H01A sing N N 22  
8WS C01 H01B sing N N 23  
8WS N01 HN01 sing N N 24  
8WS N02 HN02 sing N N 25  
8WS C03 H03  sing N N 26  
8WS C04 H04  sing N N 27  
8WS C04 H04A sing N N 28  
8WS C05 H05  sing N N 29  
8WS C05 H05A sing N N 30  
8WS C06 H06  sing N N 31  
8WS C06 H06A sing N N 32  
8WS C07 H07  sing N N 33  
8WS C07 H07A sing N N 34  
8WS C09 H09  sing N N 35  
8WS C09 H09A sing N N 36  
8WS C09 H09B sing N N 37  
ALA N   CA   sing N N 38  
ALA N   H    sing N N 39  
ALA N   H2   sing N N 40  
ALA CA  C    sing N N 41  
ALA CA  CB   sing N N 42  
ALA CA  HA   sing N N 43  
ALA C   O    doub N N 44  
ALA C   OXT  sing N N 45  
ALA CB  HB1  sing N N 46  
ALA CB  HB2  sing N N 47  
ALA CB  HB3  sing N N 48  
ALA OXT HXT  sing N N 49  
ARG N   CA   sing N N 50  
ARG N   H    sing N N 51  
ARG N   H2   sing N N 52  
ARG CA  C    sing N N 53  
ARG CA  CB   sing N N 54  
ARG CA  HA   sing N N 55  
ARG C   O    doub N N 56  
ARG C   OXT  sing N N 57  
ARG CB  CG   sing N N 58  
ARG CB  HB2  sing N N 59  
ARG CB  HB3  sing N N 60  
ARG CG  CD   sing N N 61  
ARG CG  HG2  sing N N 62  
ARG CG  HG3  sing N N 63  
ARG CD  NE   sing N N 64  
ARG CD  HD2  sing N N 65  
ARG CD  HD3  sing N N 66  
ARG NE  CZ   sing N N 67  
ARG NE  HE   sing N N 68  
ARG CZ  NH1  sing N N 69  
ARG CZ  NH2  doub N N 70  
ARG NH1 HH11 sing N N 71  
ARG NH1 HH12 sing N N 72  
ARG NH2 HH21 sing N N 73  
ARG NH2 HH22 sing N N 74  
ARG OXT HXT  sing N N 75  
ASN N   CA   sing N N 76  
ASN N   H    sing N N 77  
ASN N   H2   sing N N 78  
ASN CA  C    sing N N 79  
ASN CA  CB   sing N N 80  
ASN CA  HA   sing N N 81  
ASN C   O    doub N N 82  
ASN C   OXT  sing N N 83  
ASN CB  CG   sing N N 84  
ASN CB  HB2  sing N N 85  
ASN CB  HB3  sing N N 86  
ASN CG  OD1  doub N N 87  
ASN CG  ND2  sing N N 88  
ASN ND2 HD21 sing N N 89  
ASN ND2 HD22 sing N N 90  
ASN OXT HXT  sing N N 91  
ASP N   CA   sing N N 92  
ASP N   H    sing N N 93  
ASP N   H2   sing N N 94  
ASP CA  C    sing N N 95  
ASP CA  CB   sing N N 96  
ASP CA  HA   sing N N 97  
ASP C   O    doub N N 98  
ASP C   OXT  sing N N 99  
ASP CB  CG   sing N N 100 
ASP CB  HB2  sing N N 101 
ASP CB  HB3  sing N N 102 
ASP CG  OD1  doub N N 103 
ASP CG  OD2  sing N N 104 
ASP OD2 HD2  sing N N 105 
ASP OXT HXT  sing N N 106 
CYS N   CA   sing N N 107 
CYS N   H    sing N N 108 
CYS N   H2   sing N N 109 
CYS CA  C    sing N N 110 
CYS CA  CB   sing N N 111 
CYS CA  HA   sing N N 112 
CYS C   O    doub N N 113 
CYS C   OXT  sing N N 114 
CYS CB  SG   sing N N 115 
CYS CB  HB2  sing N N 116 
CYS CB  HB3  sing N N 117 
CYS SG  HG   sing N N 118 
CYS OXT HXT  sing N N 119 
GLN N   CA   sing N N 120 
GLN N   H    sing N N 121 
GLN N   H2   sing N N 122 
GLN CA  C    sing N N 123 
GLN CA  CB   sing N N 124 
GLN CA  HA   sing N N 125 
GLN C   O    doub N N 126 
GLN C   OXT  sing N N 127 
GLN CB  CG   sing N N 128 
GLN CB  HB2  sing N N 129 
GLN CB  HB3  sing N N 130 
GLN CG  CD   sing N N 131 
GLN CG  HG2  sing N N 132 
GLN CG  HG3  sing N N 133 
GLN CD  OE1  doub N N 134 
GLN CD  NE2  sing N N 135 
GLN NE2 HE21 sing N N 136 
GLN NE2 HE22 sing N N 137 
GLN OXT HXT  sing N N 138 
GLU N   CA   sing N N 139 
GLU N   H    sing N N 140 
GLU N   H2   sing N N 141 
GLU CA  C    sing N N 142 
GLU CA  CB   sing N N 143 
GLU CA  HA   sing N N 144 
GLU C   O    doub N N 145 
GLU C   OXT  sing N N 146 
GLU CB  CG   sing N N 147 
GLU CB  HB2  sing N N 148 
GLU CB  HB3  sing N N 149 
GLU CG  CD   sing N N 150 
GLU CG  HG2  sing N N 151 
GLU CG  HG3  sing N N 152 
GLU CD  OE1  doub N N 153 
GLU CD  OE2  sing N N 154 
GLU OE2 HE2  sing N N 155 
GLU OXT HXT  sing N N 156 
GLY N   CA   sing N N 157 
GLY N   H    sing N N 158 
GLY N   H2   sing N N 159 
GLY CA  C    sing N N 160 
GLY CA  HA2  sing N N 161 
GLY CA  HA3  sing N N 162 
GLY C   O    doub N N 163 
GLY C   OXT  sing N N 164 
GLY OXT HXT  sing N N 165 
GOL C1  O1   sing N N 166 
GOL C1  C2   sing N N 167 
GOL C1  H11  sing N N 168 
GOL C1  H12  sing N N 169 
GOL O1  HO1  sing N N 170 
GOL C2  O2   sing N N 171 
GOL C2  C3   sing N N 172 
GOL C2  H2   sing N N 173 
GOL O2  HO2  sing N N 174 
GOL C3  O3   sing N N 175 
GOL C3  H31  sing N N 176 
GOL C3  H32  sing N N 177 
GOL O3  HO3  sing N N 178 
HIS N   CA   sing N N 179 
HIS N   H    sing N N 180 
HIS N   H2   sing N N 181 
HIS CA  C    sing N N 182 
HIS CA  CB   sing N N 183 
HIS CA  HA   sing N N 184 
HIS C   O    doub N N 185 
HIS C   OXT  sing N N 186 
HIS CB  CG   sing N N 187 
HIS CB  HB2  sing N N 188 
HIS CB  HB3  sing N N 189 
HIS CG  ND1  sing Y N 190 
HIS CG  CD2  doub Y N 191 
HIS ND1 CE1  doub Y N 192 
HIS ND1 HD1  sing N N 193 
HIS CD2 NE2  sing Y N 194 
HIS CD2 HD2  sing N N 195 
HIS CE1 NE2  sing Y N 196 
HIS CE1 HE1  sing N N 197 
HIS NE2 HE2  sing N N 198 
HIS OXT HXT  sing N N 199 
HOH O   H1   sing N N 200 
HOH O   H2   sing N N 201 
ILE N   CA   sing N N 202 
ILE N   H    sing N N 203 
ILE N   H2   sing N N 204 
ILE CA  C    sing N N 205 
ILE CA  CB   sing N N 206 
ILE CA  HA   sing N N 207 
ILE C   O    doub N N 208 
ILE C   OXT  sing N N 209 
ILE CB  CG1  sing N N 210 
ILE CB  CG2  sing N N 211 
ILE CB  HB   sing N N 212 
ILE CG1 CD1  sing N N 213 
ILE CG1 HG12 sing N N 214 
ILE CG1 HG13 sing N N 215 
ILE CG2 HG21 sing N N 216 
ILE CG2 HG22 sing N N 217 
ILE CG2 HG23 sing N N 218 
ILE CD1 HD11 sing N N 219 
ILE CD1 HD12 sing N N 220 
ILE CD1 HD13 sing N N 221 
ILE OXT HXT  sing N N 222 
LEU N   CA   sing N N 223 
LEU N   H    sing N N 224 
LEU N   H2   sing N N 225 
LEU CA  C    sing N N 226 
LEU CA  CB   sing N N 227 
LEU CA  HA   sing N N 228 
LEU C   O    doub N N 229 
LEU C   OXT  sing N N 230 
LEU CB  CG   sing N N 231 
LEU CB  HB2  sing N N 232 
LEU CB  HB3  sing N N 233 
LEU CG  CD1  sing N N 234 
LEU CG  CD2  sing N N 235 
LEU CG  HG   sing N N 236 
LEU CD1 HD11 sing N N 237 
LEU CD1 HD12 sing N N 238 
LEU CD1 HD13 sing N N 239 
LEU CD2 HD21 sing N N 240 
LEU CD2 HD22 sing N N 241 
LEU CD2 HD23 sing N N 242 
LEU OXT HXT  sing N N 243 
LYS N   CA   sing N N 244 
LYS N   H    sing N N 245 
LYS N   H2   sing N N 246 
LYS CA  C    sing N N 247 
LYS CA  CB   sing N N 248 
LYS CA  HA   sing N N 249 
LYS C   O    doub N N 250 
LYS C   OXT  sing N N 251 
LYS CB  CG   sing N N 252 
LYS CB  HB2  sing N N 253 
LYS CB  HB3  sing N N 254 
LYS CG  CD   sing N N 255 
LYS CG  HG2  sing N N 256 
LYS CG  HG3  sing N N 257 
LYS CD  CE   sing N N 258 
LYS CD  HD2  sing N N 259 
LYS CD  HD3  sing N N 260 
LYS CE  NZ   sing N N 261 
LYS CE  HE2  sing N N 262 
LYS CE  HE3  sing N N 263 
LYS NZ  HZ1  sing N N 264 
LYS NZ  HZ2  sing N N 265 
LYS NZ  HZ3  sing N N 266 
LYS OXT HXT  sing N N 267 
MET N   CA   sing N N 268 
MET N   H    sing N N 269 
MET N   H2   sing N N 270 
MET CA  C    sing N N 271 
MET CA  CB   sing N N 272 
MET CA  HA   sing N N 273 
MET C   O    doub N N 274 
MET C   OXT  sing N N 275 
MET CB  CG   sing N N 276 
MET CB  HB2  sing N N 277 
MET CB  HB3  sing N N 278 
MET CG  SD   sing N N 279 
MET CG  HG2  sing N N 280 
MET CG  HG3  sing N N 281 
MET SD  CE   sing N N 282 
MET CE  HE1  sing N N 283 
MET CE  HE2  sing N N 284 
MET CE  HE3  sing N N 285 
MET OXT HXT  sing N N 286 
PHE N   CA   sing N N 287 
PHE N   H    sing N N 288 
PHE N   H2   sing N N 289 
PHE CA  C    sing N N 290 
PHE CA  CB   sing N N 291 
PHE CA  HA   sing N N 292 
PHE C   O    doub N N 293 
PHE C   OXT  sing N N 294 
PHE CB  CG   sing N N 295 
PHE CB  HB2  sing N N 296 
PHE CB  HB3  sing N N 297 
PHE CG  CD1  doub Y N 298 
PHE CG  CD2  sing Y N 299 
PHE CD1 CE1  sing Y N 300 
PHE CD1 HD1  sing N N 301 
PHE CD2 CE2  doub Y N 302 
PHE CD2 HD2  sing N N 303 
PHE CE1 CZ   doub Y N 304 
PHE CE1 HE1  sing N N 305 
PHE CE2 CZ   sing Y N 306 
PHE CE2 HE2  sing N N 307 
PHE CZ  HZ   sing N N 308 
PHE OXT HXT  sing N N 309 
PRO N   CA   sing N N 310 
PRO N   CD   sing N N 311 
PRO N   H    sing N N 312 
PRO CA  C    sing N N 313 
PRO CA  CB   sing N N 314 
PRO CA  HA   sing N N 315 
PRO C   O    doub N N 316 
PRO C   OXT  sing N N 317 
PRO CB  CG   sing N N 318 
PRO CB  HB2  sing N N 319 
PRO CB  HB3  sing N N 320 
PRO CG  CD   sing N N 321 
PRO CG  HG2  sing N N 322 
PRO CG  HG3  sing N N 323 
PRO CD  HD2  sing N N 324 
PRO CD  HD3  sing N N 325 
PRO OXT HXT  sing N N 326 
SER N   CA   sing N N 327 
SER N   H    sing N N 328 
SER N   H2   sing N N 329 
SER CA  C    sing N N 330 
SER CA  CB   sing N N 331 
SER CA  HA   sing N N 332 
SER C   O    doub N N 333 
SER C   OXT  sing N N 334 
SER CB  OG   sing N N 335 
SER CB  HB2  sing N N 336 
SER CB  HB3  sing N N 337 
SER OG  HG   sing N N 338 
SER OXT HXT  sing N N 339 
THR N   CA   sing N N 340 
THR N   H    sing N N 341 
THR N   H2   sing N N 342 
THR CA  C    sing N N 343 
THR CA  CB   sing N N 344 
THR CA  HA   sing N N 345 
THR C   O    doub N N 346 
THR C   OXT  sing N N 347 
THR CB  OG1  sing N N 348 
THR CB  CG2  sing N N 349 
THR CB  HB   sing N N 350 
THR OG1 HG1  sing N N 351 
THR CG2 HG21 sing N N 352 
THR CG2 HG22 sing N N 353 
THR CG2 HG23 sing N N 354 
THR OXT HXT  sing N N 355 
TRP N   CA   sing N N 356 
TRP N   H    sing N N 357 
TRP N   H2   sing N N 358 
TRP CA  C    sing N N 359 
TRP CA  CB   sing N N 360 
TRP CA  HA   sing N N 361 
TRP C   O    doub N N 362 
TRP C   OXT  sing N N 363 
TRP CB  CG   sing N N 364 
TRP CB  HB2  sing N N 365 
TRP CB  HB3  sing N N 366 
TRP CG  CD1  doub Y N 367 
TRP CG  CD2  sing Y N 368 
TRP CD1 NE1  sing Y N 369 
TRP CD1 HD1  sing N N 370 
TRP CD2 CE2  doub Y N 371 
TRP CD2 CE3  sing Y N 372 
TRP NE1 CE2  sing Y N 373 
TRP NE1 HE1  sing N N 374 
TRP CE2 CZ2  sing Y N 375 
TRP CE3 CZ3  doub Y N 376 
TRP CE3 HE3  sing N N 377 
TRP CZ2 CH2  doub Y N 378 
TRP CZ2 HZ2  sing N N 379 
TRP CZ3 CH2  sing Y N 380 
TRP CZ3 HZ3  sing N N 381 
TRP CH2 HH2  sing N N 382 
TRP OXT HXT  sing N N 383 
TYR N   CA   sing N N 384 
TYR N   H    sing N N 385 
TYR N   H2   sing N N 386 
TYR CA  C    sing N N 387 
TYR CA  CB   sing N N 388 
TYR CA  HA   sing N N 389 
TYR C   O    doub N N 390 
TYR C   OXT  sing N N 391 
TYR CB  CG   sing N N 392 
TYR CB  HB2  sing N N 393 
TYR CB  HB3  sing N N 394 
TYR CG  CD1  doub Y N 395 
TYR CG  CD2  sing Y N 396 
TYR CD1 CE1  sing Y N 397 
TYR CD1 HD1  sing N N 398 
TYR CD2 CE2  doub Y N 399 
TYR CD2 HD2  sing N N 400 
TYR CE1 CZ   doub Y N 401 
TYR CE1 HE1  sing N N 402 
TYR CE2 CZ   sing Y N 403 
TYR CE2 HE2  sing N N 404 
TYR CZ  OH   sing N N 405 
TYR OH  HH   sing N N 406 
TYR OXT HXT  sing N N 407 
VAL N   CA   sing N N 408 
VAL N   H    sing N N 409 
VAL N   H2   sing N N 410 
VAL CA  C    sing N N 411 
VAL CA  CB   sing N N 412 
VAL CA  HA   sing N N 413 
VAL C   O    doub N N 414 
VAL C   OXT  sing N N 415 
VAL CB  CG1  sing N N 416 
VAL CB  CG2  sing N N 417 
VAL CB  HB   sing N N 418 
VAL CG1 HG11 sing N N 419 
VAL CG1 HG12 sing N N 420 
VAL CG1 HG13 sing N N 421 
VAL CG2 HG21 sing N N 422 
VAL CG2 HG22 sing N N 423 
VAL CG2 HG23 sing N N 424 
VAL OXT HXT  sing N N 425 
# 
loop_
_pdbx_audit_support.funding_organization 
_pdbx_audit_support.country 
_pdbx_audit_support.grant_number 
_pdbx_audit_support.ordinal 
'Cancer Research UK' 'United Kingdom' C57659/A27310 1 
'Cancer Research UK' 'United Kingdom' C1362/A20263  2 
'Cancer Research UK' 'United Kingdom' C2215/A21421  3 
# 
_pdbx_entity_instance_feature.ordinal        1 
_pdbx_entity_instance_feature.comp_id        8WS 
_pdbx_entity_instance_feature.asym_id        ? 
_pdbx_entity_instance_feature.seq_num        ? 
_pdbx_entity_instance_feature.auth_comp_id   8WS 
_pdbx_entity_instance_feature.auth_asym_id   ? 
_pdbx_entity_instance_feature.auth_seq_num   ? 
_pdbx_entity_instance_feature.feature_type   'SUBJECT OF INVESTIGATION' 
_pdbx_entity_instance_feature.details        ? 
# 
_pdbx_initial_refinement_model.id               1 
_pdbx_initial_refinement_model.entity_id_list   ? 
_pdbx_initial_refinement_model.type             'experimental model' 
_pdbx_initial_refinement_model.source_name      PDB 
_pdbx_initial_refinement_model.accession_code   5LRQ 
_pdbx_initial_refinement_model.details          ? 
# 
_atom_sites.entry_id                    7ZG2 
_atom_sites.Cartn_transf_matrix[1][1]   ? 
_atom_sites.Cartn_transf_matrix[1][2]   ? 
_atom_sites.Cartn_transf_matrix[1][3]   ? 
_atom_sites.Cartn_transf_matrix[2][1]   ? 
_atom_sites.Cartn_transf_matrix[2][2]   ? 
_atom_sites.Cartn_transf_matrix[2][3]   ? 
_atom_sites.Cartn_transf_matrix[3][1]   ? 
_atom_sites.Cartn_transf_matrix[3][2]   ? 
_atom_sites.Cartn_transf_matrix[3][3]   ? 
_atom_sites.Cartn_transf_vector[1]      ? 
_atom_sites.Cartn_transf_vector[2]      ? 
_atom_sites.Cartn_transf_vector[3]      ? 
_atom_sites.fract_transf_matrix[1][1]   -0.01340082 
_atom_sites.fract_transf_matrix[1][2]   0.00362726 
_atom_sites.fract_transf_matrix[1][3]   0.02291095 
_atom_sites.fract_transf_matrix[2][1]   0.01999650 
_atom_sites.fract_transf_matrix[2][2]   0.00087123 
_atom_sites.fract_transf_matrix[2][3]   0.01155819 
_atom_sites.fract_transf_matrix[3][1]   0.00044426 
_atom_sites.fract_transf_matrix[3][2]   0.01239968 
_atom_sites.fract_transf_matrix[3][3]   -0.00170326 
_atom_sites.fract_transf_vector[1]      -0.310479 
_atom_sites.fract_transf_vector[2]      0.069210 
_atom_sites.fract_transf_vector[3]      -0.120785 
_atom_sites.solution_primary            ? 
_atom_sites.solution_secondary          ? 
_atom_sites.solution_hydrogens          ? 
_atom_sites.special_details             ? 
# 
loop_
_atom_type.symbol 
_atom_type.pdbx_scat_Z 
_atom_type.pdbx_N_electrons 
_atom_type.scat_Cromer_Mann_a1 
_atom_type.scat_Cromer_Mann_b1 
_atom_type.scat_Cromer_Mann_a2 
_atom_type.scat_Cromer_Mann_b2 
_atom_type.scat_Cromer_Mann_a3 
_atom_type.scat_Cromer_Mann_b3 
_atom_type.scat_Cromer_Mann_a4 
_atom_type.scat_Cromer_Mann_b4 
C 6  6  2.310  20.844 1.020 10.208 1.589 0.569  0.865 51.651 
N 7  7  12.222 0.006  3.135 9.893  2.014 28.997 1.167 0.583  
O 8  8  3.049  13.277 2.287 5.701  1.546 0.324  0.867 32.909 
S 16 16 6.905  1.468  5.203 22.215 1.438 0.254  1.586 56.172 
# 
loop_
_atom_site.group_PDB 
_atom_site.id 
_atom_site.type_symbol 
_atom_site.label_atom_id 
_atom_site.label_alt_id 
_atom_site.label_comp_id 
_atom_site.label_asym_id 
_atom_site.label_entity_id 
_atom_site.label_seq_id 
_atom_site.pdbx_PDB_ins_code 
_atom_site.Cartn_x 
_atom_site.Cartn_y 
_atom_site.Cartn_z 
_atom_site.occupancy 
_atom_site.B_iso_or_equiv 
_atom_site.pdbx_formal_charge 
_atom_site.auth_seq_id 
_atom_site.auth_comp_id 
_atom_site.auth_asym_id 
_atom_site.auth_atom_id 
_atom_site.pdbx_PDB_model_num 
_atom_site.calc_flag 
ATOM   1    N N   . GLY A 1 1   ? -18.371 -4.790  -5.150  1.000 30.635 ? 40  GLY AAA N   1 ? 
ATOM   2    C CA  . GLY A 1 1   ? -18.490 -3.456  -5.746  1.000 23.250 ? 40  GLY AAA CA  1 ? 
ATOM   3    C C   . GLY A 1 1   ? -18.718 -3.557  -7.255  1.000 20.102 ? 40  GLY AAA C   1 ? 
ATOM   4    O O   . GLY A 1 1   ? -19.074 -4.624  -7.753  1.000 19.999 ? 40  GLY AAA O   1 ? 
ATOM   5    N N   . SER A 1 2   ? -18.510 -2.437  -7.960  1.000 20.365 ? 41  SER AAA N   1 ? 
ATOM   6    C CA  . SER A 1 2   ? -18.776 -2.375  -9.387  1.000 16.533 ? 41  SER AAA CA  1 ? 
ATOM   7    C C   . SER A 1 2   ? -17.890 -3.342  -10.164 1.000 15.784 ? 41  SER AAA C   1 ? 
ATOM   8    O O   . SER A 1 2   ? -16.690 -3.441  -9.895  1.000 16.624 ? 41  SER AAA O   1 ? 
ATOM   9    C CB  . SER A 1 2   ? -18.599 -0.974  -9.931  1.000 17.033 ? 41  SER AAA CB  1 ? 
ATOM   10   O OG  . SER A 1 2   ? -18.639 -0.977  -11.368 1.000 17.243 ? 41  SER AAA OG  1 ? 
ATOM   11   N N   . HIS A 1 3   ? -18.482 -3.976  -11.216 1.000 15.514 ? 42  HIS AAA N   1 ? 
ATOM   12   C CA  . HIS A 1 3   ? -17.728 -4.748  -12.181 1.000 14.247 ? 42  HIS AAA CA  1 ? 
ATOM   13   C C   . HIS A 1 3   ? -16.710 -3.932  -12.970 1.000 14.229 ? 42  HIS AAA C   1 ? 
ATOM   14   O O   . HIS A 1 3   ? -15.815 -4.509  -13.592 1.000 16.328 ? 42  HIS AAA O   1 ? 
ATOM   15   C CB  . HIS A 1 3   ? -18.699 -5.447  -13.149 1.000 16.654 ? 42  HIS AAA CB  1 ? 
ATOM   16   C CG  . HIS A 1 3   ? -19.267 -4.533  -14.189 1.000 22.003 ? 42  HIS AAA CG  1 ? 
ATOM   17   N ND1 . HIS A 1 3   ? -20.126 -3.503  -13.876 1.000 22.373 ? 42  HIS AAA ND1 1 ? 
ATOM   18   C CD2 . HIS A 1 3   ? -19.105 -4.494  -15.532 1.000 24.162 ? 42  HIS AAA CD2 1 ? 
ATOM   19   C CE1 . HIS A 1 3   ? -20.492 -2.873  -14.985 1.000 23.900 ? 42  HIS AAA CE1 1 ? 
ATOM   20   N NE2 . HIS A 1 3   ? -19.854 -3.439  -15.997 1.000 25.512 ? 42  HIS AAA NE2 1 ? 
ATOM   21   N N   . MET A 1 4   ? -16.800 -2.591  -12.923 1.000 13.060 ? 43  MET AAA N   1 ? 
ATOM   22   C CA  . MET A 1 4   ? -15.802 -1.854  -13.676 1.000 13.624 ? 43  MET AAA CA  1 ? 
ATOM   23   C C   . MET A 1 4   ? -14.507 -1.589  -12.887 1.000 13.015 ? 43  MET AAA C   1 ? 
ATOM   24   O O   . MET A 1 4   ? -13.535 -1.119  -13.480 1.000 15.459 ? 43  MET AAA O   1 ? 
ATOM   25   C CB  . MET A 1 4   ? -16.369 -0.491  -14.099 1.000 16.959 ? 43  MET AAA CB  1 ? 
ATOM   26   C CG  . MET A 1 4   ? -17.687 -0.710  -14.855 1.000 16.748 ? 43  MET AAA CG  1 ? 
ATOM   27   S SD  . MET A 1 4   ? -18.159 0.775   -15.808 1.000 22.308 ? 43  MET AAA SD  1 ? 
ATOM   28   C CE  . MET A 1 4   ? -18.316 1.990   -14.515 1.000 24.514 ? 43  MET AAA CE  1 ? 
ATOM   29   N N   . ASN A 1 5   ? -14.512 -1.903  -11.592 1.000 13.114 ? 44  ASN AAA N   1 ? 
ATOM   30   C CA  . ASN A 1 5   ? -13.270 -1.900  -10.809 1.000 12.904 ? 44  ASN AAA CA  1 ? 
ATOM   31   C C   . ASN A 1 5   ? -12.700 -3.317  -10.850 1.000 13.332 ? 44  ASN AAA C   1 ? 
ATOM   32   O O   . ASN A 1 5   ? -13.470 -4.284  -10.797 1.000 13.746 ? 44  ASN AAA O   1 ? 
ATOM   33   C CB  . ASN A 1 5   ? -13.526 -1.555  -9.354  1.000 13.777 ? 44  ASN AAA CB  1 ? 
ATOM   34   C CG  . ASN A 1 5   ? -13.874 -0.094  -9.136  1.000 13.890 ? 44  ASN AAA CG  1 ? 
ATOM   35   O OD1 . ASN A 1 5   ? -13.214 0.776   -9.703  1.000 15.018 ? 44  ASN AAA OD1 1 ? 
ATOM   36   N ND2 . ASN A 1 5   ? -14.859 0.117   -8.291  1.000 14.700 ? 44  ASN AAA ND2 1 ? 
ATOM   37   N N   . PRO A 1 6   ? -11.371 -3.489  -10.936 1.000 12.837 ? 45  PRO AAA N   1 ? 
ATOM   38   C CA  . PRO A 1 6   ? -10.766 -4.831  -10.938 1.000 12.474 ? 45  PRO AAA CA  1 ? 
ATOM   39   C C   . PRO A 1 6   ? -10.865 -5.461  -9.556  1.000 11.912 ? 45  PRO AAA C   1 ? 
ATOM   40   O O   . PRO A 1 6   ? -11.072 -4.821  -8.518  1.000 13.329 ? 45  PRO AAA O   1 ? 
ATOM   41   C CB  . PRO A 1 6   ? -9.302  -4.538  -11.321 1.000 12.851 ? 45  PRO AAA CB  1 ? 
ATOM   42   C CG  . PRO A 1 6   ? -9.030  -3.167  -10.718 1.000 13.126 ? 45  PRO AAA CG  1 ? 
ATOM   43   C CD  . PRO A 1 6   ? -10.351 -2.420  -10.936 1.000 13.697 ? 45  PRO AAA CD  1 ? 
ATOM   44   N N   . PRO A 1 7   ? -10.695 -6.792  -9.495  1.000 13.098 ? 46  PRO AAA N   1 ? 
ATOM   45   C CA  . PRO A 1 7   ? -10.582 -7.442  -8.193  1.000 13.764 ? 46  PRO AAA CA  1 ? 
ATOM   46   C C   . PRO A 1 7   ? -9.376  -6.827  -7.482  1.000 13.939 ? 46  PRO AAA C   1 ? 
ATOM   47   O O   . PRO A 1 7   ? -8.394  -6.443  -8.118  1.000 14.706 ? 46  PRO AAA O   1 ? 
ATOM   48   C CB  . PRO A 1 7   ? -10.222 -8.898  -8.573  1.000 13.765 ? 46  PRO AAA CB  1 ? 
ATOM   49   C CG  . PRO A 1 7   ? -9.657  -8.796  -9.926  1.000 14.465 ? 46  PRO AAA CG  1 ? 
ATOM   50   C CD  . PRO A 1 7   ? -10.431 -7.674  -10.632 1.000 13.440 ? 46  PRO AAA CD  1 ? 
ATOM   51   N N   . PRO A 1 8   ? -9.450  -6.686  -6.147  1.000 15.175 ? 47  PRO AAA N   1 ? 
ATOM   52   C CA  . PRO A 1 8   ? -8.338  -6.082  -5.418  1.000 15.683 ? 47  PRO AAA CA  1 ? 
ATOM   53   C C   . PRO A 1 8   ? -7.164  -7.055  -5.458  1.000 16.345 ? 47  PRO AAA C   1 ? 
ATOM   54   O O   . PRO A 1 8   ? -7.311  -8.248  -5.811  1.000 15.649 ? 47  PRO AAA O   1 ? 
ATOM   55   C CB  . PRO A 1 8   ? -8.886  -6.012  -3.981  1.000 17.173 ? 47  PRO AAA CB  1 ? 
ATOM   56   C CG  . PRO A 1 8   ? -9.878  -7.146  -3.901  1.000 18.025 ? 47  PRO AAA CG  1 ? 
ATOM   57   C CD  . PRO A 1 8   ? -10.538 -7.152  -5.273  1.000 16.632 ? 47  PRO AAA CD  1 ? 
ATOM   58   N N   . PRO A 1 9   ? -5.953  -6.602  -5.110  1.000 13.907 ? 48  PRO AAA N   1 ? 
ATOM   59   C CA  . PRO A 1 9   ? -4.815  -7.520  -5.084  1.000 13.951 ? 48  PRO AAA CA  1 ? 
ATOM   60   C C   . PRO A 1 9   ? -5.134  -8.620  -4.063  1.000 13.009 ? 48  PRO AAA C   1 ? 
ATOM   61   O O   . PRO A 1 9   ? -5.713  -8.395  -3.020  1.000 15.079 ? 48  PRO AAA O   1 ? 
ATOM   62   C CB  . PRO A 1 9   ? -3.646  -6.617  -4.613  1.000 14.699 ? 48  PRO AAA CB  1 ? 
ATOM   63   C CG  . PRO A 1 9   ? -4.135  -5.189  -5.015  1.000 14.246 ? 48  PRO AAA CG  1 ? 
ATOM   64   C CD  . PRO A 1 9   ? -5.609  -5.209  -4.691  1.000 14.158 ? 48  PRO AAA CD  1 ? 
ATOM   65   N N   . GLU A 1 10  ? -4.629  -9.819  -4.309  1.000 14.695 ? 49  GLU AAA N   1 ? 
ATOM   66   C CA  . GLU A 1 10  ? -4.990  -10.879 -3.382  1.000 16.239 ? 49  GLU AAA CA  1 ? 
ATOM   67   C C   . GLU A 1 10  ? -4.285  -10.717 -2.030  1.000 14.479 ? 49  GLU AAA C   1 ? 
ATOM   68   O O   . GLU A 1 10  ? -3.199  -10.117 -1.929  1.000 14.384 ? 49  GLU AAA O   1 ? 
ATOM   69   C CB  . GLU A 1 10  ? -4.640  -12.241 -3.949  1.000 18.699 ? 49  GLU AAA CB  1 ? 
ATOM   70   C CG  . GLU A 1 10  ? -3.145  -12.385 -4.226  1.000 17.354 ? 49  GLU AAA CG  1 ? 
ATOM   71   C CD  . GLU A 1 10  ? -2.687  -13.781 -4.693  1.000 19.322 ? 49  GLU AAA CD  1 ? 
ATOM   72   O OE1 . GLU A 1 10  ? -3.442  -14.460 -5.436  1.000 23.606 ? 49  GLU AAA OE1 1 ? 
ATOM   73   O OE2 . GLU A 1 10  ? -1.514  -14.142 -4.420  1.000 20.073 ? 49  GLU AAA OE2 1 ? 
ATOM   74   N N   . THR A 1 11  ? -4.936  -11.247 -1.002  1.000 16.171 ? 50  THR AAA N   1 ? 
ATOM   75   C CA  . THR A 1 11  ? -4.445  -11.151 0.366   1.000 16.112 ? 50  THR AAA CA  1 ? 
ATOM   76   C C   . THR A 1 11  ? -4.285  -12.561 0.936   1.000 16.888 ? 50  THR AAA C   1 ? 
ATOM   77   O O   . THR A 1 11  ? -3.748  -12.680 2.026   1.000 18.324 ? 50  THR AAA O   1 ? 
ATOM   78   C CB  . THR A 1 11  ? -5.258  -10.215 1.273   1.000 16.453 ? 50  THR AAA CB  1 ? 
ATOM   79   O OG1 . THR A 1 11  ? -6.597  -10.723 1.345   1.000 21.640 ? 50  THR AAA OG1 1 ? 
ATOM   80   C CG2 . THR A 1 11  ? -5.330  -8.808  0.704   1.000 18.224 ? 50  THR AAA CG2 1 ? 
ATOM   81   N N   A SER A 1 12  ? -4.735  -13.553 0.185   0.500 17.147 ? 51  SER AAA N   1 ? 
ATOM   82   N N   B SER A 1 12  ? -4.686  -13.569 0.133   0.500 16.872 ? 51  SER AAA N   1 ? 
ATOM   83   C CA  A SER A 1 12  ? -4.579  -14.947 0.579   0.500 17.223 ? 51  SER AAA CA  1 ? 
ATOM   84   C CA  B SER A 1 12  ? -4.832  -14.990 0.493   0.500 17.788 ? 51  SER AAA CA  1 ? 
ATOM   85   C C   A SER A 1 12  ? -4.271  -15.704 -0.699  0.500 17.537 ? 51  SER AAA C   1 ? 
ATOM   86   C C   B SER A 1 12  ? -4.510  -15.878 -0.711  0.500 17.844 ? 51  SER AAA C   1 ? 
ATOM   87   O O   A SER A 1 12  ? -4.620  -15.288 -1.807  0.500 18.055 ? 51  SER AAA O   1 ? 
ATOM   88   O O   B SER A 1 12  ? -5.156  -15.784 -1.777  0.500 18.326 ? 51  SER AAA O   1 ? 
ATOM   89   C CB  A SER A 1 12  ? -5.855  -15.452 1.213   0.500 19.379 ? 51  SER AAA CB  1 ? 
ATOM   90   C CB  B SER A 1 12  ? -6.275  -15.293 0.916   0.500 17.280 ? 51  SER AAA CB  1 ? 
ATOM   91   O OG  A SER A 1 12  ? -5.998  -16.856 1.050   0.500 22.708 ? 51  SER AAA OG  1 ? 
ATOM   92   O OG  B SER A 1 12  ? -6.424  -15.204 2.326   0.500 21.172 ? 51  SER AAA OG  1 ? 
ATOM   93   N N   . ASN A 1 13  ? -3.551  -16.813 -0.539  1.000 16.381 ? 52  ASN AAA N   1 ? 
ATOM   94   C CA  . ASN A 1 13  ? -3.266  -17.730 -1.622  1.000 16.627 ? 52  ASN AAA CA  1 ? 
ATOM   95   C C   . ASN A 1 13  ? -2.477  -18.895 -1.031  1.000 17.030 ? 52  ASN AAA C   1 ? 
ATOM   96   O O   . ASN A 1 13  ? -1.305  -18.744 -0.662  1.000 15.230 ? 52  ASN AAA O   1 ? 
ATOM   97   C CB  . ASN A 1 13  ? -2.468  -17.055 -2.727  1.000 20.342 ? 52  ASN AAA CB  1 ? 
ATOM   98   C CG  . ASN A 1 13  ? -2.242  -17.978 -3.903  1.000 24.790 ? 52  ASN AAA CG  1 ? 
ATOM   99   O OD1 . ASN A 1 13  ? -2.450  -19.202 -3.831  1.000 23.112 ? 52  ASN AAA OD1 1 ? 
ATOM   100  N ND2 . ASN A 1 13  ? -1.823  -17.386 -5.005  1.000 29.676 ? 52  ASN AAA ND2 1 ? 
ATOM   101  N N   . PRO A 1 14  ? -3.062  -20.103 -0.927  1.000 14.760 ? 53  PRO AAA N   1 ? 
ATOM   102  C CA  . PRO A 1 14  ? -2.322  -21.211 -0.330  1.000 15.694 ? 53  PRO AAA CA  1 ? 
ATOM   103  C C   . PRO A 1 14  ? -1.090  -21.585 -1.131  1.000 13.899 ? 53  PRO AAA C   1 ? 
ATOM   104  O O   . PRO A 1 14  ? -0.268  -22.306 -0.587  1.000 18.279 ? 53  PRO AAA O   1 ? 
ATOM   105  C CB  . PRO A 1 14  ? -3.284  -22.404 -0.385  1.000 18.227 ? 53  PRO AAA CB  1 ? 
ATOM   106  C CG  . PRO A 1 14  ? -4.623  -21.792 -0.673  1.000 20.361 ? 53  PRO AAA CG  1 ? 
ATOM   107  C CD  . PRO A 1 14  ? -4.436  -20.441 -1.345  1.000 17.043 ? 53  PRO AAA CD  1 ? 
ATOM   108  N N   . ASN A 1 15  ? -0.956  -21.135 -2.384  1.000 15.460 ? 54  ASN AAA N   1 ? 
ATOM   109  C CA  . ASN A 1 15  ? 0.165   -21.499 -3.243  1.000 19.254 ? 54  ASN AAA CA  1 ? 
ATOM   110  C C   . ASN A 1 15  ? 1.382   -20.617 -2.959  1.000 18.295 ? 54  ASN AAA C   1 ? 
ATOM   111  O O   . ASN A 1 15  ? 2.513   -20.988 -3.316  1.000 18.716 ? 54  ASN AAA O   1 ? 
ATOM   112  C CB  . ASN A 1 15  ? -0.223  -21.479 -4.722  1.000 21.505 ? 54  ASN AAA CB  1 ? 
ATOM   113  C CG  . ASN A 1 15  ? -1.136  -22.636 -5.053  1.000 23.939 ? 54  ASN AAA CG  1 ? 
ATOM   114  O OD1 . ASN A 1 15  ? -0.950  -23.732 -4.530  1.000 27.053 ? 54  ASN AAA OD1 1 ? 
ATOM   115  N ND2 . ASN A 1 15  ? -2.090  -22.412 -5.932  1.000 29.768 ? 54  ASN AAA ND2 1 ? 
ATOM   116  N N   . LYS A 1 16  ? 1.147   -19.443 -2.377  1.000 15.746 ? 55  LYS AAA N   1 ? 
ATOM   117  C CA  . LYS A 1 16  ? 2.262   -18.525 -2.160  1.000 17.423 ? 55  LYS AAA CA  1 ? 
ATOM   118  C C   . LYS A 1 16  ? 3.017   -18.843 -0.870  1.000 14.757 ? 55  LYS AAA C   1 ? 
ATOM   119  O O   . LYS A 1 16  ? 2.414   -18.954 0.208   1.000 15.942 ? 55  LYS AAA O   1 ? 
ATOM   120  C CB  . LYS A 1 16  ? 1.766   -17.104 -2.018  1.000 16.802 ? 55  LYS AAA CB  1 ? 
ATOM   121  C CG  . LYS A 1 16  ? 2.963   -16.138 -2.086  1.000 18.192 ? 55  LYS AAA CG  1 ? 
ATOM   122  C CD  . LYS A 1 16  ? 2.571   -14.764 -1.842  1.000 15.886 ? 55  LYS AAA CD  1 ? 
ATOM   123  C CE  . LYS A 1 16  ? 3.720   -13.789 -1.718  1.000 15.040 ? 55  LYS AAA CE  1 ? 
ATOM   124  N NZ  . LYS A 1 16  ? 4.615   -14.080 -0.581  1.000 13.364 ? 55  LYS AAA NZ  1 ? 
ATOM   125  N N   . PRO A 1 17  ? 4.361   -18.883 -0.933  1.000 15.488 ? 56  PRO AAA N   1 ? 
ATOM   126  C CA  . PRO A 1 17  ? 5.173   -19.130 0.259   1.000 16.035 ? 56  PRO AAA CA  1 ? 
ATOM   127  C C   . PRO A 1 17  ? 5.103   -17.913 1.174   1.000 14.216 ? 56  PRO AAA C   1 ? 
ATOM   128  O O   . PRO A 1 17  ? 5.016   -16.761 0.716   1.000 15.745 ? 56  PRO AAA O   1 ? 
ATOM   129  C CB  . PRO A 1 17  ? 6.568   -19.424 -0.314  1.000 16.418 ? 56  PRO AAA CB  1 ? 
ATOM   130  C CG  . PRO A 1 17  ? 6.600   -18.658 -1.621  1.000 17.311 ? 56  PRO AAA CG  1 ? 
ATOM   131  C CD  . PRO A 1 17  ? 5.175   -18.691 -2.150  1.000 17.754 ? 56  PRO AAA CD  1 ? 
ATOM   132  N N   . LYS A 1 18  ? 5.126   -18.200 2.481   1.000 15.769 ? 57  LYS AAA N   1 ? 
ATOM   133  C CA  . LYS A 1 18  ? 4.797   -17.229 3.529   1.000 16.980 ? 57  LYS AAA CA  1 ? 
ATOM   134  C C   . LYS A 1 18  ? 5.726   -17.496 4.700   1.000 16.230 ? 57  LYS AAA C   1 ? 
ATOM   135  O O   . LYS A 1 18  ? 6.036   -18.661 4.986   1.000 16.964 ? 57  LYS AAA O   1 ? 
ATOM   136  C CB  . LYS A 1 18  ? 3.461   -17.556 4.252   1.000 22.868 ? 57  LYS AAA CB  1 ? 
ATOM   137  C CG  . LYS A 1 18  ? 2.393   -18.281 3.480   1.000 21.856 ? 57  LYS AAA CG  1 ? 
ATOM   138  C CD  . LYS A 1 18  ? 1.676   -17.153 2.800   1.000 29.306 ? 57  LYS AAA CD  1 ? 
ATOM   139  C CE  . LYS A 1 18  ? 0.239   -17.438 2.634   1.000 24.187 ? 57  LYS AAA CE  1 ? 
ATOM   140  N NZ  . LYS A 1 18  ? 0.176   -18.478 1.604   1.000 17.060 ? 57  LYS AAA NZ  1 ? 
ATOM   141  N N   . ARG A 1 19  ? 6.074   -16.456 5.431   1.000 15.460 ? 58  ARG AAA N   1 ? 
ATOM   142  C CA  . ARG A 1 19  ? 6.716   -16.694 6.704   1.000 16.949 ? 58  ARG AAA CA  1 ? 
ATOM   143  C C   . ARG A 1 19  ? 6.600   -15.424 7.523   1.000 17.431 ? 58  ARG AAA C   1 ? 
ATOM   144  O O   . ARG A 1 19  ? 6.254   -14.375 6.987   1.000 20.628 ? 58  ARG AAA O   1 ? 
ATOM   145  C CB  . ARG A 1 19  ? 8.140   -17.225 6.473   1.000 21.537 ? 58  ARG AAA CB  1 ? 
ATOM   146  C CG  . ARG A 1 19  ? 9.163   -16.165 6.192   1.000 20.721 ? 58  ARG AAA CG  1 ? 
ATOM   147  C CD  . ARG A 1 19  ? 10.571  -16.721 6.030   1.000 16.351 ? 58  ARG AAA CD  1 ? 
ATOM   148  N NE  . ARG A 1 19  ? 11.127  -15.603 5.310   1.000 16.598 ? 58  ARG AAA NE  1 ? 
ATOM   149  C CZ  . ARG A 1 19  ? 12.400  -15.323 5.153   1.000 17.037 ? 58  ARG AAA CZ  1 ? 
ATOM   150  N NH1 . ARG A 1 19  ? 13.350  -16.104 5.631   1.000 19.811 ? 58  ARG AAA NH1 1 ? 
ATOM   151  N NH2 . ARG A 1 19  ? 12.744  -14.224 4.511   1.000 19.168 ? 58  ARG AAA NH2 1 ? 
ATOM   152  N N   . GLN A 1 20  ? 6.800   -15.570 8.829   1.000 17.459 ? 59  GLN AAA N   1 ? 
ATOM   153  C CA  . GLN A 1 20  ? 6.867   -14.427 9.716   1.000 20.585 ? 59  GLN AAA CA  1 ? 
ATOM   154  C C   . GLN A 1 20  ? 8.344   -14.105 9.918   1.000 20.452 ? 59  GLN AAA C   1 ? 
ATOM   155  O O   . GLN A 1 20  ? 9.197   -15.002 10.001  1.000 21.801 ? 59  GLN AAA O   1 ? 
ATOM   156  C CB  . GLN A 1 20  ? 6.246   -14.742 11.071  1.000 23.302 ? 59  GLN AAA CB  1 ? 
ATOM   157  C CG  . GLN A 1 20  ? 4.769   -15.085 10.970  1.000 26.992 ? 59  GLN AAA CG  1 ? 
ATOM   158  C CD  . GLN A 1 20  ? 4.078   -15.148 12.307  1.000 36.373 ? 59  GLN AAA CD  1 ? 
ATOM   159  O OE1 . GLN A 1 20  ? 3.327   -16.081 12.597  1.000 44.039 ? 59  GLN AAA OE1 1 ? 
ATOM   160  N NE2 . GLN A 1 20  ? 4.306   -14.136 13.130  1.000 35.465 ? 59  GLN AAA NE2 1 ? 
ATOM   161  N N   . THR A 1 21  ? 8.701   -12.818 9.856   1.000 18.080 ? 60  THR AAA N   1 ? 
ATOM   162  C CA  . THR A 1 21  ? 10.061  -12.418 10.213  1.000 16.176 ? 60  THR AAA CA  1 ? 
ATOM   163  C C   . THR A 1 21  ? 9.926   -11.240 11.177  1.000 16.454 ? 60  THR AAA C   1 ? 
ATOM   164  O O   . THR A 1 21  ? 8.868   -10.583 11.268  1.000 15.702 ? 60  THR AAA O   1 ? 
ATOM   165  C CB  . THR A 1 21  ? 10.940  -12.031 9.012   1.000 17.376 ? 60  THR AAA CB  1 ? 
ATOM   166  O OG1 . THR A 1 21  ? 10.525  -10.746 8.513   1.000 16.825 ? 60  THR AAA OG1 1 ? 
ATOM   167  C CG2 . THR A 1 21  ? 10.948  -13.056 7.889   1.000 19.582 ? 60  THR AAA CG2 1 ? 
ATOM   168  N N   . ASN A 1 22  ? 11.014  -10.965 11.904  1.000 15.661 ? 61  ASN AAA N   1 ? 
ATOM   169  C CA  . ASN A 1 22  ? 10.952  -9.824  12.809  1.000 16.295 ? 61  ASN AAA CA  1 ? 
ATOM   170  C C   . ASN A 1 22  ? 10.764  -8.504  12.034  1.000 15.049 ? 61  ASN AAA C   1 ? 
ATOM   171  O O   . ASN A 1 22  ? 10.171  -7.544  12.544  1.000 15.006 ? 61  ASN AAA O   1 ? 
ATOM   172  C CB  . ASN A 1 22  ? 12.203  -9.772  13.699  1.000 15.436 ? 61  ASN AAA CB  1 ? 
ATOM   173  C CG  . ASN A 1 22  ? 13.485  -9.484  12.957  1.000 16.803 ? 61  ASN AAA CG  1 ? 
ATOM   174  O OD1 . ASN A 1 22  ? 13.836  -10.136 11.985  1.000 19.187 ? 61  ASN AAA OD1 1 ? 
ATOM   175  N ND2 . ASN A 1 22  ? 14.203  -8.485  13.431  1.000 18.818 ? 61  ASN AAA ND2 1 ? 
ATOM   176  N N   . GLN A 1 23  ? 11.319  -8.447  10.815  1.000 14.618 ? 62  GLN AAA N   1 ? 
ATOM   177  C CA  . GLN A 1 23  ? 11.137  -7.257  9.987   1.000 13.876 ? 62  GLN AAA CA  1 ? 
ATOM   178  C C   . GLN A 1 23  ? 9.680   -7.091  9.559   1.000 13.729 ? 62  GLN AAA C   1 ? 
ATOM   179  O O   . GLN A 1 23  ? 9.168   -5.981  9.543   1.000 13.523 ? 62  GLN AAA O   1 ? 
ATOM   180  C CB  . GLN A 1 23  ? 12.039  -7.336  8.766   1.000 14.416 ? 62  GLN AAA CB  1 ? 
ATOM   181  C CG  . GLN A 1 23  ? 13.528  -7.348  9.130   1.000 15.817 ? 62  GLN AAA CG  1 ? 
ATOM   182  C CD  . GLN A 1 23  ? 14.367  -7.316  7.887   1.000 15.303 ? 62  GLN AAA CD  1 ? 
ATOM   183  O OE1 . GLN A 1 23  ? 14.047  -7.923  6.868   1.000 16.656 ? 62  GLN AAA OE1 1 ? 
ATOM   184  N NE2 . GLN A 1 23  ? 15.547  -6.732  7.998   1.000 15.287 ? 62  GLN AAA NE2 1 ? 
ATOM   185  N N   . LEU A 1 24  ? 9.043   -8.195  9.187   1.000 13.987 ? 63  LEU AAA N   1 ? 
ATOM   186  C CA  . LEU A 1 24  ? 7.608   -8.139  8.851   1.000 13.943 ? 63  LEU AAA CA  1 ? 
ATOM   187  C C   . LEU A 1 24  ? 6.766   -7.759  10.057  1.000 14.567 ? 63  LEU AAA C   1 ? 
ATOM   188  O O   . LEU A 1 24  ? 5.798   -7.014  9.914   1.000 15.679 ? 63  LEU AAA O   1 ? 
ATOM   189  C CB  . LEU A 1 24  ? 7.177   -9.445  8.192   1.000 14.706 ? 63  LEU AAA CB  1 ? 
ATOM   190  C CG  . LEU A 1 24  ? 7.614   -9.557  6.728   1.000 13.951 ? 63  LEU AAA CG  1 ? 
ATOM   191  C CD1 . LEU A 1 24  ? 7.550   -11.028 6.264   1.000 15.709 ? 63  LEU AAA CD1 1 ? 
ATOM   192  C CD2 . LEU A 1 24  ? 6.714   -8.678  5.831   1.000 13.089 ? 63  LEU AAA CD2 1 ? 
ATOM   193  N N   . GLN A 1 25  ? 7.121   -8.237  11.270  1.000 14.255 ? 64  GLN AAA N   1 ? 
ATOM   194  C CA  . GLN A 1 25  ? 6.405   -7.830  12.465  1.000 16.369 ? 64  GLN AAA CA  1 ? 
ATOM   195  C C   . GLN A 1 25  ? 6.529   -6.317  12.673  1.000 14.477 ? 64  GLN AAA C   1 ? 
ATOM   196  O O   . GLN A 1 25  ? 5.545   -5.640  12.964  1.000 16.195 ? 64  GLN AAA O   1 ? 
ATOM   197  C CB  . GLN A 1 25  ? 6.967   -8.600  13.656  1.000 17.838 ? 64  GLN AAA CB  1 ? 
ATOM   198  C CG  . GLN A 1 25  ? 6.620   -10.089 13.583  1.000 24.614 ? 64  GLN AAA CG  1 ? 
ATOM   199  C CD  . GLN A 1 25  ? 7.242   -10.902 14.692  0.500 25.777 ? 64  GLN AAA CD  1 ? 
ATOM   200  O OE1 . GLN A 1 25  ? 8.428   -10.776 15.005  0.500 29.137 ? 64  GLN AAA OE1 1 ? 
ATOM   201  N NE2 . GLN A 1 25  ? 6.432   -11.757 15.288  0.500 29.139 ? 64  GLN AAA NE2 1 ? 
ATOM   202  N N   . TYR A 1 26  ? 7.722   -5.755  12.467  1.000 14.894 ? 65  TYR AAA N   1 ? 
ATOM   203  C CA  . TYR A 1 26  ? 7.918   -4.314  12.564  1.000 14.446 ? 65  TYR AAA CA  1 ? 
ATOM   204  C C   . TYR A 1 26  ? 7.113   -3.570  11.495  1.000 14.102 ? 65  TYR AAA C   1 ? 
ATOM   205  O O   . TYR A 1 26  ? 6.565   -2.515  11.772  1.000 15.265 ? 65  TYR AAA O   1 ? 
ATOM   206  C CB  . TYR A 1 26  ? 9.422   -4.050  12.394  1.000 14.556 ? 65  TYR AAA CB  1 ? 
ATOM   207  C CG  . TYR A 1 26  ? 9.834   -2.607  12.365  1.000 15.500 ? 65  TYR AAA CG  1 ? 
ATOM   208  C CD1 . TYR A 1 26  ? 9.938   -1.899  11.161  1.000 15.923 ? 65  TYR AAA CD1 1 ? 
ATOM   209  C CD2 . TYR A 1 26  ? 10.192  -1.952  13.535  1.000 17.397 ? 65  TYR AAA CD2 1 ? 
ATOM   210  C CE1 . TYR A 1 26  ? 10.321  -0.562  11.125  1.000 17.197 ? 65  TYR AAA CE1 1 ? 
ATOM   211  C CE2 . TYR A 1 26  ? 10.575  -0.619  13.513  1.000 16.937 ? 65  TYR AAA CE2 1 ? 
ATOM   212  C CZ  . TYR A 1 26  ? 10.696  0.069   12.310  1.000 16.651 ? 65  TYR AAA CZ  1 ? 
ATOM   213  O OH  . TYR A 1 26  ? 11.111  1.378   12.286  1.000 18.311 ? 65  TYR AAA OH  1 ? 
ATOM   214  N N   . LEU A 1 27  ? 7.070   -4.103  10.279  1.000 14.603 ? 66  LEU AAA N   1 ? 
ATOM   215  C CA  . LEU A 1 27  ? 6.264   -3.457  9.254   1.000 13.722 ? 66  LEU AAA CA  1 ? 
ATOM   216  C C   . LEU A 1 27  ? 4.789   -3.352  9.649   1.000 14.886 ? 66  LEU AAA C   1 ? 
ATOM   217  O O   . LEU A 1 27  ? 4.136   -2.371  9.280   1.000 15.308 ? 66  LEU AAA O   1 ? 
ATOM   218  C CB  . LEU A 1 27  ? 6.485   -4.186  7.927   1.000 12.411 ? 66  LEU AAA CB  1 ? 
ATOM   219  C CG  . LEU A 1 27  ? 7.740   -3.760  7.175   1.000 13.882 ? 66  LEU AAA CG  1 ? 
ATOM   220  C CD1 . LEU A 1 27  ? 8.272   -4.851  6.263   1.000 15.895 ? 66  LEU AAA CD1 1 ? 
ATOM   221  C CD2 . LEU A 1 27  ? 7.452   -2.510  6.347   1.000 15.478 ? 66  LEU AAA CD2 1 ? 
ATOM   222  N N   . LEU A 1 28  ? 4.269   -4.342  10.384  1.000 14.456 ? 67  LEU AAA N   1 ? 
ATOM   223  C CA  . LEU A 1 28  ? 2.890   -4.238  10.869  1.000 15.807 ? 67  LEU AAA CA  1 ? 
ATOM   224  C C   . LEU A 1 28  ? 2.760   -3.341  12.109  1.000 18.477 ? 67  LEU AAA C   1 ? 
ATOM   225  O O   . LEU A 1 28  ? 1.959   -2.408  12.120  1.000 19.523 ? 67  LEU AAA O   1 ? 
ATOM   226  C CB  . LEU A 1 28  ? 2.299   -5.636  11.113  1.000 16.000 ? 67  LEU AAA CB  1 ? 
ATOM   227  C CG  . LEU A 1 28  ? 0.872   -5.642  11.695  1.000 17.232 ? 67  LEU AAA CG  1 ? 
ATOM   228  C CD1 . LEU A 1 28  ? -0.128  -4.952  10.776  1.000 17.810 ? 67  LEU AAA CD1 1 ? 
ATOM   229  C CD2 . LEU A 1 28  ? 0.425   -7.071  11.988  1.000 18.353 ? 67  LEU AAA CD2 1 ? 
ATOM   230  N N   . ARG A 1 29  ? 3.560   -3.632  13.130  1.000 17.277 ? 68  ARG AAA N   1 ? 
ATOM   231  C CA  . ARG A 1 29  ? 3.369   -3.033  14.442  1.000 19.362 ? 68  ARG AAA CA  1 ? 
ATOM   232  C C   . ARG A 1 29  ? 3.870   -1.594  14.499  1.000 19.886 ? 68  ARG AAA C   1 ? 
ATOM   233  O O   . ARG A 1 29  ? 3.348   -0.817  15.309  1.000 22.001 ? 68  ARG AAA O   1 ? 
ATOM   234  C CB  . ARG A 1 29  ? 4.108   -3.877  15.481  1.000 22.055 ? 68  ARG AAA CB  1 ? 
ATOM   235  C CG  . ARG A 1 29  ? 3.466   -5.238  15.720  1.000 23.787 ? 68  ARG AAA CG  1 ? 
ATOM   236  C CD  . ARG A 1 29  ? 4.355   -6.111  16.606  1.000 30.878 ? 68  ARG AAA CD  1 ? 
ATOM   237  N NE  . ARG A 1 29  ? 3.846   -7.429  16.964  0.500 29.036 ? 68  ARG AAA NE  1 ? 
ATOM   238  C CZ  . ARG A 1 29  ? 3.245   -7.737  18.114  0.500 32.789 ? 68  ARG AAA CZ  1 ? 
ATOM   239  N NH1 . ARG A 1 29  ? 3.044   -6.816  19.043  0.500 34.397 ? 68  ARG AAA NH1 1 ? 
ATOM   240  N NH2 . ARG A 1 29  ? 2.825   -8.971  18.328  0.500 31.765 ? 68  ARG AAA NH2 1 ? 
ATOM   241  N N   . VAL A 1 30  ? 4.855   -1.225  13.669  1.000 18.327 ? 69  VAL AAA N   1 ? 
ATOM   242  C CA  . VAL A 1 30  ? 5.404   0.126   13.698  1.000 18.174 ? 69  VAL AAA CA  1 ? 
ATOM   243  C C   . VAL A 1 30  ? 5.036   0.869   12.404  1.000 18.004 ? 69  VAL AAA C   1 ? 
ATOM   244  O O   . VAL A 1 30  ? 4.444   1.953   12.474  1.000 20.088 ? 69  VAL AAA O   1 ? 
ATOM   245  C CB  . VAL A 1 30  ? 6.918   0.115   13.977  1.000 19.845 ? 69  VAL AAA CB  1 ? 
ATOM   246  C CG1 . VAL A 1 30  ? 7.519   1.515   13.817  1.000 21.359 ? 69  VAL AAA CG1 1 ? 
ATOM   247  C CG2 . VAL A 1 30  ? 7.208   -0.479  15.362  1.000 20.911 ? 69  VAL AAA CG2 1 ? 
ATOM   248  N N   . VAL A 1 31  ? 5.388   0.309   11.238  1.000 16.022 ? 70  VAL AAA N   1 ? 
ATOM   249  C CA  . VAL A 1 31  ? 5.287   1.076   10.000  1.000 16.686 ? 70  VAL AAA CA  1 ? 
ATOM   250  C C   . VAL A 1 31  ? 3.813   1.262   9.642   1.000 16.242 ? 70  VAL AAA C   1 ? 
ATOM   251  O O   . VAL A 1 31  ? 3.358   2.426   9.517   1.000 18.003 ? 70  VAL AAA O   1 ? 
ATOM   252  C CB  . VAL A 1 31  ? 6.085   0.474   8.837   1.000 14.422 ? 70  VAL AAA CB  1 ? 
ATOM   253  C CG1 . VAL A 1 31  ? 5.977   1.327   7.572   1.000 17.705 ? 70  VAL AAA CG1 1 ? 
ATOM   254  C CG2 . VAL A 1 31  ? 7.562   0.251   9.180   1.000 17.322 ? 70  VAL AAA CG2 1 ? 
ATOM   255  N N   . LEU A 1 32  ? 3.067   0.156   9.475   1.000 16.205 ? 71  LEU AAA N   1 ? 
ATOM   256  C CA  . LEU A 1 32  ? 1.665   0.271   9.047   1.000 16.279 ? 71  LEU AAA CA  1 ? 
ATOM   257  C C   . LEU A 1 32  ? 0.843   0.991   10.129  1.000 18.203 ? 71  LEU AAA C   1 ? 
ATOM   258  O O   . LEU A 1 32  ? 0.077   1.908   9.810   1.000 18.908 ? 71  LEU AAA O   1 ? 
ATOM   259  C CB  . LEU A 1 32  ? 1.134   -1.146  8.732   1.000 17.014 ? 71  LEU AAA CB  1 ? 
ATOM   260  C CG  . LEU A 1 32  ? -0.284  -1.245  8.131   1.000 19.633 ? 71  LEU AAA CG  1 ? 
ATOM   261  C CD1 . LEU A 1 32  ? -1.385  -1.030  9.157   1.000 20.980 ? 71  LEU AAA CD1 1 ? 
ATOM   262  C CD2 . LEU A 1 32  ? -0.433  -0.348  6.906   1.000 18.971 ? 71  LEU AAA CD2 1 ? 
ATOM   263  N N   . LYS A 1 33  ? 1.049   0.675   11.414  1.000 18.349 ? 72  LYS AAA N   1 ? 
ATOM   264  C CA  . LYS A 1 33  ? 0.361   1.333   12.516  1.000 21.653 ? 72  LYS AAA CA  1 ? 
ATOM   265  C C   . LYS A 1 33  ? 0.547   2.859   12.441  1.000 21.684 ? 72  LYS AAA C   1 ? 
ATOM   266  O O   . LYS A 1 33  ? -0.438  3.596   12.581  1.000 22.765 ? 72  LYS AAA O   1 ? 
ATOM   267  C CB  . LYS A 1 33  ? 0.848   0.776   13.860  1.000 25.332 ? 72  LYS AAA CB  1 ? 
ATOM   268  C CG  . LYS A 1 33  ? 0.060   1.289   15.064  0.500 22.828 ? 72  LYS AAA CG  1 ? 
ATOM   269  C CD  . LYS A 1 33  ? 0.705   0.997   16.409  0.500 24.446 ? 72  LYS AAA CD  1 ? 
ATOM   270  C CE  . LYS A 1 33  ? 2.018   1.724   16.614  0.500 27.434 ? 72  LYS AAA CE  1 ? 
ATOM   271  N NZ  . LYS A 1 33  ? 1.841   3.099   17.145  0.500 27.607 ? 72  LYS AAA NZ  1 ? 
ATOM   272  N N   . THR A 1 34  ? 1.791   3.329   12.251  1.000 19.242 ? 73  THR AAA N   1 ? 
ATOM   273  C CA  . THR A 1 34  ? 2.109   4.757   12.185  1.000 21.734 ? 73  THR AAA CA  1 ? 
ATOM   274  C C   . THR A 1 34  ? 1.345   5.417   11.030  1.000 20.912 ? 73  THR AAA C   1 ? 
ATOM   275  O O   . THR A 1 34  ? 0.702   6.455   11.202  1.000 21.864 ? 73  THR AAA O   1 ? 
ATOM   276  C CB  . THR A 1 34  ? 3.624   5.019   12.055  1.000 21.965 ? 73  THR AAA CB  1 ? 
ATOM   277  O OG1 . THR A 1 34  ? 4.232   4.505   13.250  1.000 25.940 ? 73  THR AAA OG1 1 ? 
ATOM   278  C CG2 . THR A 1 34  ? 3.974   6.489   11.893  1.000 23.891 ? 73  THR AAA CG2 1 ? 
ATOM   279  N N   . LEU A 1 35  ? 1.482   4.857   9.818   1.000 18.812 ? 74  LEU AAA N   1 ? 
ATOM   280  C CA  . LEU A 1 35  ? 0.894   5.463   8.620   1.000 19.647 ? 74  LEU AAA CA  1 ? 
ATOM   281  C C   . LEU A 1 35  ? -0.635  5.440   8.660   1.000 19.384 ? 74  LEU AAA C   1 ? 
ATOM   282  O O   . LEU A 1 35  ? -1.276  6.428   8.285   1.000 20.340 ? 74  LEU AAA O   1 ? 
ATOM   283  C CB  . LEU A 1 35  ? 1.451   4.751   7.376   1.000 17.860 ? 74  LEU AAA CB  1 ? 
ATOM   284  C CG  . LEU A 1 35  ? 2.662   5.438   6.724   1.000 20.233 ? 74  LEU AAA CG  1 ? 
ATOM   285  C CD1 . LEU A 1 35  ? 3.922   5.343   7.576   1.000 23.672 ? 74  LEU AAA CD1 1 ? 
ATOM   286  C CD2 . LEU A 1 35  ? 2.948   4.857   5.336   1.000 21.235 ? 74  LEU AAA CD2 1 ? 
ATOM   287  N N   . TRP A 1 36  ? -1.205  4.375   9.213   1.000 17.770 ? 75  TRP AAA N   1 ? 
ATOM   288  C CA  . TRP A 1 36  ? -2.644  4.135   9.191   1.000 17.344 ? 75  TRP AAA CA  1 ? 
ATOM   289  C C   . TRP A 1 36  ? -3.383  5.228   9.944   1.000 19.870 ? 75  TRP AAA C   1 ? 
ATOM   290  O O   . TRP A 1 36  ? -4.454  5.634   9.514   1.000 19.224 ? 75  TRP AAA O   1 ? 
ATOM   291  C CB  . TRP A 1 36  ? -2.979  2.756   9.752   1.000 19.357 ? 75  TRP AAA CB  1 ? 
ATOM   292  C CG  . TRP A 1 36  ? -4.414  2.376   9.569   1.000 19.787 ? 75  TRP AAA CG  1 ? 
ATOM   293  C CD1 . TRP A 1 36  ? -5.474  2.567   10.419  1.000 21.189 ? 75  TRP AAA CD1 1 ? 
ATOM   294  C CD2 . TRP A 1 36  ? -4.941  1.718   8.404   1.000 17.126 ? 75  TRP AAA CD2 1 ? 
ATOM   295  N NE1 . TRP A 1 36  ? -6.629  2.072   9.860   1.000 22.564 ? 75  TRP AAA NE1 1 ? 
ATOM   296  C CE2 . TRP A 1 36  ? -6.322  1.507   8.636   1.000 18.200 ? 75  TRP AAA CE2 1 ? 
ATOM   297  C CE3 . TRP A 1 36  ? -4.366  1.236   7.222   1.000 16.093 ? 75  TRP AAA CE3 1 ? 
ATOM   298  C CZ2 . TRP A 1 36  ? -7.136  0.865   7.698   1.000 17.436 ? 75  TRP AAA CZ2 1 ? 
ATOM   299  C CZ3 . TRP A 1 36  ? -5.175  0.603   6.302   1.000 16.343 ? 75  TRP AAA CZ3 1 ? 
ATOM   300  C CH2 . TRP A 1 36  ? -6.543  0.434   6.533   1.000 17.421 ? 75  TRP AAA CH2 1 ? 
ATOM   301  N N   . LYS A 1 37  ? -2.783  5.732   11.034  1.000 18.785 ? 76  LYS AAA N   1 ? 
ATOM   302  C CA  . LYS A 1 37  ? -3.518  6.638   11.915  1.000 22.179 ? 76  LYS AAA CA  1 ? 
ATOM   303  C C   . LYS A 1 37  ? -3.240  8.090   11.551  1.000 23.913 ? 76  LYS AAA C   1 ? 
ATOM   304  O O   . LYS A 1 37  ? -3.845  9.001   12.141  1.000 25.754 ? 76  LYS AAA O   1 ? 
ATOM   305  C CB  . LYS A 1 37  ? -3.187  6.335   13.382  1.000 23.830 ? 76  LYS AAA CB  1 ? 
ATOM   306  C CG  . LYS A 1 37  ? -1.760  6.657   13.799  1.000 25.481 ? 76  LYS AAA CG  1 ? 
ATOM   307  C CD  . LYS A 1 37  ? -1.505  6.218   15.226  1.000 27.854 ? 76  LYS AAA CD  1 ? 
ATOM   308  C CE  . LYS A 1 37  ? -0.030  6.193   15.576  1.000 30.556 ? 76  LYS AAA CE  1 ? 
ATOM   309  N NZ  . LYS A 1 37  ? 0.507   7.564   15.714  1.000 32.739 ? 76  LYS AAA NZ  1 ? 
ATOM   310  N N   . HIS A 1 38  ? -2.368  8.326   10.568  1.000 20.274 ? 77  HIS AAA N   1 ? 
ATOM   311  C CA  . HIS A 1 38  ? -2.100  9.679   10.093  1.000 20.398 ? 77  HIS AAA CA  1 ? 
ATOM   312  C C   . HIS A 1 38  ? -3.356  10.376  9.553   1.000 19.616 ? 77  HIS AAA C   1 ? 
ATOM   313  O O   . HIS A 1 38  ? -4.203  9.709   8.966   1.000 19.332 ? 77  HIS AAA O   1 ? 
ATOM   314  C CB  . HIS A 1 38  ? -1.017  9.642   9.026   1.000 20.815 ? 77  HIS AAA CB  1 ? 
ATOM   315  C CG  . HIS A 1 38  ? -0.422  10.969  8.717   1.000 20.459 ? 77  HIS AAA CG  1 ? 
ATOM   316  N ND1 . HIS A 1 38  ? -1.006  11.871  7.840   1.000 18.458 ? 77  HIS AAA ND1 1 ? 
ATOM   317  C CD2 . HIS A 1 38  ? 0.740   11.542  9.111   1.000 21.476 ? 77  HIS AAA CD2 1 ? 
ATOM   318  C CE1 . HIS A 1 38  ? -0.247  12.930  7.715   1.000 21.311 ? 77  HIS AAA CE1 1 ? 
ATOM   319  N NE2 . HIS A 1 38  ? 0.857   12.738  8.495   1.000 20.895 ? 77  HIS AAA NE2 1 ? 
ATOM   320  N N   . GLN A 1 39  ? -3.461  11.707  9.770   1.000 20.116 ? 78  GLN AAA N   1 ? 
ATOM   321  C CA  . GLN A 1 39  ? -4.573  12.517  9.271   1.000 22.846 ? 78  GLN AAA CA  1 ? 
ATOM   322  C C   . GLN A 1 39  ? -4.836  12.315  7.776   1.000 19.726 ? 78  GLN AAA C   1 ? 
ATOM   323  O O   . GLN A 1 39  ? -6.000  12.359  7.335   1.000 18.791 ? 78  GLN AAA O   1 ? 
ATOM   324  C CB  . GLN A 1 39  ? -4.315  14.003  9.550   1.000 24.376 ? 78  GLN AAA CB  1 ? 
ATOM   325  C CG  . GLN A 1 39  ? -5.307  14.974  8.904   1.000 31.012 ? 78  GLN AAA CG  1 ? 
ATOM   326  C CD  . GLN A 1 39  ? -5.068  16.434  9.253   1.000 32.946 ? 78  GLN AAA CD  1 ? 
ATOM   327  O OE1 . GLN A 1 39  ? -5.904  17.098  9.891   1.000 38.760 ? 78  GLN AAA OE1 1 ? 
ATOM   328  N NE2 . GLN A 1 39  ? -3.910  16.955  8.862   1.000 30.271 ? 78  GLN AAA NE2 1 ? 
ATOM   329  N N   . PHE A 1 40  ? -3.770  12.000  7.024   1.000 17.736 ? 79  PHE AAA N   1 ? 
ATOM   330  C CA  . PHE A 1 40  ? -3.860  11.936  5.560   1.000 16.955 ? 79  PHE AAA CA  1 ? 
ATOM   331  C C   . PHE A 1 40  ? -3.918  10.492  5.025   1.000 17.065 ? 79  PHE AAA C   1 ? 
ATOM   332  O O   . PHE A 1 40  ? -3.799  10.287  3.814   1.000 16.266 ? 79  PHE AAA O   1 ? 
ATOM   333  C CB  . PHE A 1 40  ? -2.701  12.694  4.899   1.000 18.144 ? 79  PHE AAA CB  1 ? 
ATOM   334  C CG  . PHE A 1 40  ? -2.690  14.192  5.095   1.000 18.811 ? 79  PHE AAA CG  1 ? 
ATOM   335  C CD1 . PHE A 1 40  ? -3.875  14.860  5.377   1.000 19.185 ? 79  PHE AAA CD1 1 ? 
ATOM   336  C CD2 . PHE A 1 40  ? -1.535  14.936  4.853   1.000 19.987 ? 79  PHE AAA CD2 1 ? 
ATOM   337  C CE1 . PHE A 1 40  ? -3.863  16.251  5.504   1.000 20.715 ? 79  PHE AAA CE1 1 ? 
ATOM   338  C CE2 . PHE A 1 40  ? -1.528  16.327  4.989   1.000 21.367 ? 79  PHE AAA CE2 1 ? 
ATOM   339  C CZ  . PHE A 1 40  ? -2.699  16.977  5.319   1.000 20.744 ? 79  PHE AAA CZ  1 ? 
ATOM   340  N N   . ALA A 1 41  ? -4.129  9.499   5.893   1.000 16.154 ? 80  ALA AAA N   1 ? 
ATOM   341  C CA  . ALA A 1 41  ? -4.101  8.097   5.466   1.000 16.570 ? 80  ALA AAA CA  1 ? 
ATOM   342  C C   . ALA A 1 41  ? -5.336  7.718   4.666   1.000 16.589 ? 80  ALA AAA C   1 ? 
ATOM   343  O O   . ALA A 1 41  ? -5.270  6.762   3.910   1.000 16.471 ? 80  ALA AAA O   1 ? 
ATOM   344  C CB  . ALA A 1 41  ? -3.988  7.192   6.662   1.000 18.992 ? 80  ALA AAA CB  1 ? 
ATOM   345  N N   . TRP A 1 42  ? -6.495  8.307   4.985   1.000 16.375 ? 81  TRP AAA N   1 ? 
ATOM   346  C CA  . TRP A 1 42  ? -7.766  7.750   4.546   1.000 15.937 ? 81  TRP AAA CA  1 ? 
ATOM   347  C C   . TRP A 1 42  ? -7.840  7.469   3.039   1.000 14.607 ? 81  TRP AAA C   1 ? 
ATOM   348  O O   . TRP A 1 42  ? -8.432  6.447   2.640   1.000 15.268 ? 81  TRP AAA O   1 ? 
ATOM   349  C CB  . TRP A 1 42  ? -8.967  8.540   5.114   1.000 16.102 ? 81  TRP AAA CB  1 ? 
ATOM   350  C CG  . TRP A 1 42  ? -9.079  9.922   4.550   1.000 16.562 ? 81  TRP AAA CG  1 ? 
ATOM   351  C CD1 . TRP A 1 42  ? -8.630  11.108  5.077   1.000 17.175 ? 81  TRP AAA CD1 1 ? 
ATOM   352  C CD2 . TRP A 1 42  ? -9.635  10.269  3.270   1.000 16.091 ? 81  TRP AAA CD2 1 ? 
ATOM   353  N NE1 . TRP A 1 42  ? -8.860  12.150  4.208   1.000 17.636 ? 81  TRP AAA NE1 1 ? 
ATOM   354  C CE2 . TRP A 1 42  ? -9.511  11.671  3.103   1.000 17.984 ? 81  TRP AAA CE2 1 ? 
ATOM   355  C CE3 . TRP A 1 42  ? -10.260 9.535   2.253   1.000 17.261 ? 81  TRP AAA CE3 1 ? 
ATOM   356  C CZ2 . TRP A 1 42  ? -9.980  12.347  1.970   1.000 16.945 ? 81  TRP AAA CZ2 1 ? 
ATOM   357  C CZ3 . TRP A 1 42  ? -10.714 10.193  1.133   1.000 17.303 ? 81  TRP AAA CZ3 1 ? 
ATOM   358  C CH2 . TRP A 1 42  ? -10.601 11.584  0.994   1.000 17.531 ? 81  TRP AAA CH2 1 ? 
ATOM   359  N N   . PRO A 1 43  ? -7.280  8.287   2.120   1.000 14.042 ? 82  PRO AAA N   1 ? 
ATOM   360  C CA  . PRO A 1 43  ? -7.392  7.960   0.704   1.000 13.212 ? 82  PRO AAA CA  1 ? 
ATOM   361  C C   . PRO A 1 43  ? -6.640  6.713   0.271   1.000 12.682 ? 82  PRO AAA C   1 ? 
ATOM   362  O O   . PRO A 1 43  ? -6.815  6.268   -0.855  1.000 14.971 ? 82  PRO AAA O   1 ? 
ATOM   363  C CB  . PRO A 1 43  ? -6.773  9.133   -0.049  1.000 14.134 ? 82  PRO AAA CB  1 ? 
ATOM   364  C CG  . PRO A 1 43  ? -6.827  10.287  0.976   1.000 15.201 ? 82  PRO AAA CG  1 ? 
ATOM   365  C CD  . PRO A 1 43  ? -6.606  9.589   2.304   1.000 13.990 ? 82  PRO AAA CD  1 ? 
ATOM   366  N N   . PHE A 1 44  ? -5.805  6.203   1.182   1.000 12.621 ? 83  PHE AAA N   1 ? 
ATOM   367  C CA  . PHE A 1 44  ? -4.921  5.071   0.924   1.000 13.139 ? 83  PHE AAA CA  1 ? 
ATOM   368  C C   . PHE A 1 44  ? -5.348  3.849   1.716   1.000 13.384 ? 83  PHE AAA C   1 ? 
ATOM   369  O O   . PHE A 1 44  ? -4.656  2.836   1.643   1.000 14.188 ? 83  PHE AAA O   1 ? 
ATOM   370  C CB  . PHE A 1 44  ? -3.468  5.478   1.257   1.000 12.314 ? 83  PHE AAA CB  1 ? 
ATOM   371  C CG  . PHE A 1 44  ? -3.046  6.728   0.515   1.000 12.850 ? 83  PHE AAA CG  1 ? 
ATOM   372  C CD1 . PHE A 1 44  ? -2.621  6.668   -0.813  1.000 13.884 ? 83  PHE AAA CD1 1 ? 
ATOM   373  C CD2 . PHE A 1 44  ? -3.087  7.969   1.144   1.000 13.567 ? 83  PHE AAA CD2 1 ? 
ATOM   374  C CE1 . PHE A 1 44  ? -2.276  7.825   -1.500  1.000 15.803 ? 83  PHE AAA CE1 1 ? 
ATOM   375  C CE2 . PHE A 1 44  ? -2.763  9.128   0.442   1.000 13.691 ? 83  PHE AAA CE2 1 ? 
ATOM   376  C CZ  . PHE A 1 44  ? -2.345  9.039   -0.855  1.000 14.400 ? 83  PHE AAA CZ  1 ? 
ATOM   377  N N   . GLN A 1 45  ? -6.452  3.888   2.455   1.000 13.342 ? 84  GLN AAA N   1 ? 
ATOM   378  C CA  . GLN A 1 45  ? -6.803  2.782   3.322   1.000 13.640 ? 84  GLN AAA CA  1 ? 
ATOM   379  C C   . GLN A 1 45  ? -7.600  1.671   2.626   1.000 13.467 ? 84  GLN AAA C   1 ? 
ATOM   380  O O   . GLN A 1 45  ? -7.934  0.682   3.266   1.000 14.391 ? 84  GLN AAA O   1 ? 
ATOM   381  C CB  . GLN A 1 45  ? -7.567  3.316   4.536   1.000 15.611 ? 84  GLN AAA CB  1 ? 
ATOM   382  C CG  . GLN A 1 45  ? -6.637  4.014   5.517   1.000 15.294 ? 84  GLN AAA CG  1 ? 
ATOM   383  C CD  . GLN A 1 45  ? -7.435  4.618   6.650   1.000 17.848 ? 84  GLN AAA CD  1 ? 
ATOM   384  O OE1 . GLN A 1 45  ? -8.632  4.892   6.508   1.000 18.886 ? 84  GLN AAA OE1 1 ? 
ATOM   385  N NE2 . GLN A 1 45  ? -6.777  4.851   7.778   1.000 19.274 ? 84  GLN AAA NE2 1 ? 
ATOM   386  N N   . GLN A 1 46  ? -7.899  1.847   1.338   1.000 13.019 ? 85  GLN AAA N   1 ? 
ATOM   387  C CA  . GLN A 1 46  ? -8.616  0.844   0.548   1.000 13.487 ? 85  GLN AAA CA  1 ? 
ATOM   388  C C   . GLN A 1 46  ? -8.305  1.066   -0.919  1.000 12.991 ? 85  GLN AAA C   1 ? 
ATOM   389  O O   . GLN A 1 46  ? -7.793  2.110   -1.324  1.000 13.109 ? 85  GLN AAA O   1 ? 
ATOM   390  C CB  . GLN A 1 46  ? -10.128 1.002   0.797   1.000 13.794 ? 85  GLN AAA CB  1 ? 
ATOM   391  C CG  . GLN A 1 46  ? -10.682 2.398   0.447   1.000 14.685 ? 85  GLN AAA CG  1 ? 
ATOM   392  C CD  . GLN A 1 46  ? -10.332 3.456   1.477   1.000 14.510 ? 85  GLN AAA CD  1 ? 
ATOM   393  O OE1 . GLN A 1 46  ? -10.527 3.227   2.669   1.000 18.282 ? 85  GLN AAA OE1 1 ? 
ATOM   394  N NE2 . GLN A 1 46  ? -9.768  4.550   1.014   1.000 15.806 ? 85  GLN AAA NE2 1 ? 
ATOM   395  N N   . PRO A 1 47  ? -8.610  0.081   -1.789  1.000 12.757 ? 86  PRO AAA N   1 ? 
ATOM   396  C CA  . PRO A 1 47  ? -8.374  0.244   -3.221  1.000 12.388 ? 86  PRO AAA CA  1 ? 
ATOM   397  C C   . PRO A 1 47  ? -9.141  1.445   -3.776  1.000 13.009 ? 86  PRO AAA C   1 ? 
ATOM   398  O O   . PRO A 1 47  ? -10.208 1.837   -3.279  1.000 14.780 ? 86  PRO AAA O   1 ? 
ATOM   399  C CB  . PRO A 1 47  ? -8.946  -1.075  -3.828  1.000 13.662 ? 86  PRO AAA CB  1 ? 
ATOM   400  C CG  . PRO A 1 47  ? -8.824  -2.049  -2.678  1.000 13.183 ? 86  PRO AAA CG  1 ? 
ATOM   401  C CD  . PRO A 1 47  ? -9.100  -1.261  -1.425  1.000 13.875 ? 86  PRO AAA CD  1 ? 
ATOM   402  N N   . VAL A 1 48  ? -8.564  2.026   -4.823  1.000 12.915 ? 87  VAL AAA N   1 ? 
ATOM   403  C CA  . VAL A 1 48  ? -9.218  3.131   -5.519  1.000 13.666 ? 87  VAL AAA CA  1 ? 
ATOM   404  C C   . VAL A 1 48  ? -10.520 2.627   -6.138  1.000 14.047 ? 87  VAL AAA C   1 ? 
ATOM   405  O O   . VAL A 1 48  ? -10.517 1.707   -6.960  1.000 14.983 ? 87  VAL AAA O   1 ? 
ATOM   406  C CB  . VAL A 1 48  ? -8.263  3.741   -6.558  1.000 13.206 ? 87  VAL AAA CB  1 ? 
ATOM   407  C CG1 . VAL A 1 48  ? -8.971  4.743   -7.469  1.000 14.165 ? 87  VAL AAA CG1 1 ? 
ATOM   408  C CG2 . VAL A 1 48  ? -7.098  4.444   -5.859  1.000 13.700 ? 87  VAL AAA CG2 1 ? 
ATOM   409  N N   . ASP A 1 49  ? -11.649 3.247   -5.744  1.000 14.624 ? 88  ASP AAA N   1 ? 
ATOM   410  C CA  . ASP A 1 49  ? -12.936 3.011   -6.388  1.000 13.910 ? 88  ASP AAA CA  1 ? 
ATOM   411  C C   . ASP A 1 49  ? -13.092 4.019   -7.522  1.000 13.035 ? 88  ASP AAA C   1 ? 
ATOM   412  O O   . ASP A 1 49  ? -13.554 5.145   -7.279  1.000 14.569 ? 88  ASP AAA O   1 ? 
ATOM   413  C CB  . ASP A 1 49  ? -14.036 3.017   -5.344  1.000 14.303 ? 88  ASP AAA CB  1 ? 
ATOM   414  C CG  . ASP A 1 49  ? -15.432 2.819   -5.940  1.000 15.828 ? 88  ASP AAA CG  1 ? 
ATOM   415  O OD1 . ASP A 1 49  ? -15.549 2.801   -7.171  1.000 14.929 ? 88  ASP AAA OD1 1 ? 
ATOM   416  O OD2 . ASP A 1 49  ? -16.353 2.638   -5.151  1.000 21.023 ? 88  ASP AAA OD2 1 ? 
ATOM   417  N N   . ALA A 1 50  ? -12.644 3.622   -8.723  1.000 14.262 ? 89  ALA AAA N   1 ? 
ATOM   418  C CA  . ALA A 1 50  ? -12.631 4.508   -9.888  1.000 14.225 ? 89  ALA AAA CA  1 ? 
ATOM   419  C C   . ALA A 1 50  ? -14.045 4.885   -10.337 1.000 14.502 ? 89  ALA AAA C   1 ? 
ATOM   420  O O   . ALA A 1 50  ? -14.236 5.932   -10.950 1.000 15.165 ? 89  ALA AAA O   1 ? 
ATOM   421  C CB  . ALA A 1 50  ? -11.837 3.900   -11.038 1.000 16.135 ? 89  ALA AAA CB  1 ? 
ATOM   422  N N   . VAL A 1 51  ? -15.026 4.053   -10.003 1.000 14.353 ? 90  VAL AAA N   1 ? 
ATOM   423  C CA  . VAL A 1 51  ? -16.400 4.349   -10.360 1.000 16.206 ? 90  VAL AAA CA  1 ? 
ATOM   424  C C   . VAL A 1 51  ? -16.896 5.503   -9.484  1.000 14.454 ? 90  VAL AAA C   1 ? 
ATOM   425  O O   . VAL A 1 51  ? -17.349 6.528   -10.005 1.000 17.633 ? 90  VAL AAA O   1 ? 
ATOM   426  C CB  . VAL A 1 51  ? -17.291 3.087   -10.247 1.000 15.614 ? 90  VAL AAA CB  1 ? 
ATOM   427  C CG1 . VAL A 1 51  ? -18.743 3.409   -10.632 1.000 18.115 ? 90  VAL AAA CG1 1 ? 
ATOM   428  C CG2 . VAL A 1 51  ? -16.740 2.061   -11.236 1.000 17.381 ? 90  VAL AAA CG2 1 ? 
ATOM   429  N N   . LYS A 1 52  ? -16.801 5.337   -8.167  1.000 15.995 ? 91  LYS AAA N   1 ? 
ATOM   430  C CA  . LYS A 1 52  ? -17.301 6.343   -7.240  1.000 15.448 ? 91  LYS AAA CA  1 ? 
ATOM   431  C C   . LYS A 1 52  ? -16.583 7.672   -7.445  1.000 16.863 ? 91  LYS AAA C   1 ? 
ATOM   432  O O   . LYS A 1 52  ? -17.199 8.736   -7.326  1.000 16.073 ? 91  LYS AAA O   1 ? 
ATOM   433  C CB  . LYS A 1 52  ? -17.212 5.899   -5.792  1.000 17.924 ? 91  LYS AAA CB  1 ? 
ATOM   434  C CG  . LYS A 1 52  ? -17.962 6.874   -4.874  1.000 19.792 ? 91  LYS AAA CG  1 ? 
ATOM   435  C CD  . LYS A 1 52  ? -18.248 6.362   -3.482  1.000 22.515 ? 91  LYS AAA CD  1 ? 
ATOM   436  C CE  . LYS A 1 52  ? -19.313 7.189   -2.752  1.000 22.890 ? 91  LYS AAA CE  1 ? 
ATOM   437  N NZ  . LYS A 1 52  ? -19.554 6.660   -1.385  1.000 24.740 ? 91  LYS AAA NZ  1 ? 
ATOM   438  N N   . LEU A 1 53  ? -15.287 7.639   -7.746  1.000 16.000 ? 92  LEU AAA N   1 ? 
ATOM   439  C CA  . LEU A 1 53  ? -14.549 8.880   -7.894  1.000 15.496 ? 92  LEU AAA CA  1 ? 
ATOM   440  C C   . LEU A 1 53  ? -14.711 9.498   -9.275  1.000 16.808 ? 92  LEU AAA C   1 ? 
ATOM   441  O O   . LEU A 1 53  ? -14.121 10.549  -9.538  1.000 17.776 ? 92  LEU AAA O   1 ? 
ATOM   442  C CB  . LEU A 1 53  ? -13.057 8.646   -7.597  1.000 16.112 ? 92  LEU AAA CB  1 ? 
ATOM   443  C CG  . LEU A 1 53  ? -12.795 8.170   -6.171  1.000 17.274 ? 92  LEU AAA CG  1 ? 
ATOM   444  C CD1 . LEU A 1 53  ? -11.330 7.780   -5.980  1.000 19.255 ? 92  LEU AAA CD1 1 ? 
ATOM   445  C CD2 . LEU A 1 53  ? -13.291 9.168   -5.114  1.000 20.675 ? 92  LEU AAA CD2 1 ? 
ATOM   446  N N   . ASN A 1 54  ? -15.429 8.802   -10.173 1.000 16.579 ? 93  ASN AAA N   1 ? 
ATOM   447  C CA  . ASN A 1 54  ? -15.521 9.262   -11.549 1.000 17.059 ? 93  ASN AAA CA  1 ? 
ATOM   448  C C   . ASN A 1 54  ? -14.155 9.432   -12.201 1.000 18.189 ? 93  ASN AAA C   1 ? 
ATOM   449  O O   . ASN A 1 54  ? -13.881 10.442  -12.860 1.000 19.418 ? 93  ASN AAA O   1 ? 
ATOM   450  C CB  . ASN A 1 54  ? -16.402 10.528  -11.703 1.000 18.792 ? 93  ASN AAA CB  1 ? 
ATOM   451  C CG  . ASN A 1 54  ? -16.643 10.859  -13.162 1.000 26.158 ? 93  ASN AAA CG  1 ? 
ATOM   452  O OD1 . ASN A 1 54  ? -16.755 9.959   -14.007 1.000 29.425 ? 93  ASN AAA OD1 1 ? 
ATOM   453  N ND2 . ASN A 1 54  ? -16.638 12.147  -13.504 1.000 31.455 ? 93  ASN AAA ND2 1 ? 
ATOM   454  N N   . LEU A 1 55  ? -13.304 8.384   -12.069 1.000 15.436 ? 94  LEU AAA N   1 ? 
ATOM   455  C CA  . LEU A 1 55  ? -11.992 8.356   -12.686 1.000 15.869 ? 94  LEU AAA CA  1 ? 
ATOM   456  C C   . LEU A 1 55  ? -11.905 7.152   -13.602 1.000 15.148 ? 94  LEU AAA C   1 ? 
ATOM   457  O O   . LEU A 1 55  ? -11.163 6.214   -13.327 1.000 15.704 ? 94  LEU AAA O   1 ? 
ATOM   458  C CB  . LEU A 1 55  ? -10.907 8.280   -11.597 1.000 17.658 ? 94  LEU AAA CB  1 ? 
ATOM   459  C CG  . LEU A 1 55  ? -10.959 9.419   -10.570 1.000 19.006 ? 94  LEU AAA CG  1 ? 
ATOM   460  C CD1 . LEU A 1 55  ? -9.911  9.190   -9.463  1.000 20.965 ? 94  LEU AAA CD1 1 ? 
ATOM   461  C CD2 . LEU A 1 55  ? -10.676 10.760  -11.257 1.000 22.292 ? 94  LEU AAA CD2 1 ? 
ATOM   462  N N   . PRO A 1 56  ? -12.676 7.098   -14.702 1.000 15.337 ? 95  PRO AAA N   1 ? 
ATOM   463  C CA  . PRO A 1 56  ? -12.729 5.872   -15.517 1.000 14.777 ? 95  PRO AAA CA  1 ? 
ATOM   464  C C   . PRO A 1 56  ? -11.419 5.458   -16.171 1.000 14.278 ? 95  PRO AAA C   1 ? 
ATOM   465  O O   . PRO A 1 56  ? -11.278 4.295   -16.540 1.000 15.447 ? 95  PRO AAA O   1 ? 
ATOM   466  C CB  . PRO A 1 56  ? -13.792 6.225   -16.590 1.000 15.567 ? 95  PRO AAA CB  1 ? 
ATOM   467  C CG  . PRO A 1 56  ? -13.685 7.703   -16.672 1.000 16.102 ? 95  PRO AAA CG  1 ? 
ATOM   468  C CD  . PRO A 1 56  ? -13.552 8.173   -15.220 1.000 16.325 ? 95  PRO AAA CD  1 ? 
ATOM   469  N N   . ASP A 1 57  ? -10.434 6.348   -16.274 1.000 13.560 ? 96  ASP AAA N   1 ? 
ATOM   470  C CA  . ASP A 1 57  ? -9.135  5.957   -16.790 1.000 13.902 ? 96  ASP AAA CA  1 ? 
ATOM   471  C C   . ASP A 1 57  ? -8.177  5.412   -15.697 1.000 13.483 ? 96  ASP AAA C   1 ? 
ATOM   472  O O   . ASP A 1 57  ? -7.065  5.002   -16.051 1.000 16.388 ? 96  ASP AAA O   1 ? 
ATOM   473  C CB  . ASP A 1 57  ? -8.431  7.150   -17.444 1.000 15.264 ? 96  ASP AAA CB  1 ? 
ATOM   474  C CG  . ASP A 1 57  ? -8.094  8.275   -16.475 1.000 15.319 ? 96  ASP AAA CG  1 ? 
ATOM   475  O OD1 . ASP A 1 57  ? -8.715  8.385   -15.403 1.000 17.190 ? 96  ASP AAA OD1 1 ? 
ATOM   476  O OD2 . ASP A 1 57  ? -7.265  9.110   -16.872 1.000 18.034 ? 96  ASP AAA OD2 1 ? 
ATOM   477  N N   . TYR A 1 58  ? -8.607  5.345   -14.412 1.000 13.163 ? 97  TYR AAA N   1 ? 
ATOM   478  C CA  . TYR A 1 58  ? -7.631  5.047   -13.351 1.000 12.883 ? 97  TYR AAA CA  1 ? 
ATOM   479  C C   . TYR A 1 58  ? -6.942  3.692   -13.601 1.000 14.352 ? 97  TYR AAA C   1 ? 
ATOM   480  O O   . TYR A 1 58  ? -5.703  3.594   -13.562 1.000 14.033 ? 97  TYR AAA O   1 ? 
ATOM   481  C CB  . TYR A 1 58  ? -8.275  5.078   -11.966 1.000 13.666 ? 97  TYR AAA CB  1 ? 
ATOM   482  C CG  . TYR A 1 58  ? -7.245  4.873   -10.879 1.000 12.599 ? 97  TYR AAA CG  1 ? 
ATOM   483  C CD1 . TYR A 1 58  ? -6.419  5.918   -10.441 1.000 12.561 ? 97  TYR AAA CD1 1 ? 
ATOM   484  C CD2 . TYR A 1 58  ? -6.959  3.602   -10.431 1.000 13.452 ? 97  TYR AAA CD2 1 ? 
ATOM   485  C CE1 . TYR A 1 58  ? -5.424  5.686   -9.490  1.000 12.197 ? 97  TYR AAA CE1 1 ? 
ATOM   486  C CE2 . TYR A 1 58  ? -5.953  3.361   -9.511  1.000 12.373 ? 97  TYR AAA CE2 1 ? 
ATOM   487  C CZ  . TYR A 1 58  ? -5.177  4.402   -9.042  1.000 12.791 ? 97  TYR AAA CZ  1 ? 
ATOM   488  O OH  . TYR A 1 58  ? -4.153  4.133   -8.156  1.000 12.389 ? 97  TYR AAA OH  1 ? 
ATOM   489  N N   . TYR A 1 59  ? -7.748  2.630   -13.836 1.000 14.025 ? 98  TYR AAA N   1 ? 
ATOM   490  C CA  . TYR A 1 59  ? -7.162  1.307   -14.086 1.000 13.628 ? 98  TYR AAA CA  1 ? 
ATOM   491  C C   . TYR A 1 59  ? -6.699  1.080   -15.529 1.000 16.010 ? 98  TYR AAA C   1 ? 
ATOM   492  O O   . TYR A 1 59  ? -6.287  -0.033  -15.861 1.000 17.168 ? 98  TYR AAA O   1 ? 
ATOM   493  C CB  . TYR A 1 59  ? -8.144  0.248   -13.561 1.000 12.319 ? 98  TYR AAA CB  1 ? 
ATOM   494  C CG  . TYR A 1 59  ? -8.258  0.276   -12.061 1.000 12.571 ? 98  TYR AAA CG  1 ? 
ATOM   495  C CD1 . TYR A 1 59  ? -7.190  -0.132  -11.275 1.000 12.639 ? 98  TYR AAA CD1 1 ? 
ATOM   496  C CD2 . TYR A 1 59  ? -9.363  0.789   -11.404 1.000 12.388 ? 98  TYR AAA CD2 1 ? 
ATOM   497  C CE1 . TYR A 1 59  ? -7.289  -0.123  -9.898  1.000 13.584 ? 98  TYR AAA CE1 1 ? 
ATOM   498  C CE2 . TYR A 1 59  ? -9.481  0.791   -10.022 1.000 12.001 ? 98  TYR AAA CE2 1 ? 
ATOM   499  C CZ  . TYR A 1 59  ? -8.406  0.359   -9.251  1.000 11.937 ? 98  TYR AAA CZ  1 ? 
ATOM   500  O OH  . TYR A 1 59  ? -8.475  0.355   -7.897  1.000 13.917 ? 98  TYR AAA OH  1 ? 
ATOM   501  N N   . LYS A 1 60  ? -6.691  2.126   -16.358 1.000 15.696 ? 99  LYS AAA N   1 ? 
ATOM   502  C CA  . LYS A 1 60  ? -6.017  2.095   -17.645 1.000 16.677 ? 99  LYS AAA CA  1 ? 
ATOM   503  C C   . LYS A 1 60  ? -4.574  2.592   -17.515 1.000 15.403 ? 99  LYS AAA C   1 ? 
ATOM   504  O O   . LYS A 1 60  ? -3.689  2.142   -18.239 1.000 17.205 ? 99  LYS AAA O   1 ? 
ATOM   505  C CB  . LYS A 1 60  ? -6.829  2.904   -18.647 1.000 20.274 ? 99  LYS AAA CB  1 ? 
ATOM   506  C CG  . LYS A 1 60  ? -8.266  2.376   -18.675 1.000 24.140 ? 99  LYS AAA CG  1 ? 
ATOM   507  C CD  . LYS A 1 60  ? -9.031  2.658   -19.930 1.000 25.212 ? 99  LYS AAA CD  1 ? 
ATOM   508  C CE  . LYS A 1 60  ? -10.510 2.494   -19.669 1.000 22.394 ? 99  LYS AAA CE  1 ? 
ATOM   509  N NZ  . LYS A 1 60  ? -10.905 1.062   -19.612 1.000 25.420 ? 99  LYS AAA NZ  1 ? 
ATOM   510  N N   A ILE A 1 61  ? -4.401  3.579   -16.623 0.500 14.632 ? 100 ILE AAA N   1 ? 
ATOM   511  N N   B ILE A 1 61  ? -4.358  3.540   -16.601 0.500 14.061 ? 100 ILE AAA N   1 ? 
ATOM   512  C CA  A ILE A 1 61  ? -3.129  4.230   -16.316 0.500 15.549 ? 100 ILE AAA CA  1 ? 
ATOM   513  C CA  B ILE A 1 61  ? -3.038  4.128   -16.406 0.500 14.392 ? 100 ILE AAA CA  1 ? 
ATOM   514  C C   A ILE A 1 61  ? -2.347  3.375   -15.310 0.500 14.211 ? 100 ILE AAA C   1 ? 
ATOM   515  C C   B ILE A 1 61  ? -2.296  3.408   -15.269 0.500 13.382 ? 100 ILE AAA C   1 ? 
ATOM   516  O O   A ILE A 1 61  ? -1.184  3.055   -15.535 0.500 15.068 ? 100 ILE AAA O   1 ? 
ATOM   517  O O   B ILE A 1 61  ? -1.081  3.280   -15.324 0.500 13.974 ? 100 ILE AAA O   1 ? 
ATOM   518  C CB  A ILE A 1 61  ? -3.415  5.653   -15.784 0.500 15.750 ? 100 ILE AAA CB  1 ? 
ATOM   519  C CB  B ILE A 1 61  ? -3.189  5.629   -16.117 0.500 13.985 ? 100 ILE AAA CB  1 ? 
ATOM   520  C CG1 A ILE A 1 61  ? -4.112  6.488   -16.858 0.500 17.393 ? 100 ILE AAA CG1 1 ? 
ATOM   521  C CG1 B ILE A 1 61  ? -3.778  6.389   -17.304 0.500 14.067 ? 100 ILE AAA CG1 1 ? 
ATOM   522  C CG2 A ILE A 1 61  ? -2.126  6.340   -15.338 0.500 16.080 ? 100 ILE AAA CG2 1 ? 
ATOM   523  C CG2 B ILE A 1 61  ? -1.846  6.225   -15.705 0.500 13.444 ? 100 ILE AAA CG2 1 ? 
ATOM   524  C CD1 A ILE A 1 61  ? -3.386  6.440   -18.165 0.500 17.803 ? 100 ILE AAA CD1 1 ? 
ATOM   525  C CD1 B ILE A 1 61  ? -4.364  7.707   -16.876 0.500 14.462 ? 100 ILE AAA CD1 1 ? 
ATOM   526  N N   . ILE A 1 62  ? -3.032  2.990   -14.233 1.000 13.212 ? 101 ILE AAA N   1 ? 
ATOM   527  C CA  . ILE A 1 62  ? -2.411  2.270   -13.120 1.000 14.288 ? 101 ILE AAA CA  1 ? 
ATOM   528  C C   . ILE A 1 62  ? -2.729  0.782   -13.292 1.000 13.933 ? 101 ILE AAA C   1 ? 
ATOM   529  O O   . ILE A 1 62  ? -3.861  0.324   -13.017 1.000 14.916 ? 101 ILE AAA O   1 ? 
ATOM   530  C CB  . ILE A 1 62  ? -2.942  2.831   -11.789 1.000 12.936 ? 101 ILE AAA CB  1 ? 
ATOM   531  C CG1 . ILE A 1 62  ? -2.554  4.301   -11.566 1.000 13.021 ? 101 ILE AAA CG1 1 ? 
ATOM   532  C CG2 . ILE A 1 62  ? -2.404  1.995   -10.630 1.000 12.637 ? 101 ILE AAA CG2 1 ? 
ATOM   533  C CD1 . ILE A 1 62  ? -1.077  4.582   -11.857 1.000 14.005 ? 101 ILE AAA CD1 1 ? 
ATOM   534  N N   . LYS A 1 63  ? -1.721  0.021   -13.729 1.000 13.179 ? 102 LYS AAA N   1 ? 
ATOM   535  C CA  . LYS A 1 63  ? -1.915  -1.406  -13.978 1.000 15.219 ? 102 LYS AAA CA  1 ? 
ATOM   536  C C   . LYS A 1 63  ? -1.369  -2.235  -12.825 1.000 16.480 ? 102 LYS AAA C   1 ? 
ATOM   537  O O   . LYS A 1 63  ? -1.528  -3.450  -12.845 1.000 16.732 ? 102 LYS AAA O   1 ? 
ATOM   538  C CB  . LYS A 1 63  ? -1.247  -1.775  -15.296 1.000 17.161 ? 102 LYS AAA CB  1 ? 
ATOM   539  C CG  . LYS A 1 63  ? -1.898  -1.132  -16.508 1.000 18.697 ? 102 LYS AAA CG  1 ? 
ATOM   540  C CD  . LYS A 1 63  ? -3.396  -1.511  -16.542 1.000 21.747 ? 102 LYS AAA CD  1 ? 
ATOM   541  C CE  . LYS A 1 63  ? -3.995  -1.530  -17.932 1.000 22.607 ? 102 LYS AAA CE  1 ? 
ATOM   542  N NZ  . LYS A 1 63  ? -5.457  -1.521  -17.932 1.000 21.659 ? 102 LYS AAA NZ  1 ? 
ATOM   543  N N   . THR A 1 64  ? -0.747  -1.606  -11.816 1.000 15.277 ? 103 THR AAA N   1 ? 
ATOM   544  C CA  . THR A 1 64  ? -0.316  -2.345  -10.628 1.000 15.809 ? 103 THR AAA CA  1 ? 
ATOM   545  C C   . THR A 1 64  ? -0.841  -1.622  -9.399  1.000 13.003 ? 103 THR AAA C   1 ? 
ATOM   546  O O   . THR A 1 64  ? -0.098  -1.034  -8.608  1.000 13.520 ? 103 THR AAA O   1 ? 
ATOM   547  C CB  . THR A 1 64  ? 1.192   -2.592  -10.576 1.000 20.375 ? 103 THR AAA CB  1 ? 
ATOM   548  O OG1 . THR A 1 64  ? 1.847   -1.332  -10.438 1.000 30.944 ? 103 THR AAA OG1 1 ? 
ATOM   549  C CG2 . THR A 1 64  ? 1.643   -3.286  -11.836 1.000 18.970 ? 103 THR AAA CG2 1 ? 
ATOM   550  N N   . PRO A 1 65  ? -2.161  -1.663  -9.149  1.000 12.921 ? 104 PRO AAA N   1 ? 
ATOM   551  C CA  . PRO A 1 65  ? -2.745  -0.939  -8.029  1.000 12.199 ? 104 PRO AAA CA  1 ? 
ATOM   552  C C   . PRO A 1 65  ? -2.288  -1.513  -6.695  1.000 12.535 ? 104 PRO AAA C   1 ? 
ATOM   553  O O   . PRO A 1 65  ? -2.024  -2.699  -6.564  1.000 13.054 ? 104 PRO AAA O   1 ? 
ATOM   554  C CB  . PRO A 1 65  ? -4.271  -1.143  -8.166  1.000 13.640 ? 104 PRO AAA CB  1 ? 
ATOM   555  C CG  . PRO A 1 65  ? -4.421  -2.249  -9.168  1.000 14.946 ? 104 PRO AAA CG  1 ? 
ATOM   556  C CD  . PRO A 1 65  ? -3.180  -2.312  -10.004 1.000 13.307 ? 104 PRO AAA CD  1 ? 
ATOM   557  N N   . MET A 1 66  ? -2.175  -0.651  -5.693  1.000 11.759 ? 105 MET AAA N   1 ? 
ATOM   558  C CA  . MET A 1 66  ? -1.884  -1.126  -4.356  1.000 11.195 ? 105 MET AAA CA  1 ? 
ATOM   559  C C   . MET A 1 66  ? -2.368  -0.079  -3.367  1.000 11.636 ? 105 MET AAA C   1 ? 
ATOM   560  O O   . MET A 1 66  ? -2.388  1.113   -3.682  1.000 12.469 ? 105 MET AAA O   1 ? 
ATOM   561  C CB  . MET A 1 66  ? -0.380  -1.339  -4.194  1.000 12.308 ? 105 MET AAA CB  1 ? 
ATOM   562  C CG  . MET A 1 66  ? 0.029   -1.938  -2.856  1.000 13.050 ? 105 MET AAA CG  1 ? 
ATOM   563  S SD  . MET A 1 66  ? -0.840  -3.474  -2.387  1.000 11.894 ? 105 MET AAA SD  1 ? 
ATOM   564  C CE  . MET A 1 66  ? -0.484  -4.539  -3.766  1.000 11.861 ? 105 MET AAA CE  1 ? 
ATOM   565  N N   . ASP A 1 67  ? -2.714  -0.482  -2.142  1.000 11.404 ? 106 ASP AAA N   1 ? 
ATOM   566  C CA  . ASP A 1 67  ? -3.271  0.403   -1.133  1.000 12.042 ? 106 ASP AAA CA  1 ? 
ATOM   567  C C   . ASP A 1 67  ? -2.886  -0.167  0.228   1.000 11.943 ? 106 ASP AAA C   1 ? 
ATOM   568  O O   . ASP A 1 67  ? -2.520  -1.355  0.338   1.000 12.160 ? 106 ASP AAA O   1 ? 
ATOM   569  C CB  . ASP A 1 67  ? -4.798  0.517   -1.305  1.000 12.613 ? 106 ASP AAA CB  1 ? 
ATOM   570  C CG  . ASP A 1 67  ? -5.480  -0.812  -1.003  1.000 12.916 ? 106 ASP AAA CG  1 ? 
ATOM   571  O OD1 . ASP A 1 67  ? -5.451  -1.694  -1.950  1.000 12.851 ? 106 ASP AAA OD1 1 ? 
ATOM   572  O OD2 . ASP A 1 67  ? -5.892  -1.016  0.181   1.000 13.298 ? 106 ASP AAA OD2 1 ? 
ATOM   573  N N   . MET A 1 68  ? -3.042  0.637   1.286   1.000 12.008 ? 107 MET AAA N   1 ? 
ATOM   574  C CA  . MET A 1 68  ? -2.671  0.181   2.610   1.000 11.988 ? 107 MET AAA CA  1 ? 
ATOM   575  C C   . MET A 1 68  ? -3.678  -0.770  3.238   1.000 13.088 ? 107 MET AAA C   1 ? 
ATOM   576  O O   . MET A 1 68  ? -3.284  -1.486  4.143   1.000 14.265 ? 107 MET AAA O   1 ? 
ATOM   577  C CB  . MET A 1 68  ? -2.454  1.334   3.595   1.000 13.894 ? 107 MET AAA CB  1 ? 
ATOM   578  C CG  . MET A 1 68  ? -1.318  2.285   3.198   1.000 14.890 ? 107 MET AAA CG  1 ? 
ATOM   579  S SD  . MET A 1 68  ? -0.764  3.193   4.706   1.000 15.731 ? 107 MET AAA SD  1 ? 
ATOM   580  C CE  . MET A 1 68  ? -2.222  4.175   5.104   1.000 15.313 ? 107 MET AAA CE  1 ? 
ATOM   581  N N   . GLY A 1 69  ? -4.938  -0.806  2.771   1.000 12.280 ? 108 GLY AAA N   1 ? 
ATOM   582  C CA  . GLY A 1 69  ? -5.840  -1.805  3.306   1.000 13.448 ? 108 GLY AAA CA  1 ? 
ATOM   583  C C   . GLY A 1 69  ? -5.366  -3.192  2.877   1.000 13.886 ? 108 GLY AAA C   1 ? 
ATOM   584  O O   . GLY A 1 69  ? -5.409  -4.115  3.676   1.000 13.869 ? 108 GLY AAA O   1 ? 
ATOM   585  N N   . THR A 1 70  ? -4.976  -3.316  1.603   1.000 12.843 ? 109 THR AAA N   1 ? 
ATOM   586  C CA  . THR A 1 70  ? -4.394  -4.549  1.053   1.000 11.838 ? 109 THR AAA CA  1 ? 
ATOM   587  C C   . THR A 1 70  ? -3.135  -4.907  1.836   1.000 12.493 ? 109 THR AAA C   1 ? 
ATOM   588  O O   . THR A 1 70  ? -2.927  -6.062  2.217   1.000 12.736 ? 109 THR AAA O   1 ? 
ATOM   589  C CB  . THR A 1 70  ? -4.106  -4.394  -0.439  1.000 12.812 ? 109 THR AAA CB  1 ? 
ATOM   590  O OG1 . THR A 1 70  ? -5.337  -4.195  -1.139  1.000 13.613 ? 109 THR AAA OG1 1 ? 
ATOM   591  C CG2 . THR A 1 70  ? -3.432  -5.624  -1.020  1.000 12.937 ? 109 THR AAA CG2 1 ? 
ATOM   592  N N   . ILE A 1 71  ? -2.248  -3.922  2.044   1.000 12.334 ? 110 ILE AAA N   1 ? 
ATOM   593  C CA  . ILE A 1 71  ? -0.997  -4.218  2.755   1.000 12.786 ? 110 ILE AAA CA  1 ? 
ATOM   594  C C   . ILE A 1 71  ? -1.305  -4.704  4.169   1.000 12.140 ? 110 ILE AAA C   1 ? 
ATOM   595  O O   . ILE A 1 71  ? -0.656  -5.626  4.666   1.000 12.896 ? 110 ILE AAA O   1 ? 
ATOM   596  C CB  . ILE A 1 71  ? -0.085  -2.980  2.777   1.000 11.336 ? 110 ILE AAA CB  1 ? 
ATOM   597  C CG1 . ILE A 1 71  ? 0.391   -2.714  1.356   1.000 11.438 ? 110 ILE AAA CG1 1 ? 
ATOM   598  C CG2 . ILE A 1 71  ? 1.121   -3.234  3.717   1.000 13.317 ? 110 ILE AAA CG2 1 ? 
ATOM   599  C CD1 . ILE A 1 71  ? 1.062   -1.321  1.154   1.000 12.676 ? 110 ILE AAA CD1 1 ? 
ATOM   600  N N   . LYS A 1 72  ? -2.245  -4.025  4.878   1.000 13.508 ? 111 LYS AAA N   1 ? 
ATOM   601  C CA  . LYS A 1 72  ? -2.655  -4.416  6.237   1.000 14.246 ? 111 LYS AAA CA  1 ? 
ATOM   602  C C   . LYS A 1 72  ? -3.115  -5.874  6.280   1.000 15.969 ? 111 LYS AAA C   1 ? 
ATOM   603  O O   . LYS A 1 72  ? -2.709  -6.659  7.144   1.000 15.717 ? 111 LYS AAA O   1 ? 
ATOM   604  C CB  . LYS A 1 72  ? -3.729  -3.440  6.738   1.000 15.452 ? 111 LYS AAA CB  1 ? 
ATOM   605  C CG  . LYS A 1 72  ? -4.266  -3.702  8.135   1.000 17.989 ? 111 LYS AAA CG  1 ? 
ATOM   606  C CD  . LYS A 1 72  ? -5.048  -2.464  8.613   1.000 19.083 ? 111 LYS AAA CD  1 ? 
ATOM   607  C CE  . LYS A 1 72  ? -5.506  -2.635  10.055  1.000 24.718 ? 111 LYS AAA CE  1 ? 
ATOM   608  N NZ  . LYS A 1 72  ? -6.559  -3.671  10.123  1.000 28.020 ? 111 LYS AAA NZ  1 ? 
ATOM   609  N N   . LYS A 1 73  ? -3.967  -6.236  5.325   1.000 15.044 ? 112 LYS AAA N   1 ? 
ATOM   610  C CA  . LYS A 1 73  ? -4.497  -7.600  5.289   1.000 17.466 ? 112 LYS AAA CA  1 ? 
ATOM   611  C C   . LYS A 1 73  ? -3.386  -8.593  4.963   1.000 14.757 ? 112 LYS AAA C   1 ? 
ATOM   612  O O   . LYS A 1 73  ? -3.314  -9.638  5.594   1.000 16.067 ? 112 LYS AAA O   1 ? 
ATOM   613  C CB  . LYS A 1 73  ? -5.568  -7.713  4.202   1.000 19.136 ? 112 LYS AAA CB  1 ? 
ATOM   614  C CG  . LYS A 1 73  ? -6.915  -7.089  4.552   1.000 27.819 ? 112 LYS AAA CG  1 ? 
ATOM   615  C CD  . LYS A 1 73  ? -8.043  -7.588  3.648   1.000 35.590 ? 112 LYS AAA CD  1 ? 
ATOM   616  C CE  . LYS A 1 73  ? -9.247  -6.667  3.561   1.000 43.004 ? 112 LYS AAA CE  1 ? 
ATOM   617  N NZ  . LYS A 1 73  ? -9.248  -5.889  2.295   1.000 47.182 ? 112 LYS AAA NZ  1 ? 
ATOM   618  N N   . ARG A 1 74  ? -2.458  -8.237  4.047   1.000 13.423 ? 113 ARG AAA N   1 ? 
ATOM   619  C CA  . ARG A 1 74  ? -1.319  -9.100  3.711   1.000 12.562 ? 113 ARG AAA CA  1 ? 
ATOM   620  C C   . ARG A 1 74  ? -0.461  -9.300  4.961   1.000 13.547 ? 113 ARG AAA C   1 ? 
ATOM   621  O O   . ARG A 1 74  ? -0.069  -10.421 5.243   1.000 14.338 ? 113 ARG AAA O   1 ? 
ATOM   622  C CB  . ARG A 1 74  ? -0.484  -8.493  2.578   1.000 12.111 ? 113 ARG AAA CB  1 ? 
ATOM   623  C CG  . ARG A 1 74  ? -1.191  -8.673  1.243   1.000 12.025 ? 113 ARG AAA CG  1 ? 
ATOM   624  C CD  . ARG A 1 74  ? -0.392  -8.095  0.116   1.000 11.780 ? 113 ARG AAA CD  1 ? 
ATOM   625  N NE  . ARG A 1 74  ? -1.001  -8.480  -1.179  1.000 11.730 ? 113 ARG AAA NE  1 ? 
ATOM   626  C CZ  . ARG A 1 74  ? -0.419  -8.372  -2.374  1.000 11.603 ? 113 ARG AAA CZ  1 ? 
ATOM   627  N NH1 . ARG A 1 74  ? 0.755   -7.790  -2.532  1.000 13.676 ? 113 ARG AAA NH1 1 ? 
ATOM   628  N NH2 . ARG A 1 74  ? -1.052  -8.875  -3.439  1.000 13.565 ? 113 ARG AAA NH2 1 ? 
ATOM   629  N N   . LEU A 1 75  ? -0.197  -8.238  5.736   1.000 13.172 ? 114 LEU AAA N   1 ? 
ATOM   630  C CA  . LEU A 1 75  ? 0.608   -8.420  6.953   1.000 12.650 ? 114 LEU AAA CA  1 ? 
ATOM   631  C C   . LEU A 1 75  ? -0.160  -9.262  7.986   1.000 14.366 ? 114 LEU AAA C   1 ? 
ATOM   632  O O   . LEU A 1 75  ? 0.403   -10.231 8.513   1.000 17.381 ? 114 LEU AAA O   1 ? 
ATOM   633  C CB  . LEU A 1 75  ? 0.951   -7.025  7.511   1.000 12.991 ? 114 LEU AAA CB  1 ? 
ATOM   634  C CG  . LEU A 1 75  ? 2.022   -6.282  6.707   1.000 13.576 ? 114 LEU AAA CG  1 ? 
ATOM   635  C CD1 . LEU A 1 75  ? 2.027   -4.783  7.087   1.000 14.004 ? 114 LEU AAA CD1 1 ? 
ATOM   636  C CD2 . LEU A 1 75  ? 3.409   -6.896  6.912   1.000 13.448 ? 114 LEU AAA CD2 1 ? 
ATOM   637  N N   . GLU A 1 76  ? -1.423  -8.931  8.241   1.000 14.914 ? 115 GLU AAA N   1 ? 
ATOM   638  C CA  . GLU A 1 76  ? -2.216  -9.670  9.217   1.000 17.935 ? 115 GLU AAA CA  1 ? 
ATOM   639  C C   . GLU A 1 76  ? -2.368  -11.141 8.819   1.000 19.256 ? 115 GLU AAA C   1 ? 
ATOM   640  O O   . GLU A 1 76  ? -2.446  -12.000 9.703   1.000 21.655 ? 115 GLU AAA O   1 ? 
ATOM   641  C CB  . GLU A 1 76  ? -3.586  -9.039  9.386   1.000 18.729 ? 115 GLU AAA CB  1 ? 
ATOM   642  C CG  . GLU A 1 76  ? -3.537  -7.692  10.081  1.000 22.419 ? 115 GLU AAA CG  1 ? 
ATOM   643  C CD  . GLU A 1 76  ? -4.853  -6.924  9.986   1.000 24.300 ? 115 GLU AAA CD  1 ? 
ATOM   644  O OE1 . GLU A 1 76  ? -5.732  -7.330  9.213   1.000 30.248 ? 115 GLU AAA OE1 1 ? 
ATOM   645  O OE2 . GLU A 1 76  ? -4.956  -5.910  10.659  1.000 28.452 ? 115 GLU AAA OE2 1 ? 
ATOM   646  N N   . ASN A 1 77  ? -2.474  -11.441 7.523   1.000 18.156 ? 116 ASN AAA N   1 ? 
ATOM   647  C CA  . ASN A 1 77  ? -2.656  -12.818 7.090   1.000 20.720 ? 116 ASN AAA CA  1 ? 
ATOM   648  C C   . ASN A 1 77  ? -1.332  -13.526 6.812   1.000 21.506 ? 116 ASN AAA C   1 ? 
ATOM   649  O O   . ASN A 1 77  ? -1.338  -14.606 6.187   1.000 23.572 ? 116 ASN AAA O   1 ? 
ATOM   650  C CB  . ASN A 1 77  ? -3.351  -12.899 5.727   1.000 22.895 ? 116 ASN AAA CB  1 ? 
ATOM   651  C CG  . ASN A 1 77  ? -4.784  -12.459 5.765   1.000 30.789 ? 116 ASN AAA CG  1 ? 
ATOM   652  O OD1 . ASN A 1 77  ? -5.321  -12.194 6.846   1.000 33.431 ? 116 ASN AAA OD1 1 ? 
ATOM   653  N ND2 . ASN A 1 77  ? -5.383  -12.330 4.583   1.000 31.579 ? 116 ASN AAA ND2 1 ? 
ATOM   654  N N   . ASN A 1 78  ? -0.204  -12.942 7.229   1.000 19.551 ? 117 ASN AAA N   1 ? 
ATOM   655  C CA  . ASN A 1 78  ? 1.123   -13.496 6.970   1.000 20.021 ? 117 ASN AAA CA  1 ? 
ATOM   656  C C   . ASN A 1 78  ? 1.256   -13.946 5.516   1.000 22.135 ? 117 ASN AAA C   1 ? 
ATOM   657  O O   . ASN A 1 78  ? 1.645   -15.088 5.243   1.000 25.722 ? 117 ASN AAA O   1 ? 
ATOM   658  C CB  . ASN A 1 78  ? 1.475   -14.607 7.979   1.000 26.680 ? 117 ASN AAA CB  1 ? 
ATOM   659  C CG  . ASN A 1 78  ? 1.350   -14.122 9.408   1.000 30.339 ? 117 ASN AAA CG  1 ? 
ATOM   660  O OD1 . ASN A 1 78  ? 2.080   -13.224 9.826   1.000 31.150 ? 117 ASN AAA OD1 1 ? 
ATOM   661  N ND2 . ASN A 1 78  ? 0.425   -14.694 10.163  1.000 34.324 ? 117 ASN AAA ND2 1 ? 
ATOM   662  N N   . TYR A 1 79  ? 0.973   -13.029 4.569   1.000 15.253 ? 118 TYR AAA N   1 ? 
ATOM   663  C CA  . TYR A 1 79  ? 1.012   -13.351 3.157   1.000 14.471 ? 118 TYR AAA CA  1 ? 
ATOM   664  C C   . TYR A 1 79  ? 2.424   -13.229 2.579   1.000 13.092 ? 118 TYR AAA C   1 ? 
ATOM   665  O O   . TYR A 1 79  ? 2.739   -13.833 1.557   1.000 13.823 ? 118 TYR AAA O   1 ? 
ATOM   666  C CB  . TYR A 1 79  ? 0.096   -12.361 2.427   1.000 13.929 ? 118 TYR AAA CB  1 ? 
ATOM   667  C CG  . TYR A 1 79  ? 0.127   -12.414 0.926   1.000 13.446 ? 118 TYR AAA CG  1 ? 
ATOM   668  C CD1 . TYR A 1 79  ? -0.719  -13.291 0.256   1.000 13.928 ? 118 TYR AAA CD1 1 ? 
ATOM   669  C CD2 . TYR A 1 79  ? 0.887   -11.531 0.164   1.000 14.236 ? 118 TYR AAA CD2 1 ? 
ATOM   670  C CE1 . TYR A 1 79  ? -0.748  -13.315 -1.129  1.000 13.932 ? 118 TYR AAA CE1 1 ? 
ATOM   671  C CE2 . TYR A 1 79  ? 0.850   -11.534 -1.213  1.000 13.564 ? 118 TYR AAA CE2 1 ? 
ATOM   672  C CZ  . TYR A 1 79  ? 0.029   -12.432 -1.866  1.000 13.704 ? 118 TYR AAA CZ  1 ? 
ATOM   673  O OH  . TYR A 1 79  ? 0.049   -12.419 -3.238  1.000 15.618 ? 118 TYR AAA OH  1 ? 
ATOM   674  N N   . TYR A 1 80  ? 3.284   -12.403 3.202   1.000 13.042 ? 119 TYR AAA N   1 ? 
ATOM   675  C CA  . TYR A 1 80  ? 4.583   -12.084 2.618   1.000 12.479 ? 119 TYR AAA CA  1 ? 
ATOM   676  C C   . TYR A 1 80  ? 5.638   -13.128 3.025   1.000 13.239 ? 119 TYR AAA C   1 ? 
ATOM   677  O O   . TYR A 1 80  ? 5.506   -13.762 4.092   1.000 14.885 ? 119 TYR AAA O   1 ? 
ATOM   678  C CB  . TYR A 1 80  ? 5.035   -10.738 3.182   1.000 13.259 ? 119 TYR AAA CB  1 ? 
ATOM   679  C CG  . TYR A 1 80  ? 4.187   -9.569  2.720   1.000 11.807 ? 119 TYR AAA CG  1 ? 
ATOM   680  C CD1 . TYR A 1 80  ? 4.175   -9.214  1.374   1.000 12.171 ? 119 TYR AAA CD1 1 ? 
ATOM   681  C CD2 . TYR A 1 80  ? 3.529   -8.767  3.637   1.000 12.309 ? 119 TYR AAA CD2 1 ? 
ATOM   682  C CE1 . TYR A 1 80  ? 3.483   -8.090  0.940   1.000 12.200 ? 119 TYR AAA CE1 1 ? 
ATOM   683  C CE2 . TYR A 1 80  ? 2.812   -7.647  3.219   1.000 11.469 ? 119 TYR AAA CE2 1 ? 
ATOM   684  C CZ  . TYR A 1 80  ? 2.848   -7.293  1.868   1.000 11.734 ? 119 TYR AAA CZ  1 ? 
ATOM   685  O OH  . TYR A 1 80  ? 2.173   -6.175  1.487   1.000 13.505 ? 119 TYR AAA OH  1 ? 
ATOM   686  N N   . TRP A 1 81  ? 6.635   -13.303 2.148   1.000 12.683 ? 120 TRP AAA N   1 ? 
ATOM   687  C CA  . TRP A 1 81  ? 7.862   -14.041 2.473   1.000 12.818 ? 120 TRP AAA CA  1 ? 
ATOM   688  C C   . TRP A 1 81  ? 8.891   -13.159 3.186   1.000 14.587 ? 120 TRP AAA C   1 ? 
ATOM   689  O O   . TRP A 1 81  ? 9.647   -13.639 4.037   1.000 13.919 ? 120 TRP AAA O   1 ? 
ATOM   690  C CB  . TRP A 1 81  ? 8.488   -14.653 1.205   1.000 13.872 ? 120 TRP AAA CB  1 ? 
ATOM   691  C CG  . TRP A 1 81  ? 9.666   -15.540 1.547   1.000 13.379 ? 120 TRP AAA CG  1 ? 
ATOM   692  C CD1 . TRP A 1 81  ? 10.993  -15.215 1.423   1.000 14.379 ? 120 TRP AAA CD1 1 ? 
ATOM   693  C CD2 . TRP A 1 81  ? 9.619   -16.868 2.112   1.000 12.991 ? 120 TRP AAA CD2 1 ? 
ATOM   694  N NE1 . TRP A 1 81  ? 11.764  -16.266 1.856   1.000 15.139 ? 120 TRP AAA NE1 1 ? 
ATOM   695  C CE2 . TRP A 1 81  ? 10.955  -17.265 2.329   1.000 13.477 ? 120 TRP AAA CE2 1 ? 
ATOM   696  C CE3 . TRP A 1 81  ? 8.586   -17.737 2.493   1.000 12.905 ? 120 TRP AAA CE3 1 ? 
ATOM   697  C CZ2 . TRP A 1 81  ? 11.287  -18.520 2.839   1.000 13.443 ? 120 TRP AAA CZ2 1 ? 
ATOM   698  C CZ3 . TRP A 1 81  ? 8.906   -18.989 3.000   1.000 14.168 ? 120 TRP AAA CZ3 1 ? 
ATOM   699  C CH2 . TRP A 1 81  ? 10.244  -19.351 3.175   1.000 13.507 ? 120 TRP AAA CH2 1 ? 
ATOM   700  N N   . ASN A 1 82  ? 8.985   -11.883 2.804   1.000 14.537 ? 121 ASN AAA N   1 ? 
ATOM   701  C CA  . ASN A 1 82  ? 10.062  -11.058 3.342   1.000 12.945 ? 121 ASN AAA CA  1 ? 
ATOM   702  C C   . ASN A 1 82  ? 9.631   -9.596  3.391   1.000 13.831 ? 121 ASN AAA C   1 ? 
ATOM   703  O O   . ASN A 1 82  ? 8.618   -9.186  2.829   1.000 13.255 ? 121 ASN AAA O   1 ? 
ATOM   704  C CB  . ASN A 1 82  ? 11.387  -11.277 2.600   1.000 13.725 ? 121 ASN AAA CB  1 ? 
ATOM   705  C CG  . ASN A 1 82  ? 11.388  -10.913 1.129   1.000 14.007 ? 121 ASN AAA CG  1 ? 
ATOM   706  O OD1 . ASN A 1 82  ? 10.619  -10.048 0.711   1.000 14.670 ? 121 ASN AAA OD1 1 ? 
ATOM   707  N ND2 . ASN A 1 82  ? 12.228  -11.540 0.301   1.000 14.894 ? 121 ASN AAA ND2 1 ? 
ATOM   708  N N   . ALA A 1 83  ? 10.458  -8.791  4.062   1.000 13.630 ? 122 ALA AAA N   1 ? 
ATOM   709  C CA  . ALA A 1 83  ? 10.177  -7.356  4.163   1.000 12.832 ? 122 ALA AAA CA  1 ? 
ATOM   710  C C   . ALA A 1 83  ? 10.164  -6.673  2.806   1.000 12.587 ? 122 ALA AAA C   1 ? 
ATOM   711  O O   . ALA A 1 83  ? 9.321   -5.780  2.592   1.000 12.717 ? 122 ALA AAA O   1 ? 
ATOM   712  C CB  . ALA A 1 83  ? 11.240  -6.719  5.029   1.000 14.257 ? 122 ALA AAA CB  1 ? 
ATOM   713  N N   . GLN A 1 84  ? 11.024  -7.093  1.877   1.000 12.147 ? 123 GLN AAA N   1 ? 
ATOM   714  C CA  . GLN A 1 84  ? 11.129  -6.492  0.551   1.000 13.775 ? 123 GLN AAA CA  1 ? 
ATOM   715  C C   . GLN A 1 84  ? 9.783   -6.550  -0.177  1.000 12.261 ? 123 GLN AAA C   1 ? 
ATOM   716  O O   . GLN A 1 84  ? 9.384   -5.573  -0.813  1.000 13.340 ? 123 GLN AAA O   1 ? 
ATOM   717  C CB  . GLN A 1 84  ? 12.261  -7.092  -0.276  1.000 15.067 ? 123 GLN AAA CB  1 ? 
ATOM   718  C CG  . GLN A 1 84  ? 12.478  -6.382  -1.618  1.000 18.283 ? 123 GLN AAA CG  1 ? 
ATOM   719  C CD  . GLN A 1 84  ? 12.614  -4.872  -1.474  0.500 18.333 ? 123 GLN AAA CD  1 ? 
ATOM   720  O OE1 . GLN A 1 84  ? 12.163  -4.105  -2.327  0.500 25.188 ? 123 GLN AAA OE1 1 ? 
ATOM   721  N NE2 . GLN A 1 84  ? 13.192  -4.396  -0.378  0.500 19.657 ? 123 GLN AAA NE2 1 ? 
ATOM   722  N N   . GLU A 1 85  ? 9.087   -7.686  -0.113  1.000 12.025 ? 124 GLU AAA N   1 ? 
ATOM   723  C CA  . GLU A 1 85  ? 7.786   -7.801  -0.766  1.000 12.072 ? 124 GLU AAA CA  1 ? 
ATOM   724  C C   . GLU A 1 85  ? 6.812   -6.755  -0.237  1.000 11.817 ? 124 GLU AAA C   1 ? 
ATOM   725  O O   . GLU A 1 85  ? 6.050   -6.181  -1.024  1.000 12.961 ? 124 GLU AAA O   1 ? 
ATOM   726  C CB  . GLU A 1 85  ? 7.195   -9.203  -0.537  1.000 11.647 ? 124 GLU AAA CB  1 ? 
ATOM   727  C CG  . GLU A 1 85  ? 7.875   -10.282 -1.371  1.000 12.906 ? 124 GLU AAA CG  1 ? 
ATOM   728  C CD  . GLU A 1 85  ? 7.250   -11.657 -1.171  1.000 13.070 ? 124 GLU AAA CD  1 ? 
ATOM   729  O OE1 . GLU A 1 85  ? 7.637   -12.589 -1.965  1.000 16.081 ? 124 GLU AAA OE1 1 ? 
ATOM   730  O OE2 . GLU A 1 85  ? 6.443   -11.840 -0.228  1.000 14.365 ? 124 GLU AAA OE2 1 ? 
ATOM   731  N N   . CYS A 1 86  ? 6.821   -6.479  1.067   1.000 11.518 ? 125 CYS AAA N   1 ? 
ATOM   732  C CA  . CYS A 1 86  ? 5.914   -5.525  1.700   1.000 12.037 ? 125 CYS AAA CA  1 ? 
ATOM   733  C C   . CYS A 1 86  ? 6.350   -4.091  1.373   1.000 11.425 ? 125 CYS AAA C   1 ? 
ATOM   734  O O   . CYS A 1 86  ? 5.535   -3.239  0.988   1.000 11.736 ? 125 CYS AAA O   1 ? 
ATOM   735  C CB  . CYS A 1 86  ? 5.894   -5.777  3.200   1.000 12.568 ? 125 CYS AAA CB  1 ? 
ATOM   736  S SG  . CYS A 1 86  ? 4.900   -4.546  4.053   1.000 13.652 ? 125 CYS AAA SG  1 ? 
ATOM   737  N N   . ILE A 1 87  ? 7.655   -3.824  1.475   1.000 11.654 ? 126 ILE AAA N   1 ? 
ATOM   738  C CA  . ILE A 1 87  ? 8.179   -2.498  1.125   1.000 11.789 ? 126 ILE AAA CA  1 ? 
ATOM   739  C C   . ILE A 1 87  ? 7.834   -2.168  -0.329  1.000 12.211 ? 126 ILE AAA C   1 ? 
ATOM   740  O O   . ILE A 1 87  ? 7.441   -1.020  -0.641  1.000 12.101 ? 126 ILE AAA O   1 ? 
ATOM   741  C CB  . ILE A 1 87  ? 9.701   -2.451  1.416   1.000 12.825 ? 126 ILE AAA CB  1 ? 
ATOM   742  C CG1 . ILE A 1 87  ? 9.880   -2.423  2.937   1.000 14.424 ? 126 ILE AAA CG1 1 ? 
ATOM   743  C CG2 . ILE A 1 87  ? 10.352  -1.214  0.776   1.000 14.112 ? 126 ILE AAA CG2 1 ? 
ATOM   744  C CD1 . ILE A 1 87  ? 11.307  -2.773  3.407   1.000 15.418 ? 126 ILE AAA CD1 1 ? 
ATOM   745  N N   . GLN A 1 88  ? 7.924   -3.160  -1.222  1.000 11.858 ? 127 GLN AAA N   1 ? 
ATOM   746  C CA  . GLN A 1 88  ? 7.620   -2.897  -2.618  1.000 12.202 ? 127 GLN AAA CA  1 ? 
ATOM   747  C C   . GLN A 1 88  ? 6.144   -2.493  -2.748  1.000 13.193 ? 127 GLN AAA C   1 ? 
ATOM   748  O O   . GLN A 1 88  ? 5.833   -1.648  -3.583  1.000 13.488 ? 127 GLN AAA O   1 ? 
ATOM   749  C CB  . GLN A 1 88  ? 7.916   -4.153  -3.435  1.000 14.436 ? 127 GLN AAA CB  1 ? 
ATOM   750  C CG  . GLN A 1 88  ? 7.484   -4.002  -4.893  1.000 18.585 ? 127 GLN AAA CG  1 ? 
ATOM   751  C CD  . GLN A 1 88  ? 8.252   -2.894  -5.576  1.000 24.929 ? 127 GLN AAA CD  1 ? 
ATOM   752  O OE1 . GLN A 1 88  ? 7.710   -1.825  -5.933  1.000 28.805 ? 127 GLN AAA OE1 1 ? 
ATOM   753  N NE2 . GLN A 1 88  ? 9.552   -3.110  -5.686  1.000 26.637 ? 127 GLN AAA NE2 1 ? 
ATOM   754  N N   . ASP A 1 89  ? 5.264   -3.118  -1.969  1.000 12.493 ? 128 ASP AAA N   1 ? 
ATOM   755  C CA  . ASP A 1 89  ? 3.859   -2.731  -2.084  1.000 10.940 ? 128 ASP AAA CA  1 ? 
ATOM   756  C C   . ASP A 1 89  ? 3.686   -1.271  -1.658  1.000 11.743 ? 128 ASP AAA C   1 ? 
ATOM   757  O O   . ASP A 1 89  ? 2.962   -0.507  -2.295  1.000 11.030 ? 128 ASP AAA O   1 ? 
ATOM   758  C CB  . ASP A 1 89  ? 2.977   -3.637  -1.206  1.000 11.763 ? 128 ASP AAA CB  1 ? 
ATOM   759  C CG  . ASP A 1 89  ? 2.728   -5.017  -1.817  1.000 12.114 ? 128 ASP AAA CG  1 ? 
ATOM   760  O OD1 . ASP A 1 89  ? 2.970   -5.199  -3.037  1.000 12.489 ? 128 ASP AAA OD1 1 ? 
ATOM   761  O OD2 . ASP A 1 89  ? 2.271   -5.876  -1.041  1.000 12.664 ? 128 ASP AAA OD2 1 ? 
ATOM   762  N N   . PHE A 1 90  ? 4.335   -0.846  -0.562  1.000 11.089 ? 129 PHE AAA N   1 ? 
ATOM   763  C CA  . PHE A 1 90  ? 4.251   0.576   -0.201  1.000 11.295 ? 129 PHE AAA CA  1 ? 
ATOM   764  C C   . PHE A 1 90  ? 4.820   1.450   -1.311  1.000 11.388 ? 129 PHE AAA C   1 ? 
ATOM   765  O O   . PHE A 1 90  ? 4.174   2.456   -1.662  1.000 12.065 ? 129 PHE AAA O   1 ? 
ATOM   766  C CB  . PHE A 1 90  ? 5.037   0.851   1.082   1.000 11.557 ? 129 PHE AAA CB  1 ? 
ATOM   767  C CG  . PHE A 1 90  ? 4.286   0.535   2.339   1.000 11.703 ? 129 PHE AAA CG  1 ? 
ATOM   768  C CD1 . PHE A 1 90  ? 3.339   1.421   2.876   1.000 13.005 ? 129 PHE AAA CD1 1 ? 
ATOM   769  C CD2 . PHE A 1 90  ? 4.575   -0.621  3.050   1.000 13.866 ? 129 PHE AAA CD2 1 ? 
ATOM   770  C CE1 . PHE A 1 90  ? 2.693   1.115   4.077   1.000 14.284 ? 129 PHE AAA CE1 1 ? 
ATOM   771  C CE2 . PHE A 1 90  ? 3.936   -0.902  4.251   1.000 12.854 ? 129 PHE AAA CE2 1 ? 
ATOM   772  C CZ  . PHE A 1 90  ? 2.986   -0.046  4.777   1.000 13.531 ? 129 PHE AAA CZ  1 ? 
ATOM   773  N N   . ASN A 1 91  ? 5.964   1.077   -1.876  1.000 11.489 ? 130 ASN AAA N   1 ? 
ATOM   774  C CA  . ASN A 1 91  ? 6.589   1.870   -2.923  1.000 14.182 ? 130 ASN AAA CA  1 ? 
ATOM   775  C C   . ASN A 1 91  ? 5.638   1.955   -4.127  1.000 13.601 ? 130 ASN AAA C   1 ? 
ATOM   776  O O   . ASN A 1 91  ? 5.486   3.049   -4.734  1.000 13.355 ? 130 ASN AAA O   1 ? 
ATOM   777  C CB  . ASN A 1 91  ? 7.973   1.323   -3.250  1.000 16.406 ? 130 ASN AAA CB  1 ? 
ATOM   778  C CG  . ASN A 1 91  ? 9.006   1.625   -2.164  1.000 18.528 ? 130 ASN AAA CG  1 ? 
ATOM   779  O OD1 . ASN A 1 91  ? 8.805   2.501   -1.355  1.000 24.646 ? 130 ASN AAA OD1 1 ? 
ATOM   780  N ND2 . ASN A 1 91  ? 10.027  0.802   -2.113  1.000 24.901 ? 130 ASN AAA ND2 1 ? 
ATOM   781  N N   . THR A 1 92  ? 5.004   0.838   -4.488  1.000 11.940 ? 131 THR AAA N   1 ? 
ATOM   782  C CA  . THR A 1 92  ? 4.055   0.818   -5.596  1.000 11.956 ? 131 THR AAA CA  1 ? 
ATOM   783  C C   . THR A 1 92  ? 2.895   1.790   -5.311  1.000 11.952 ? 131 THR AAA C   1 ? 
ATOM   784  O O   . THR A 1 92  ? 2.450   2.535   -6.194  1.000 11.575 ? 131 THR AAA O   1 ? 
ATOM   785  C CB  . THR A 1 92  ? 3.542   -0.616  -5.802  1.000 12.124 ? 131 THR AAA CB  1 ? 
ATOM   786  O OG1 . THR A 1 92  ? 4.678   -1.343  -6.323  1.000 14.793 ? 131 THR AAA OG1 1 ? 
ATOM   787  C CG2 . THR A 1 92  ? 2.422   -0.660  -6.830  1.000 12.732 ? 131 THR AAA CG2 1 ? 
ATOM   788  N N   . MET A 1 93  ? 2.329   1.718   -4.102  1.000 11.678 ? 132 MET AAA N   1 ? 
ATOM   789  C CA  . MET A 1 93  ? 1.221   2.614   -3.733  1.000 11.001 ? 132 MET AAA CA  1 ? 
ATOM   790  C C   . MET A 1 93  ? 1.609   4.086   -3.917  1.000 11.507 ? 132 MET AAA C   1 ? 
ATOM   791  O O   . MET A 1 93  ? 0.860   4.859   -4.531  1.000 11.347 ? 132 MET AAA O   1 ? 
ATOM   792  C CB  . MET A 1 93  ? 0.844   2.362   -2.288  1.000 11.163 ? 132 MET AAA CB  1 ? 
ATOM   793  C CG  . MET A 1 93  ? -0.307  3.270   -1.771  1.000 11.585 ? 132 MET AAA CG  1 ? 
ATOM   794  S SD  . MET A 1 93  ? -0.648  2.993   -0.055  1.000 13.202 ? 132 MET AAA SD  1 ? 
ATOM   795  C CE  . MET A 1 93  ? 0.726   3.896   0.683   1.000 14.655 ? 132 MET AAA CE  1 ? 
ATOM   796  N N   . PHE A 1 94  ? 2.807   4.454   -3.434  1.000 11.931 ? 133 PHE AAA N   1 ? 
ATOM   797  C CA  . PHE A 1 94  ? 3.202   5.868   -3.516  1.000 12.071 ? 133 PHE AAA CA  1 ? 
ATOM   798  C C   . PHE A 1 94  ? 3.420   6.260   -4.978  1.000 12.278 ? 133 PHE AAA C   1 ? 
ATOM   799  O O   . PHE A 1 94  ? 2.931   7.292   -5.457  1.000 12.978 ? 133 PHE AAA O   1 ? 
ATOM   800  C CB  . PHE A 1 94  ? 4.471   6.146   -2.692  1.000 12.253 ? 133 PHE AAA CB  1 ? 
ATOM   801  C CG  . PHE A 1 94  ? 4.227   6.062   -1.199  1.000 13.113 ? 133 PHE AAA CG  1 ? 
ATOM   802  C CD1 . PHE A 1 94  ? 3.210   6.821   -0.611  1.000 15.633 ? 133 PHE AAA CD1 1 ? 
ATOM   803  C CD2 . PHE A 1 94  ? 5.001   5.255   -0.365  1.000 14.773 ? 133 PHE AAA CD2 1 ? 
ATOM   804  C CE1 . PHE A 1 94  ? 2.966   6.733   0.748   1.000 17.306 ? 133 PHE AAA CE1 1 ? 
ATOM   805  C CE2 . PHE A 1 94  ? 4.745   5.177   1.007   1.000 14.565 ? 133 PHE AAA CE2 1 ? 
ATOM   806  C CZ  . PHE A 1 94  ? 3.738   5.933   1.550   1.000 17.406 ? 133 PHE AAA CZ  1 ? 
ATOM   807  N N   . THR A 1 95  ? 4.131   5.412   -5.732  1.000 12.302 ? 134 THR AAA N   1 ? 
ATOM   808  C CA  A THR A 1 95  ? 4.456   5.764   -7.102  0.500 13.401 ? 134 THR AAA CA  1 ? 
ATOM   809  C CA  B THR A 1 95  ? 4.466   5.662   -7.134  0.500 11.812 ? 134 THR AAA CA  1 ? 
ATOM   810  C C   . THR A 1 95  ? 3.181   5.822   -7.948  1.000 12.673 ? 134 THR AAA C   1 ? 
ATOM   811  O O   . THR A 1 95  ? 3.068   6.688   -8.805  1.000 12.995 ? 134 THR AAA O   1 ? 
ATOM   812  C CB  A THR A 1 95  ? 5.589   4.897   -7.644  0.500 14.510 ? 134 THR AAA CB  1 ? 
ATOM   813  C CB  B THR A 1 95  ? 5.289   4.527   -7.757  0.500 10.364 ? 134 THR AAA CB  1 ? 
ATOM   814  O OG1 A THR A 1 95  ? 5.190   3.543   -7.496  0.500 18.651 ? 134 THR AAA OG1 1 ? 
ATOM   815  O OG1 B THR A 1 95  ? 6.511   4.509   -7.014  0.500 11.353 ? 134 THR AAA OG1 1 ? 
ATOM   816  C CG2 A THR A 1 95  ? 6.878   5.159   -6.899  0.500 13.888 ? 134 THR AAA CG2 1 ? 
ATOM   817  C CG2 B THR A 1 95  ? 5.583   4.733   -9.235  0.500 10.582 ? 134 THR AAA CG2 1 ? 
ATOM   818  N N   . ASN A 1 96  ? 2.199   4.931   -7.706  1.000 12.085 ? 135 ASN AAA N   1 ? 
ATOM   819  C CA  . ASN A 1 96  ? 0.935   5.008   -8.461  1.000 12.232 ? 135 ASN AAA CA  1 ? 
ATOM   820  C C   . ASN A 1 96  ? 0.331   6.389   -8.256  1.000 11.480 ? 135 ASN AAA C   1 ? 
ATOM   821  O O   . ASN A 1 96  ? -0.164  7.010   -9.210  1.000 12.205 ? 135 ASN AAA O   1 ? 
ATOM   822  C CB  . ASN A 1 96  ? -0.077  3.973   -7.938  1.000 11.984 ? 135 ASN AAA CB  1 ? 
ATOM   823  C CG  . ASN A 1 96  ? 0.280   2.530   -8.279  1.000 12.426 ? 135 ASN AAA CG  1 ? 
ATOM   824  O OD1 . ASN A 1 96  ? 1.089   2.267   -9.171  1.000 14.534 ? 135 ASN AAA OD1 1 ? 
ATOM   825  N ND2 . ASN A 1 96  ? -0.374  1.642   -7.553  1.000 13.041 ? 135 ASN AAA ND2 1 ? 
ATOM   826  N N   . CYS A 1 97  ? 0.330   6.868   -7.002  1.000 10.992 ? 136 CYS AAA N   1 ? 
ATOM   827  C CA  . CYS A 1 97  ? -0.275  8.168   -6.704  1.000 11.699 ? 136 CYS AAA CA  1 ? 
ATOM   828  C C   . CYS A 1 97  ? 0.438   9.265   -7.499  1.000 11.967 ? 136 CYS AAA C   1 ? 
ATOM   829  O O   . CYS A 1 97  ? -0.225  10.145  -8.083  1.000 11.759 ? 136 CYS AAA O   1 ? 
ATOM   830  C CB  . CYS A 1 97  ? -0.208  8.378   -5.189  1.000 12.061 ? 136 CYS AAA CB  1 ? 
ATOM   831  S SG  . CYS A 1 97  ? -1.058  9.897   -4.697  1.000 13.803 ? 136 CYS AAA SG  1 ? 
ATOM   832  N N   . TYR A 1 98  ? 1.776   9.216   -7.498  1.000 11.769 ? 137 TYR AAA N   1 ? 
ATOM   833  C CA  . TYR A 1 98  ? 2.551   10.244  -8.188  1.000 14.256 ? 137 TYR AAA CA  1 ? 
ATOM   834  C C   . TYR A 1 98  ? 2.422   10.154  -9.704  1.000 14.563 ? 137 TYR AAA C   1 ? 
ATOM   835  O O   . TYR A 1 98  ? 2.613   11.188  -10.355 1.000 16.773 ? 137 TYR AAA O   1 ? 
ATOM   836  C CB  . TYR A 1 98  ? 4.020   10.124  -7.767  1.000 13.591 ? 137 TYR AAA CB  1 ? 
ATOM   837  C CG  . TYR A 1 98  ? 4.243   10.214  -6.287  1.000 13.881 ? 137 TYR AAA CG  1 ? 
ATOM   838  C CD1 . TYR A 1 98  ? 3.428   10.998  -5.487  1.000 14.625 ? 137 TYR AAA CD1 1 ? 
ATOM   839  C CD2 . TYR A 1 98  ? 5.265   9.498   -5.681  1.000 13.319 ? 137 TYR AAA CD2 1 ? 
ATOM   840  C CE1 . TYR A 1 98  ? 3.593   11.095  -4.114  1.000 15.459 ? 137 TYR AAA CE1 1 ? 
ATOM   841  C CE2 . TYR A 1 98  ? 5.432   9.566   -4.297  1.000 14.650 ? 137 TYR AAA CE2 1 ? 
ATOM   842  C CZ  . TYR A 1 98  ? 4.629   10.391  -3.514  1.000 14.285 ? 137 TYR AAA CZ  1 ? 
ATOM   843  O OH  . TYR A 1 98  ? 4.775   10.492  -2.150  1.000 18.151 ? 137 TYR AAA OH  1 ? 
ATOM   844  N N   . ILE A 1 99  ? 2.202   8.954   -10.285 1.000 13.392 ? 138 ILE AAA N   1 ? 
ATOM   845  C CA  . ILE A 1 99  ? 2.029   8.809   -11.726 1.000 15.097 ? 138 ILE AAA CA  1 ? 
ATOM   846  C C   . ILE A 1 99  ? 0.639   9.318   -12.133 1.000 14.666 ? 138 ILE AAA C   1 ? 
ATOM   847  O O   . ILE A 1 99  ? 0.499   9.950   -13.189 1.000 15.686 ? 138 ILE AAA O   1 ? 
ATOM   848  C CB  . ILE A 1 99  ? 2.190   7.321   -12.089 1.000 18.008 ? 138 ILE AAA CB  1 ? 
ATOM   849  C CG1 . ILE A 1 99  ? 3.668   6.930   -12.084 1.000 20.120 ? 138 ILE AAA CG1 1 ? 
ATOM   850  C CG2 . ILE A 1 99  ? 1.558   7.030   -13.450 1.000 19.516 ? 138 ILE AAA CG2 1 ? 
ATOM   851  C CD1 . ILE A 1 99  ? 3.938   5.450   -12.194 1.000 25.771 ? 138 ILE AAA CD1 1 ? 
ATOM   852  N N   . TYR A 1 100 ? -0.401  8.982   -11.358 1.000 13.906 ? 139 TYR AAA N   1 ? 
ATOM   853  C CA  . TYR A 1 100 ? -1.762  9.278   -11.824 1.000 13.622 ? 139 TYR AAA CA  1 ? 
ATOM   854  C C   . TYR A 1 100 ? -2.131  10.747  -11.566 1.000 14.999 ? 139 TYR AAA C   1 ? 
ATOM   855  O O   . TYR A 1 100 ? -2.884  11.333  -12.342 1.000 15.627 ? 139 TYR AAA O   1 ? 
ATOM   856  C CB  . TYR A 1 100 ? -2.775  8.351   -11.149 1.000 13.825 ? 139 TYR AAA CB  1 ? 
ATOM   857  C CG  . TYR A 1 100 ? -4.163  8.616   -11.675 1.000 13.124 ? 139 TYR AAA CG  1 ? 
ATOM   858  C CD1 . TYR A 1 100 ? -4.526  8.133   -12.919 1.000 13.822 ? 139 TYR AAA CD1 1 ? 
ATOM   859  C CD2 . TYR A 1 100 ? -5.072  9.394   -10.940 1.000 13.054 ? 139 TYR AAA CD2 1 ? 
ATOM   860  C CE1 . TYR A 1 100 ? -5.774  8.430   -13.444 1.000 13.835 ? 139 TYR AAA CE1 1 ? 
ATOM   861  C CE2 . TYR A 1 100 ? -6.317  9.711   -11.471 1.000 13.542 ? 139 TYR AAA CE2 1 ? 
ATOM   862  C CZ  . TYR A 1 100 ? -6.657  9.205   -12.714 1.000 14.054 ? 139 TYR AAA CZ  1 ? 
ATOM   863  O OH  . TYR A 1 100 ? -7.918  9.506   -13.209 1.000 16.059 ? 139 TYR AAA OH  1 ? 
ATOM   864  N N   . ASN A 1 101 ? -1.605  11.336  -10.485 1.000 14.380 ? 140 ASN AAA N   1 ? 
ATOM   865  C CA  . ASN A 1 101 ? -2.040  12.666  -10.059 1.000 13.836 ? 140 ASN AAA CA  1 ? 
ATOM   866  C C   . ASN A 1 101 ? -0.948  13.704  -10.344 1.000 17.315 ? 140 ASN AAA C   1 ? 
ATOM   867  O O   . ASN A 1 101 ? 0.198   13.362  -10.581 1.000 23.104 ? 140 ASN AAA O   1 ? 
ATOM   868  C CB  . ASN A 1 101 ? -2.395  12.635  -8.579  1.000 13.625 ? 140 ASN AAA CB  1 ? 
ATOM   869  C CG  . ASN A 1 101 ? -3.474  11.631  -8.302  1.000 14.828 ? 140 ASN AAA CG  1 ? 
ATOM   870  O OD1 . ASN A 1 101 ? -4.633  11.906  -8.575  1.000 14.511 ? 140 ASN AAA OD1 1 ? 
ATOM   871  N ND2 . ASN A 1 101 ? -3.107  10.477  -7.759  1.000 13.802 ? 140 ASN AAA ND2 1 ? 
ATOM   872  N N   . LYS A 1 102 ? -1.283  14.991  -10.274 1.000 18.157 ? 141 LYS AAA N   1 ? 
ATOM   873  C CA  . LYS A 1 102 ? -0.371  16.064  -10.673 1.000 20.244 ? 141 LYS AAA CA  1 ? 
ATOM   874  C C   . LYS A 1 102 ? 0.429   16.531  -9.448  1.000 16.993 ? 141 LYS AAA C   1 ? 
ATOM   875  O O   . LYS A 1 102 ? -0.083  16.524  -8.329  1.000 16.648 ? 141 LYS AAA O   1 ? 
ATOM   876  C CB  . LYS A 1 102 ? -1.184  17.239  -11.230 1.000 20.189 ? 141 LYS AAA CB  1 ? 
ATOM   877  C CG  . LYS A 1 102 ? -1.836  17.060  -12.588 1.000 29.029 ? 141 LYS AAA CG  1 ? 
ATOM   878  C CD  . LYS A 1 102 ? -2.490  18.327  -13.074 0.500 28.622 ? 141 LYS AAA CD  1 ? 
ATOM   879  C CE  . LYS A 1 102 ? -3.317  18.150  -14.329 0.500 32.519 ? 141 LYS AAA CE  1 ? 
ATOM   880  N NZ  . LYS A 1 102 ? -4.729  17.837  -13.999 1.000 42.644 ? 141 LYS AAA NZ  1 ? 
ATOM   881  N N   . PRO A 1 103 ? 1.682   17.017  -9.604  1.000 18.118 ? 142 PRO AAA N   1 ? 
ATOM   882  C CA  . PRO A 1 103 ? 2.431   17.589  -8.479  1.000 20.840 ? 142 PRO AAA CA  1 ? 
ATOM   883  C C   . PRO A 1 103 ? 1.692   18.541  -7.540  1.000 24.120 ? 142 PRO AAA C   1 ? 
ATOM   884  O O   . PRO A 1 103 ? 1.863   18.454  -6.331  1.000 29.075 ? 142 PRO AAA O   1 ? 
ATOM   885  C CB  . PRO A 1 103 ? 3.595   18.296  -9.196  1.000 20.847 ? 142 PRO AAA CB  1 ? 
ATOM   886  C CG  . PRO A 1 103 ? 3.881   17.356  -10.342 1.000 20.419 ? 142 PRO AAA CG  1 ? 
ATOM   887  C CD  . PRO A 1 103 ? 2.476   17.021  -10.852 1.000 19.019 ? 142 PRO AAA CD  1 ? 
ATOM   888  N N   . GLY A 1 104 ? 0.834   19.427  -8.024  1.000 25.766 ? 143 GLY AAA N   1 ? 
ATOM   889  C CA  . GLY A 1 104 ? 0.215   20.245  -6.960  1.000 31.024 ? 143 GLY AAA CA  1 ? 
ATOM   890  C C   . GLY A 1 104 ? -0.788  19.562  -6.004  1.000 26.762 ? 143 GLY AAA C   1 ? 
ATOM   891  O O   . GLY A 1 104 ? -1.168  20.099  -4.962  1.000 24.727 ? 143 GLY AAA O   1 ? 
ATOM   892  N N   . ASP A 1 105 ? -1.276  18.372  -6.363  1.000 18.865 ? 144 ASP AAA N   1 ? 
ATOM   893  C CA  . ASP A 1 105 ? -2.611  17.967  -5.980  1.000 18.606 ? 144 ASP AAA CA  1 ? 
ATOM   894  C C   . ASP A 1 105 ? -2.681  17.568  -4.512  1.000 17.029 ? 144 ASP AAA C   1 ? 
ATOM   895  O O   . ASP A 1 105 ? -1.698  17.048  -3.968  1.000 17.360 ? 144 ASP AAA O   1 ? 
ATOM   896  C CB  . ASP A 1 105 ? -3.018  16.757  -6.811  1.000 18.593 ? 144 ASP AAA CB  1 ? 
ATOM   897  C CG  . ASP A 1 105 ? -3.397  17.033  -8.252  1.000 20.873 ? 144 ASP AAA CG  1 ? 
ATOM   898  O OD1 . ASP A 1 105 ? -3.376  18.245  -8.708  1.000 22.002 ? 144 ASP AAA OD1 1 ? 
ATOM   899  O OD2 . ASP A 1 105 ? -3.662  16.025  -8.921  1.000 21.787 ? 144 ASP AAA OD2 1 ? 
ATOM   900  N N   . ASP A 1 106 ? -3.865  17.747  -3.911  1.000 17.057 ? 145 ASP AAA N   1 ? 
ATOM   901  C CA  . ASP A 1 106 ? -4.072  17.371  -2.527  1.000 17.740 ? 145 ASP AAA CA  1 ? 
ATOM   902  C C   . ASP A 1 106 ? -3.588  15.922  -2.315  1.000 17.400 ? 145 ASP AAA C   1 ? 
ATOM   903  O O   . ASP A 1 106 ? -2.902  15.657  -1.329  1.000 17.317 ? 145 ASP AAA O   1 ? 
ATOM   904  C CB  . ASP A 1 106 ? -5.549  17.512  -2.169  1.000 18.999 ? 145 ASP AAA CB  1 ? 
ATOM   905  C CG  . ASP A 1 106 ? -5.911  18.990  -1.999  1.000 20.361 ? 145 ASP AAA CG  1 ? 
ATOM   906  O OD1 . ASP A 1 106 ? -4.967  19.811  -1.849  1.000 22.094 ? 145 ASP AAA OD1 1 ? 
ATOM   907  O OD2 . ASP A 1 106 ? -7.082  19.249  -2.004  1.000 23.324 ? 145 ASP AAA OD2 1 ? 
ATOM   908  N N   . ILE A 1 107 ? -3.987  15.000  -3.190  1.000 15.949 ? 146 ILE AAA N   1 ? 
ATOM   909  C CA  . ILE A 1 107 ? -3.675  13.601  -2.878  1.000 14.622 ? 146 ILE AAA CA  1 ? 
ATOM   910  C C   . ILE A 1 107 ? -2.160  13.367  -2.918  1.000 13.895 ? 146 ILE AAA C   1 ? 
ATOM   911  O O   . ILE A 1 107 ? -1.639  12.515  -2.165  1.000 13.484 ? 146 ILE AAA O   1 ? 
ATOM   912  C CB  . ILE A 1 107 ? -4.416  12.664  -3.870  1.000 14.654 ? 146 ILE AAA CB  1 ? 
ATOM   913  C CG1 . ILE A 1 107 ? -4.357  11.186  -3.471  1.000 18.022 ? 146 ILE AAA CG1 1 ? 
ATOM   914  C CG2 . ILE A 1 107 ? -3.936  12.819  -5.300  1.000 16.092 ? 146 ILE AAA CG2 1 ? 
ATOM   915  C CD1 . ILE A 1 107 ? -5.237  10.824  -2.349  1.000 20.351 ? 146 ILE AAA CD1 1 ? 
ATOM   916  N N   . VAL A 1 108 ? -1.449  14.086  -3.795  1.000 13.432 ? 147 VAL AAA N   1 ? 
ATOM   917  C CA  . VAL A 1 108 ? 0.002   13.989  -3.844  1.000 14.164 ? 147 VAL AAA CA  1 ? 
ATOM   918  C C   . VAL A 1 108 ? 0.626   14.539  -2.557  1.000 14.766 ? 147 VAL AAA C   1 ? 
ATOM   919  O O   . VAL A 1 108 ? 1.528   13.911  -1.988  1.000 13.954 ? 147 VAL AAA O   1 ? 
ATOM   920  C CB  . VAL A 1 108 ? 0.563   14.649  -5.103  1.000 14.508 ? 147 VAL AAA CB  1 ? 
ATOM   921  C CG1 . VAL A 1 108 ? 2.074   14.768  -5.049  1.000 15.407 ? 147 VAL AAA CG1 1 ? 
ATOM   922  C CG2 . VAL A 1 108 ? 0.143   13.919  -6.371  1.000 15.830 ? 147 VAL AAA CG2 1 ? 
ATOM   923  N N   . LEU A 1 109 ? 0.138   15.696  -2.076  1.000 14.888 ? 148 LEU AAA N   1 ? 
ATOM   924  C CA  . LEU A 1 109 ? 0.680   16.207  -0.817  1.000 15.972 ? 148 LEU AAA CA  1 ? 
ATOM   925  C C   . LEU A 1 109 ? 0.417   15.254  0.342   1.000 15.626 ? 148 LEU AAA C   1 ? 
ATOM   926  O O   . LEU A 1 109 ? 1.275   15.111  1.218   1.000 16.962 ? 148 LEU AAA O   1 ? 
ATOM   927  C CB  . LEU A 1 109 ? 0.021   17.555  -0.505  1.000 17.371 ? 148 LEU AAA CB  1 ? 
ATOM   928  C CG  . LEU A 1 109 ? 0.258   18.613  -1.580  1.000 21.569 ? 148 LEU AAA CG  1 ? 
ATOM   929  C CD1 . LEU A 1 109 ? -0.646  19.828  -1.359  1.000 23.138 ? 148 LEU AAA CD1 1 ? 
ATOM   930  C CD2 . LEU A 1 109 ? 1.723   18.991  -1.599  1.000 23.567 ? 148 LEU AAA CD2 1 ? 
ATOM   931  N N   . MET A 1 110 ? -0.747  14.585  0.340   1.000 14.292 ? 149 MET AAA N   1 ? 
ATOM   932  C CA  . MET A 1 110 ? -1.087  13.615  1.361   1.000 14.449 ? 149 MET AAA CA  1 ? 
ATOM   933  C C   . MET A 1 110 ? -0.124  12.426  1.288   1.000 14.697 ? 149 MET AAA C   1 ? 
ATOM   934  O O   . MET A 1 110 ? 0.437   12.027  2.309   1.000 14.136 ? 149 MET AAA O   1 ? 
ATOM   935  C CB  . MET A 1 110 ? -2.541  13.177  1.213   1.000 16.258 ? 149 MET AAA CB  1 ? 
ATOM   936  C CG  . MET A 1 110 ? -3.478  14.397  1.527   1.000 16.593 ? 149 MET AAA CG  1 ? 
ATOM   937  S SD  . MET A 1 110 ? -5.184  14.064  1.040   1.000 18.092 ? 149 MET AAA SD  1 ? 
ATOM   938  C CE  . MET A 1 110 ? -5.760  13.315  2.543   1.000 17.865 ? 149 MET AAA CE  1 ? 
ATOM   939  N N   . ALA A 1 111 ? 0.043   11.893  0.081   1.000 14.061 ? 150 ALA AAA N   1 ? 
ATOM   940  C CA  . ALA A 1 111 ? 0.982   10.783  -0.096  1.000 14.187 ? 150 ALA AAA CA  1 ? 
ATOM   941  C C   . ALA A 1 111 ? 2.406   11.146  0.323   1.000 15.340 ? 150 ALA AAA C   1 ? 
ATOM   942  O O   . ALA A 1 111 ? 3.106   10.320  0.917   1.000 14.766 ? 150 ALA AAA O   1 ? 
ATOM   943  C CB  . ALA A 1 111 ? 0.998   10.320  -1.538  1.000 14.612 ? 150 ALA AAA CB  1 ? 
ATOM   944  N N   . GLU A 1 112 ? 2.819   12.364  0.005   1.000 14.679 ? 151 GLU AAA N   1 ? 
ATOM   945  C CA  . GLU A 1 112 ? 4.179   12.772  0.333   1.000 15.836 ? 151 GLU AAA CA  1 ? 
ATOM   946  C C   . GLU A 1 112 ? 4.377   12.803  1.850   1.000 16.518 ? 151 GLU AAA C   1 ? 
ATOM   947  O O   . GLU A 1 112 ? 5.479   12.477  2.321   1.000 16.494 ? 151 GLU AAA O   1 ? 
ATOM   948  C CB  . GLU A 1 112 ? 4.468   14.145  -0.278  1.000 16.685 ? 151 GLU AAA CB  1 ? 
ATOM   949  C CG  . GLU A 1 112 ? 4.842   14.051  -1.745  1.000 17.793 ? 151 GLU AAA CG  1 ? 
ATOM   950  C CD  . GLU A 1 112 ? 4.930   15.393  -2.466  1.000 22.202 ? 151 GLU AAA CD  1 ? 
ATOM   951  O OE1 . GLU A 1 112 ? 4.301   16.347  -2.030  1.000 27.272 ? 151 GLU AAA OE1 1 ? 
ATOM   952  O OE2 . GLU A 1 112 ? 5.544   15.413  -3.513  1.000 29.473 ? 151 GLU AAA OE2 1 ? 
ATOM   953  N N   . ALA A 1 113 ? 3.358   13.234  2.609   1.000 15.573 ? 152 ALA AAA N   1 ? 
ATOM   954  C CA  . ALA A 1 113 ? 3.450   13.239  4.054   1.000 15.626 ? 152 ALA AAA CA  1 ? 
ATOM   955  C C   . ALA A 1 113 ? 3.614   11.811  4.572   1.000 16.575 ? 152 ALA AAA C   1 ? 
ATOM   956  O O   . ALA A 1 113 ? 4.448   11.537  5.462   1.000 15.984 ? 152 ALA AAA O   1 ? 
ATOM   957  C CB  . ALA A 1 113 ? 2.264   13.965  4.628   1.000 18.234 ? 152 ALA AAA CB  1 ? 
ATOM   958  N N   . LEU A 1 114 ? 2.823   10.879  3.995   1.000 14.828 ? 153 LEU AAA N   1 ? 
ATOM   959  C CA  . LEU A 1 114 ? 2.883   9.499   4.463   1.000 15.449 ? 153 LEU AAA CA  1 ? 
ATOM   960  C C   . LEU A 1 114 ? 4.225   8.883   4.074   1.000 14.657 ? 153 LEU AAA C   1 ? 
ATOM   961  O O   . LEU A 1 114 ? 4.796   8.131   4.841   1.000 15.013 ? 153 LEU AAA O   1 ? 
ATOM   962  C CB  . LEU A 1 114 ? 1.743   8.678   3.833   1.000 16.280 ? 153 LEU AAA CB  1 ? 
ATOM   963  C CG  . LEU A 1 114 ? 0.335   9.025   4.327   1.000 19.615 ? 153 LEU AAA CG  1 ? 
ATOM   964  C CD1 . LEU A 1 114 ? -0.711  8.350   3.428   1.000 20.437 ? 153 LEU AAA CD1 1 ? 
ATOM   965  C CD2 . LEU A 1 114 ? 0.130   8.607   5.756   1.000 22.178 ? 153 LEU AAA CD2 1 ? 
ATOM   966  N N   . GLU A 1 115 ? 4.719   9.231   2.885   1.000 14.945 ? 154 GLU AAA N   1 ? 
ATOM   967  C CA  . GLU A 1 115 ? 5.975   8.684   2.421   1.000 15.507 ? 154 GLU AAA CA  1 ? 
ATOM   968  C C   . GLU A 1 115 ? 7.128   9.189   3.292   1.000 16.421 ? 154 GLU AAA C   1 ? 
ATOM   969  O O   . GLU A 1 115 ? 8.077   8.419   3.501   1.000 16.422 ? 154 GLU AAA O   1 ? 
ATOM   970  C CB  . GLU A 1 115 ? 6.210   9.016   0.949   1.000 16.491 ? 154 GLU AAA CB  1 ? 
ATOM   971  C CG  . GLU A 1 115 ? 7.371   8.206   0.398   1.000 17.479 ? 154 GLU AAA CG  1 ? 
ATOM   972  C CD  . GLU A 1 115 ? 7.744   8.529   -1.031  1.000 20.817 ? 154 GLU AAA CD  1 ? 
ATOM   973  O OE1 . GLU A 1 115 ? 7.342   9.582   -1.542  1.000 21.250 ? 154 GLU AAA OE1 1 ? 
ATOM   974  O OE2 . GLU A 1 115 ? 8.468   7.697   -1.603  1.000 26.485 ? 154 GLU AAA OE2 1 ? 
ATOM   975  N N   . LYS A 1 116 ? 7.069   10.460  3.750   1.000 15.467 ? 155 LYS AAA N   1 ? 
ATOM   976  C CA  . LYS A 1 116 ? 8.170   10.940  4.587   1.000 16.017 ? 155 LYS AAA CA  1 ? 
ATOM   977  C C   . LYS A 1 116 ? 8.252   10.078  5.840   1.000 16.338 ? 155 LYS AAA C   1 ? 
ATOM   978  O O   . LYS A 1 116 ? 9.357   9.719   6.315   1.000 17.426 ? 155 LYS AAA O   1 ? 
ATOM   979  C CB  . LYS A 1 116 ? 7.952   12.420  4.889   1.000 18.372 ? 155 LYS AAA CB  1 ? 
ATOM   980  C CG  . LYS A 1 116 ? 9.034   13.016  5.791   1.000 21.292 ? 155 LYS AAA CG  1 ? 
ATOM   981  C CD  . LYS A 1 116 ? 8.834   14.500  5.967   1.000 27.263 ? 155 LYS AAA CD  1 ? 
ATOM   982  C CE  . LYS A 1 116 ? 10.020  15.155  6.642   1.000 28.540 ? 155 LYS AAA CE  1 ? 
ATOM   983  N NZ  . LYS A 1 116 ? 9.738   16.596  6.815   1.000 34.792 ? 155 LYS AAA NZ  1 ? 
ATOM   984  N N   . LEU A 1 117 ? 7.086   9.760   6.407   1.000 15.101 ? 156 LEU AAA N   1 ? 
ATOM   985  C CA  . LEU A 1 117 ? 6.990   8.992   7.635   1.000 17.601 ? 156 LEU AAA CA  1 ? 
ATOM   986  C C   . LEU A 1 117 ? 7.486   7.578   7.362   1.000 16.219 ? 156 LEU AAA C   1 ? 
ATOM   987  O O   . LEU A 1 117 ? 8.179   6.972   8.169   1.000 17.015 ? 156 LEU AAA O   1 ? 
ATOM   988  C CB  . LEU A 1 117 ? 5.544   8.932   8.140   1.000 21.053 ? 156 LEU AAA CB  1 ? 
ATOM   989  C CG  . LEU A 1 117 ? 5.167   9.815   9.325   1.000 33.317 ? 156 LEU AAA CG  1 ? 
ATOM   990  C CD1 . LEU A 1 117 ? 5.998   9.448   10.559  1.000 33.408 ? 156 LEU AAA CD1 1 ? 
ATOM   991  C CD2 . LEU A 1 117 ? 5.350   11.270  8.983   1.000 39.090 ? 156 LEU AAA CD2 1 ? 
ATOM   992  N N   . PHE A 1 118 ? 7.065   7.014   6.227   1.000 15.441 ? 157 PHE AAA N   1 ? 
ATOM   993  C CA  . PHE A 1 118 ? 7.464   5.667   5.828   1.000 15.309 ? 157 PHE AAA CA  1 ? 
ATOM   994  C C   . PHE A 1 118 ? 8.989   5.579   5.780   1.000 15.563 ? 157 PHE AAA C   1 ? 
ATOM   995  O O   . PHE A 1 118 ? 9.569   4.604   6.280   1.000 14.852 ? 157 PHE AAA O   1 ? 
ATOM   996  C CB  . PHE A 1 118 ? 6.824   5.341   4.474   1.000 14.436 ? 157 PHE AAA CB  1 ? 
ATOM   997  C CG  . PHE A 1 118 ? 7.236   4.012   3.890   1.000 14.275 ? 157 PHE AAA CG  1 ? 
ATOM   998  C CD1 . PHE A 1 118 ? 6.743   2.837   4.442   1.000 14.992 ? 157 PHE AAA CD1 1 ? 
ATOM   999  C CD2 . PHE A 1 118 ? 8.133   3.964   2.835   1.000 17.216 ? 157 PHE AAA CD2 1 ? 
ATOM   1000 C CE1 . PHE A 1 118 ? 7.136   1.619   3.908   1.000 15.485 ? 157 PHE AAA CE1 1 ? 
ATOM   1001 C CE2 . PHE A 1 118 ? 8.509   2.734   2.301   1.000 19.410 ? 157 PHE AAA CE2 1 ? 
ATOM   1002 C CZ  . PHE A 1 118 ? 8.009   1.577   2.852   1.000 18.051 ? 157 PHE AAA CZ  1 ? 
ATOM   1003 N N   . LEU A 1 119 ? 9.619   6.572   5.171   1.000 16.182 ? 158 LEU AAA N   1 ? 
ATOM   1004 C CA  . LEU A 1 119 ? 11.075  6.537   5.035   1.000 18.404 ? 158 LEU AAA CA  1 ? 
ATOM   1005 C C   . LEU A 1 119 ? 11.734  6.615   6.425   1.000 17.628 ? 158 LEU AAA C   1 ? 
ATOM   1006 O O   . LEU A 1 119 ? 12.706  5.887   6.655   1.000 18.600 ? 158 LEU AAA O   1 ? 
ATOM   1007 C CB  . LEU A 1 119 ? 11.502  7.667   4.092   1.000 22.207 ? 158 LEU AAA CB  1 ? 
ATOM   1008 C CG  . LEU A 1 119 ? 13.004  7.950   3.956   1.000 27.804 ? 158 LEU AAA CG  1 ? 
ATOM   1009 C CD1 . LEU A 1 119 ? 13.722  6.716   3.469   1.000 30.437 ? 158 LEU AAA CD1 1 ? 
ATOM   1010 C CD2 . LEU A 1 119 ? 13.248  9.096   2.972   1.000 29.960 ? 158 LEU AAA CD2 1 ? 
ATOM   1011 N N   . GLN A 1 120 ? 11.180  7.416   7.356   1.000 16.995 ? 159 GLN AAA N   1 ? 
ATOM   1012 C CA  . GLN A 1 120 ? 11.735  7.528   8.705   1.000 18.780 ? 159 GLN AAA CA  1 ? 
ATOM   1013 C C   . GLN A 1 120 ? 11.732  6.142   9.345   1.000 18.686 ? 159 GLN AAA C   1 ? 
ATOM   1014 O O   . GLN A 1 120 ? 12.721  5.699   9.927   1.000 20.398 ? 159 GLN AAA O   1 ? 
ATOM   1015 C CB  . GLN A 1 120 ? 10.956  8.528   9.568   1.000 20.729 ? 159 GLN AAA CB  1 ? 
ATOM   1016 C CG  . GLN A 1 120 ? 11.298  8.534   11.073  1.000 27.141 ? 159 GLN AAA CG  1 ? 
ATOM   1017 C CD  . GLN A 1 120 ? 10.317  9.259   11.965  0.500 28.657 ? 159 GLN AAA CD  1 ? 
ATOM   1018 O OE1 . GLN A 1 120 ? 10.309  9.069   13.186  0.500 29.113 ? 159 GLN AAA OE1 1 ? 
ATOM   1019 N NE2 . GLN A 1 120 ? 9.472   10.095  11.376  0.500 27.675 ? 159 GLN AAA NE2 1 ? 
ATOM   1020 N N   . LYS A 1 121 ? 10.603  5.427   9.193   1.000 19.450 ? 160 LYS AAA N   1 ? 
ATOM   1021 C CA  . LYS A 1 121 ? 10.408  4.140   9.844   1.000 19.160 ? 160 LYS AAA CA  1 ? 
ATOM   1022 C C   . LYS A 1 121 ? 11.206  3.041   9.148   1.000 19.037 ? 160 LYS AAA C   1 ? 
ATOM   1023 O O   . LYS A 1 121 ? 11.781  2.188   9.833   1.000 18.957 ? 160 LYS AAA O   1 ? 
ATOM   1024 C CB  . LYS A 1 121 ? 8.919   3.804   9.869   1.000 20.499 ? 160 LYS AAA CB  1 ? 
ATOM   1025 C CG  . LYS A 1 121 ? 8.068   4.728   10.721  1.000 24.359 ? 160 LYS AAA CG  1 ? 
ATOM   1026 C CD  . LYS A 1 121 ? 8.457   4.631   12.187  1.000 31.180 ? 160 LYS AAA CD  1 ? 
ATOM   1027 C CE  . LYS A 1 121 ? 7.687   5.601   13.046  1.000 32.170 ? 160 LYS AAA CE  1 ? 
ATOM   1028 N NZ  . LYS A 1 121 ? 8.589   6.190   14.063  1.000 40.416 ? 160 LYS AAA NZ  1 ? 
ATOM   1029 N N   . ILE A 1 122 ? 11.327  3.051   7.808   1.000 17.328 ? 161 ILE AAA N   1 ? 
ATOM   1030 C CA  . ILE A 1 122 ? 12.073  1.997   7.129   1.000 18.230 ? 161 ILE AAA CA  1 ? 
ATOM   1031 C C   . ILE A 1 122 ? 13.589  2.143   7.382   1.000 18.616 ? 161 ILE AAA C   1 ? 
ATOM   1032 O O   . ILE A 1 122 ? 14.314  1.162   7.346   1.000 17.144 ? 161 ILE AAA O   1 ? 
ATOM   1033 C CB  . ILE A 1 122 ? 11.694  1.932   5.637   1.000 21.126 ? 161 ILE AAA CB  1 ? 
ATOM   1034 C CG1 . ILE A 1 122 ? 11.567  0.493   5.143   1.000 26.270 ? 161 ILE AAA CG1 1 ? 
ATOM   1035 C CG2 . ILE A 1 122 ? 12.512  2.833   4.730   1.000 24.728 ? 161 ILE AAA CG2 1 ? 
ATOM   1036 C CD1 . ILE A 1 122 ? 10.356  -0.208  5.744   1.000 25.426 ? 161 ILE AAA CD1 1 ? 
ATOM   1037 N N   . ASN A 1 123 ? 14.070  3.383   7.569   1.000 18.487 ? 162 ASN AAA N   1 ? 
ATOM   1038 C CA  . ASN A 1 123 ? 15.485  3.576   7.885   1.000 17.936 ? 162 ASN AAA CA  1 ? 
ATOM   1039 C C   . ASN A 1 123 ? 15.820  2.817   9.166   1.000 17.687 ? 162 ASN AAA C   1 ? 
ATOM   1040 O O   . ASN A 1 123 ? 17.005  2.462   9.340   1.000 19.646 ? 162 ASN AAA O   1 ? 
ATOM   1041 C CB  . ASN A 1 123 ? 15.838  5.079   7.958   1.000 19.130 ? 162 ASN AAA CB  1 ? 
ATOM   1042 C CG  . ASN A 1 123 ? 15.918  5.713   6.580   1.000 18.477 ? 162 ASN AAA CG  1 ? 
ATOM   1043 O OD1 . ASN A 1 123 ? 16.154  5.049   5.583   1.000 22.855 ? 162 ASN AAA OD1 1 ? 
ATOM   1044 N ND2 . ASN A 1 123 ? 15.734  7.026   6.497   1.000 23.125 ? 162 ASN AAA ND2 1 ? 
ATOM   1045 N N   . GLU A 1 124 ? 14.818  2.560   10.034  1.000 16.777 ? 163 GLU AAA N   1 ? 
ATOM   1046 C CA  . GLU A 1 124 ? 14.986  1.875   11.307  1.000 17.536 ? 163 GLU AAA CA  1 ? 
ATOM   1047 C C   . GLU A 1 124 ? 14.513  0.422   11.252  1.000 17.726 ? 163 GLU AAA C   1 ? 
ATOM   1048 O O   . GLU A 1 124 ? 14.415  -0.212  12.301  1.000 18.490 ? 163 GLU AAA O   1 ? 
ATOM   1049 C CB  . GLU A 1 124 ? 14.312  2.605   12.471  1.000 21.576 ? 163 GLU AAA CB  1 ? 
ATOM   1050 C CG  . GLU A 1 124 ? 15.056  3.888   12.915  1.000 21.148 ? 163 GLU AAA CG  1 ? 
ATOM   1051 C CD  . GLU A 1 124 ? 16.406  3.739   13.611  1.000 25.571 ? 163 GLU AAA CD  1 ? 
ATOM   1052 O OE1 . GLU A 1 124 ? 16.907  2.597   13.773  1.000 24.528 ? 163 GLU AAA OE1 1 ? 
ATOM   1053 O OE2 . GLU A 1 124 ? 16.976  4.800   14.013  1.000 24.180 ? 163 GLU AAA OE2 1 ? 
ATOM   1054 N N   . LEU A 1 125 ? 14.239  -0.085  10.048  1.000 15.731 ? 164 LEU AAA N   1 ? 
ATOM   1055 C CA  . LEU A 1 125 ? 13.838  -1.490  9.983   1.000 15.513 ? 164 LEU AAA CA  1 ? 
ATOM   1056 C C   . LEU A 1 125 ? 14.932  -2.323  10.645  1.000 17.030 ? 164 LEU AAA C   1 ? 
ATOM   1057 O O   . LEU A 1 125 ? 16.109  -2.219  10.285  1.000 15.715 ? 164 LEU AAA O   1 ? 
ATOM   1058 C CB  . LEU A 1 125 ? 13.764  -1.856  8.508   1.000 16.047 ? 164 LEU AAA CB  1 ? 
ATOM   1059 C CG  . LEU A 1 125 ? 13.257  -3.250  8.178   1.000 15.618 ? 164 LEU AAA CG  1 ? 
ATOM   1060 C CD1 . LEU A 1 125 ? 11.721  -3.329  8.340   1.000 18.996 ? 164 LEU AAA CD1 1 ? 
ATOM   1061 C CD2 . LEU A 1 125 ? 13.746  -3.673  6.798   1.000 16.293 ? 164 LEU AAA CD2 1 ? 
ATOM   1062 N N   . PRO A 1 126 ? 14.574  -3.205  11.588  1.000 16.751 ? 165 PRO AAA N   1 ? 
ATOM   1063 C CA  . PRO A 1 126 ? 15.578  -3.946  12.350  1.000 16.357 ? 165 PRO AAA CA  1 ? 
ATOM   1064 C C   . PRO A 1 126 ? 16.362  -4.953  11.542  1.000 17.078 ? 165 PRO AAA C   1 ? 
ATOM   1065 O O   . PRO A 1 126 ? 15.893  -5.535  10.572  1.000 16.108 ? 165 PRO AAA O   1 ? 
ATOM   1066 C CB  . PRO A 1 126 ? 14.807  -4.682  13.446  1.000 17.689 ? 165 PRO AAA CB  1 ? 
ATOM   1067 C CG  . PRO A 1 126 ? 13.399  -4.763  12.884  1.000 22.887 ? 165 PRO AAA CG  1 ? 
ATOM   1068 C CD  . PRO A 1 126 ? 13.211  -3.515  12.038  1.000 17.806 ? 165 PRO AAA CD  1 ? 
ATOM   1069 N N   . THR A 1 127 ? 17.610  -5.167  11.995  1.000 18.215 ? 166 THR AAA N   1 ? 
ATOM   1070 C CA  . THR A 1 127 ? 18.373  -6.271  11.442  1.000 19.477 ? 166 THR AAA CA  1 ? 
ATOM   1071 C C   . THR A 1 127 ? 17.519  -7.540  11.538  1.000 17.465 ? 166 THR AAA C   1 ? 
ATOM   1072 O O   . THR A 1 127 ? 16.890  -7.770  12.584  1.000 18.959 ? 166 THR AAA O   1 ? 
ATOM   1073 C CB  . THR A 1 127 ? 19.668  -6.464  12.253  1.000 17.252 ? 166 THR AAA CB  1 ? 
ATOM   1074 O OG1 . THR A 1 127 ? 20.324  -5.182  12.277  1.000 20.319 ? 166 THR AAA OG1 1 ? 
ATOM   1075 C CG2 . THR A 1 127 ? 20.554  -7.509  11.602  1.000 19.529 ? 166 THR AAA CG2 1 ? 
ATOM   1076 N N   . GLU A 1 128 ? 17.507  -8.325  10.455  1.000 19.928 ? 167 GLU AAA N   1 ? 
ATOM   1077 C CA  . GLU A 1 128 ? 16.762  -9.584  10.455  1.000 19.802 ? 167 GLU AAA CA  1 ? 
ATOM   1078 C C   . GLU A 1 128 ? 17.380  -10.544 11.473  1.000 23.475 ? 167 GLU AAA C   1 ? 
ATOM   1079 O O   . GLU A 1 128 ? 18.597  -10.745 11.495  1.000 24.199 ? 167 GLU AAA O   1 ? 
ATOM   1080 C CB  . GLU A 1 128 ? 16.791  -10.267 9.083   1.000 22.575 ? 167 GLU AAA CB  1 ? 
ATOM   1081 C CG  . GLU A 1 128 ? 15.915  -11.513 9.046   1.000 27.908 ? 167 GLU AAA CG  1 ? 
ATOM   1082 C CD  . GLU A 1 128 ? 15.659  -12.054 7.651   1.000 30.299 ? 167 GLU AAA CD  1 ? 
ATOM   1083 O OE1 . GLU A 1 128 ? 16.428  -11.702 6.734   1.000 34.593 ? 167 GLU AAA OE1 1 ? 
ATOM   1084 O OE2 . GLU A 1 128 ? 14.707  -12.834 7.494   1.000 42.080 ? 167 GLU AAA OE2 1 ? 
ATOM   1085 N N   . GLU A 1 129 ? 16.538  -11.103 12.352  1.000 23.299 ? 168 GLU AAA N   1 ? 
ATOM   1086 C CA  . GLU A 1 129 ? 17.026  -12.075 13.314  1.000 31.002 ? 168 GLU AAA CA  1 ? 
ATOM   1087 C C   . GLU A 1 129 ? 16.231  -13.362 13.094  1.000 39.764 ? 168 GLU AAA C   1 ? 
ATOM   1088 O O   . GLU A 1 129 ? 15.056  -13.261 12.772  1.000 44.092 ? 168 GLU AAA O   1 ? 
ATOM   1089 C CB  . GLU A 1 129 ? 16.945  -11.514 14.735  1.000 37.466 ? 168 GLU AAA CB  1 ? 
ATOM   1090 C CG  . GLU A 1 129 ? 15.540  -11.467 15.287  1.000 43.690 ? 168 GLU AAA CG  1 ? 
ATOM   1091 C CD  . GLU A 1 129 ? 15.328  -10.457 16.396  1.000 50.562 ? 168 GLU AAA CD  1 ? 
ATOM   1092 O OE1 . GLU A 1 129 ? 16.245  -9.640  16.638  1.000 55.078 ? 168 GLU AAA OE1 1 ? 
ATOM   1093 O OE2 . GLU A 1 129 ? 14.237  -10.481 17.004  1.000 54.255 ? 168 GLU AAA OE2 1 ? 
ATOM   1094 O OXT . GLU A 1 129 ? 16.740  -14.488 13.204  1.000 42.631 ? 168 GLU AAA OXT 1 ? 
HETATM 1095 C C1  . GOL B 2 .   ? -11.290 5.204   -2.583  1.000 19.310 ? 201 GOL AAA C1  1 ? 
HETATM 1096 O O1  . GOL B 2 .   ? -11.819 5.292   -3.903  1.000 22.040 ? 201 GOL AAA O1  1 ? 
HETATM 1097 C C2  . GOL B 2 .   ? -10.360 6.354   -2.274  1.000 19.841 ? 201 GOL AAA C2  1 ? 
HETATM 1098 O O2  . GOL B 2 .   ? -10.054 6.332   -0.887  1.000 20.456 ? 201 GOL AAA O2  1 ? 
HETATM 1099 C C3  . GOL B 2 .   ? -9.102  6.287   -3.112  1.000 20.423 ? 201 GOL AAA C3  1 ? 
HETATM 1100 O O3  . GOL B 2 .   ? -8.217  7.386   -2.936  1.000 17.500 ? 201 GOL AAA O3  1 ? 
HETATM 1101 C C1  . GOL C 2 .   ? 1.701   1.744   -13.975 1.000 25.824 ? 202 GOL AAA C1  1 ? 
HETATM 1102 O O1  . GOL C 2 .   ? 0.820   0.796   -14.569 1.000 25.168 ? 202 GOL AAA O1  1 ? 
HETATM 1103 C C2  . GOL C 2 .   ? 1.974   1.432   -12.525 1.000 26.672 ? 202 GOL AAA C2  1 ? 
HETATM 1104 O O2  . GOL C 2 .   ? 2.511   2.615   -11.922 1.000 39.030 ? 202 GOL AAA O2  1 ? 
HETATM 1105 C C3  . GOL C 2 .   ? 0.744   1.011   -11.758 1.000 19.046 ? 202 GOL AAA C3  1 ? 
HETATM 1106 O O3  . GOL C 2 .   ? 1.150   0.326   -10.589 1.000 35.960 ? 202 GOL AAA O3  1 ? 
HETATM 1107 C C1  . GOL D 2 .   ? -10.657 11.305  -16.618 1.000 40.502 ? 203 GOL AAA C1  1 ? 
HETATM 1108 O O1  . GOL D 2 .   ? -10.776 10.179  -15.751 1.000 37.329 ? 203 GOL AAA O1  1 ? 
HETATM 1109 C C2  . GOL D 2 .   ? -10.568 10.899  -18.076 1.000 41.281 ? 203 GOL AAA C2  1 ? 
HETATM 1110 O O2  . GOL D 2 .   ? -11.701 11.416  -18.780 1.000 40.873 ? 203 GOL AAA O2  1 ? 
HETATM 1111 C C3  . GOL D 2 .   ? -9.295  11.401  -18.734 1.000 40.121 ? 203 GOL AAA C3  1 ? 
HETATM 1112 O O3  . GOL D 2 .   ? -8.997  10.768  -19.979 1.000 27.385 ? 203 GOL AAA O3  1 ? 
HETATM 1113 C C1  . 8WS E 3 .   ? -8.153  14.756  -3.419  1.000 18.394 ? 204 8WS AAA C1  1 ? 
HETATM 1114 N N1  . 8WS E 3 .   ? -8.807  12.500  -3.612  1.000 18.044 ? 204 8WS AAA N1  1 ? 
HETATM 1115 O O1  . 8WS E 3 .   ? -7.962  13.200  -1.619  1.000 25.372 ? 204 8WS AAA O1  1 ? 
HETATM 1116 C C01 . 8WS E 3 .   ? -12.599 12.704  -6.676  1.000 24.926 ? 204 8WS AAA C01 1 ? 
HETATM 1117 N N01 . 8WS E 3 .   ? -11.174 12.899  -6.423  1.000 22.382 ? 204 8WS AAA N01 1 ? 
HETATM 1118 O O01 . 8WS E 3 .   ? -11.341 12.153  -4.310  1.000 21.140 ? 204 8WS AAA O01 1 ? 
HETATM 1119 C C02 . 8WS E 3 .   ? -10.660 12.584  -5.226  1.000 20.421 ? 204 8WS AAA C02 1 ? 
HETATM 1120 N N02 . 8WS E 3 .   ? -6.628  8.141   -5.565  1.000 15.881 ? 204 8WS AAA N02 1 ? 
HETATM 1121 O O02 . 8WS E 3 .   ? -4.603  8.146   -6.485  1.000 15.199 ? 204 8WS AAA O02 1 ? 
HETATM 1122 C C03 . 8WS E 3 .   ? -9.170  12.850  -4.991  1.000 18.973 ? 204 8WS AAA C03 1 ? 
HETATM 1123 C C04 . 8WS E 3 .   ? -8.241  12.228  -6.043  1.000 21.778 ? 204 8WS AAA C04 1 ? 
HETATM 1124 C C05 . 8WS E 3 .   ? -8.158  10.717  -5.944  1.000 20.446 ? 204 8WS AAA C05 1 ? 
HETATM 1125 C C06 . 8WS E 3 .   ? -7.203  10.123  -6.966  1.000 18.209 ? 204 8WS AAA C06 1 ? 
HETATM 1126 C C07 . 8WS E 3 .   ? -7.216  8.619   -6.820  1.000 16.890 ? 204 8WS AAA C07 1 ? 
HETATM 1127 C C08 . 8WS E 3 .   ? -5.318  7.885   -5.521  1.000 14.820 ? 204 8WS AAA C08 1 ? 
HETATM 1128 C C09 . 8WS E 3 .   ? -4.814  7.234   -4.268  1.000 16.032 ? 204 8WS AAA C09 1 ? 
HETATM 1129 C C10 . 8WS E 3 .   ? -8.294  13.419  -2.806  1.000 19.845 ? 204 8WS AAA C10 1 ? 
HETATM 1130 O O   . HOH F 4 .   ? 10.538  -1.193  -3.089  1.000 41.487 ? 301 HOH AAA O   1 ? 
HETATM 1131 O O   . HOH F 4 .   ? 12.927  -13.254 11.870  1.000 25.248 ? 302 HOH AAA O   1 ? 
HETATM 1132 O O   . HOH F 4 .   ? -5.609  -15.045 -6.189  1.000 48.040 ? 303 HOH AAA O   1 ? 
HETATM 1133 O O   . HOH F 4 .   ? 16.296  6.926   13.186  1.000 36.022 ? 304 HOH AAA O   1 ? 
HETATM 1134 O O   . HOH F 4 .   ? -6.827  -9.187  8.112   1.000 51.749 ? 305 HOH AAA O   1 ? 
HETATM 1135 O O   . HOH F 4 .   ? 10.374  -0.823  -5.161  1.000 35.841 ? 306 HOH AAA O   1 ? 
HETATM 1136 O O   . HOH F 4 .   ? 7.725   10.997  12.972  1.000 31.232 ? 307 HOH AAA O   1 ? 
HETATM 1137 O O   . HOH F 4 .   ? 3.672   17.839  -4.669  1.000 25.825 ? 308 HOH AAA O   1 ? 
HETATM 1138 O O   . HOH F 4 .   ? 4.717   17.741  0.064   1.000 35.195 ? 309 HOH AAA O   1 ? 
HETATM 1139 O O   . HOH F 4 .   ? -13.098 13.302  -19.794 1.000 23.930 ? 310 HOH AAA O   1 ? 
HETATM 1140 O O   . HOH F 4 .   ? -2.885  6.088   -7.087  1.000 12.909 ? 311 HOH AAA O   1 ? 
HETATM 1141 O O   . HOH F 4 .   ? 8.362   7.607   -4.181  1.000 38.094 ? 312 HOH AAA O   1 ? 
HETATM 1142 O O   . HOH F 4 .   ? -6.411  11.343  -15.891 1.000 29.212 ? 313 HOH AAA O   1 ? 
HETATM 1143 O O   . HOH F 4 .   ? -8.801  -9.692  0.448   1.000 34.932 ? 314 HOH AAA O   1 ? 
HETATM 1144 O O   . HOH F 4 .   ? 2.478   -8.635  15.109  1.000 39.840 ? 315 HOH AAA O   1 ? 
HETATM 1145 O O   . HOH F 4 .   ? -2.570  -16.884 5.898   1.000 38.612 ? 316 HOH AAA O   1 ? 
HETATM 1146 O O   . HOH F 4 .   ? -1.790  20.283  -9.073  1.000 35.592 ? 317 HOH AAA O   1 ? 
HETATM 1147 O O   . HOH F 4 .   ? 0.957   4.323   -16.588 1.000 38.922 ? 318 HOH AAA O   1 ? 
HETATM 1148 O O   . HOH F 4 .   ? 13.893  -14.338 9.476   1.000 30.904 ? 319 HOH AAA O   1 ? 
HETATM 1149 O O   . HOH F 4 .   ? 15.228  -8.055  4.532   1.000 26.679 ? 320 HOH AAA O   1 ? 
HETATM 1150 O O   . HOH F 4 .   ? 15.545  0.137   14.648  1.000 42.601 ? 321 HOH AAA O   1 ? 
HETATM 1151 O O   . HOH F 4 .   ? -14.593 -6.638  -10.440 1.000 20.819 ? 322 HOH AAA O   1 ? 
HETATM 1152 O O   . HOH F 4 .   ? 8.670   -11.971 -4.310  1.000 20.619 ? 323 HOH AAA O   1 ? 
HETATM 1153 O O   . HOH F 4 .   ? 11.504  2.869   14.430  1.000 28.387 ? 324 HOH AAA O   1 ? 
HETATM 1154 O O   . HOH F 4 .   ? -12.400 0.624   -2.435  1.000 21.386 ? 325 HOH AAA O   1 ? 
HETATM 1155 O O   . HOH F 4 .   ? -17.059 7.369   -14.445 1.000 48.572 ? 326 HOH AAA O   1 ? 
HETATM 1156 O O   . HOH F 4 .   ? -12.456 1.660   3.576   1.000 39.064 ? 327 HOH AAA O   1 ? 
HETATM 1157 O O   . HOH F 4 .   ? -9.529  -1.425  3.458   1.000 36.378 ? 328 HOH AAA O   1 ? 
HETATM 1158 O O   . HOH F 4 .   ? -2.728  2.732   13.599  1.000 35.995 ? 329 HOH AAA O   1 ? 
HETATM 1159 O O   . HOH F 4 .   ? 5.160   -0.513  -8.803  1.000 36.040 ? 330 HOH AAA O   1 ? 
HETATM 1160 O O   . HOH F 4 .   ? -6.422  9.053   12.803  1.000 45.301 ? 331 HOH AAA O   1 ? 
HETATM 1161 O O   . HOH F 4 .   ? -8.287  13.282  -19.408 1.000 25.404 ? 332 HOH AAA O   1 ? 
HETATM 1162 O O   . HOH F 4 .   ? 20.967  -11.021 12.715  1.000 44.567 ? 333 HOH AAA O   1 ? 
HETATM 1163 O O   . HOH F 4 .   ? 3.502   -3.993  -5.374  1.000 22.756 ? 334 HOH AAA O   1 ? 
HETATM 1164 O O   . HOH F 4 .   ? -19.701 9.440   -8.031  1.000 30.683 ? 335 HOH AAA O   1 ? 
HETATM 1165 O O   . HOH F 4 .   ? -5.608  14.510  -7.837  1.000 22.084 ? 336 HOH AAA O   1 ? 
HETATM 1166 O O   . HOH F 4 .   ? 8.889   -13.155 13.791  1.000 49.104 ? 337 HOH AAA O   1 ? 
HETATM 1167 O O   . HOH F 4 .   ? -6.596  -4.410  -8.090  1.000 15.734 ? 338 HOH AAA O   1 ? 
HETATM 1168 O O   . HOH F 4 .   ? 3.062   14.301  8.754   1.000 38.612 ? 339 HOH AAA O   1 ? 
HETATM 1169 O O   . HOH F 4 .   ? -3.600  3.538   -3.445  1.000 17.848 ? 340 HOH AAA O   1 ? 
HETATM 1170 O O   . HOH F 4 .   ? -8.612  -10.628 -5.587  1.000 25.135 ? 341 HOH AAA O   1 ? 
HETATM 1171 O O   . HOH F 4 .   ? -4.505  15.392  -11.431 1.000 36.299 ? 342 HOH AAA O   1 ? 
HETATM 1172 O O   . HOH F 4 .   ? 17.253  -7.102  15.199  1.000 29.634 ? 343 HOH AAA O   1 ? 
HETATM 1173 O O   . HOH F 4 .   ? -15.968 3.906   -2.770  1.000 33.428 ? 344 HOH AAA O   1 ? 
HETATM 1174 O O   . HOH F 4 .   ? -18.770 7.464   -12.137 1.000 42.221 ? 345 HOH AAA O   1 ? 
HETATM 1175 O O   . HOH F 4 .   ? 3.986   2.068   -9.449  1.000 26.859 ? 346 HOH AAA O   1 ? 
HETATM 1176 O O   . HOH F 4 .   ? -1.848  5.084   -4.780  1.000 17.127 ? 347 HOH AAA O   1 ? 
HETATM 1177 O O   . HOH F 4 .   ? -6.862  9.097   -19.575 1.000 20.614 ? 348 HOH AAA O   1 ? 
HETATM 1178 O O   . HOH F 4 .   ? 19.534  2.343   14.487  1.000 28.073 ? 349 HOH AAA O   1 ? 
HETATM 1179 O O   . HOH F 4 .   ? -3.193  2.240   -6.433  1.000 13.674 ? 350 HOH AAA O   1 ? 
HETATM 1180 O O   . HOH F 4 .   ? -6.995  -6.364  -1.325  1.000 21.403 ? 351 HOH AAA O   1 ? 
HETATM 1181 O O   . HOH F 4 .   ? 2.882   13.693  -9.285  1.000 20.406 ? 352 HOH AAA O   1 ? 
HETATM 1182 O O   . HOH F 4 .   ? 14.851  7.198   10.792  1.000 38.032 ? 353 HOH AAA O   1 ? 
HETATM 1183 O O   . HOH F 4 .   ? 3.061   17.002  2.109   1.000 29.620 ? 354 HOH AAA O   1 ? 
HETATM 1184 O O   . HOH F 4 .   ? -10.470 2.311   -14.813 1.000 16.185 ? 355 HOH AAA O   1 ? 
HETATM 1185 O O   . HOH F 4 .   ? 5.167   13.494  7.263   1.000 23.643 ? 356 HOH AAA O   1 ? 
HETATM 1186 O O   . HOH F 4 .   ? 7.877   2.132   -7.304  1.000 40.353 ? 357 HOH AAA O   1 ? 
HETATM 1187 O O   . HOH F 4 .   ? 15.895  8.344   8.913   1.000 43.640 ? 358 HOH AAA O   1 ? 
HETATM 1188 O O   . HOH F 4 .   ? 10.077  -6.752  15.184  1.000 28.537 ? 359 HOH AAA O   1 ? 
HETATM 1189 O O   . HOH F 4 .   ? -11.889 10.597  -2.094  1.000 21.672 ? 360 HOH AAA O   1 ? 
HETATM 1190 O O   . HOH F 4 .   ? 18.229  4.645   16.473  1.000 25.638 ? 361 HOH AAA O   1 ? 
HETATM 1191 O O   . HOH F 4 .   ? -13.310 -4.994  -6.901  1.000 37.540 ? 362 HOH AAA O   1 ? 
HETATM 1192 O O   . HOH F 4 .   ? -1.949  -4.814  -8.354  1.000 19.861 ? 363 HOH AAA O   1 ? 
HETATM 1193 O O   . HOH F 4 .   ? -13.192 -0.572  -16.175 1.000 20.918 ? 364 HOH AAA O   1 ? 
HETATM 1194 O O   . HOH F 4 .   ? -10.053 -3.122  -6.576  1.000 15.757 ? 365 HOH AAA O   1 ? 
HETATM 1195 O O   . HOH F 4 .   ? 7.805   12.988  0.883   1.000 23.576 ? 366 HOH AAA O   1 ? 
HETATM 1196 O O   . HOH F 4 .   ? -2.242  -14.597 3.373   1.000 31.128 ? 367 HOH AAA O   1 ? 
HETATM 1197 O O   . HOH F 4 .   ? 12.216  -9.911  6.190   1.000 17.303 ? 368 HOH AAA O   1 ? 
HETATM 1198 O O   . HOH F 4 .   ? -14.346 6.378   -3.411  1.000 24.471 ? 369 HOH AAA O   1 ? 
HETATM 1199 O O   . HOH F 4 .   ? -12.567 1.500   -13.287 1.000 19.266 ? 370 HOH AAA O   1 ? 
HETATM 1200 O O   . HOH F 4 .   ? -14.598 -7.006  -13.246 1.000 22.028 ? 371 HOH AAA O   1 ? 
HETATM 1201 O O   . HOH F 4 .   ? -7.503  -5.643  7.840   1.000 36.999 ? 372 HOH AAA O   1 ? 
HETATM 1202 O O   . HOH F 4 .   ? -7.420  -3.971  5.633   1.000 30.179 ? 373 HOH AAA O   1 ? 
HETATM 1203 O O   . HOH F 4 .   ? 6.716   -15.265 -2.033  1.000 16.354 ? 374 HOH AAA O   1 ? 
HETATM 1204 O O   . HOH F 4 .   ? -5.359  -1.503  -4.757  1.000 13.379 ? 375 HOH AAA O   1 ? 
HETATM 1205 O O   . HOH F 4 .   ? 11.789  11.120  6.070   1.000 33.337 ? 376 HOH AAA O   1 ? 
HETATM 1206 O O   . HOH F 4 .   ? 4.702   -7.504  -3.117  1.000 21.650 ? 377 HOH AAA O   1 ? 
HETATM 1207 O O   . HOH F 4 .   ? -9.243  9.993   -2.395  1.000 19.050 ? 378 HOH AAA O   1 ? 
HETATM 1208 O O   . HOH F 4 .   ? -6.014  4.011   -2.429  1.000 13.866 ? 379 HOH AAA O   1 ? 
HETATM 1209 O O   . HOH F 4 .   ? 6.343   -8.737  16.728  1.000 58.227 ? 380 HOH AAA O   1 ? 
HETATM 1210 O O   . HOH F 4 .   ? -8.929  17.124  -2.287  1.000 32.110 ? 381 HOH AAA O   1 ? 
HETATM 1211 O O   . HOH F 4 .   ? -2.483  -17.186 2.061   1.000 20.005 ? 382 HOH AAA O   1 ? 
HETATM 1212 O O   . HOH F 4 .   ? 2.539   -11.651 -4.359  1.000 36.589 ? 383 HOH AAA O   1 ? 
HETATM 1213 O O   . HOH F 4 .   ? -11.697 -0.860  -6.578  1.000 15.970 ? 384 HOH AAA O   1 ? 
HETATM 1214 O O   . HOH F 4 .   ? -5.841  19.146  -5.433  1.000 29.029 ? 385 HOH AAA O   1 ? 
HETATM 1215 O O   . HOH F 4 .   ? -8.202  12.353  -13.507 1.000 33.566 ? 386 HOH AAA O   1 ? 
HETATM 1216 O O   . HOH F 4 .   ? 13.890  -11.604 5.021   1.000 23.447 ? 387 HOH AAA O   1 ? 
HETATM 1217 O O   . HOH F 4 .   ? -9.771  13.749  -8.796  1.000 34.891 ? 388 HOH AAA O   1 ? 
HETATM 1218 O O   . HOH F 4 .   ? 4.042   -12.407 6.188   1.000 23.053 ? 389 HOH AAA O   1 ? 
HETATM 1219 O O   . HOH F 4 .   ? 3.556   -8.867  9.901   1.000 25.421 ? 390 HOH AAA O   1 ? 
HETATM 1220 O O   . HOH F 4 .   ? 12.682  -10.351 -2.317  1.000 24.306 ? 391 HOH AAA O   1 ? 
HETATM 1221 O O   . HOH F 4 .   ? -8.921  -3.081  1.580   1.000 39.505 ? 392 HOH AAA O   1 ? 
HETATM 1222 O O   . HOH F 4 .   ? -15.318 5.556   -13.633 1.000 23.913 ? 393 HOH AAA O   1 ? 
HETATM 1223 O O   . HOH F 4 .   ? -6.130  15.427  -5.126  1.000 17.018 ? 394 HOH AAA O   1 ? 
HETATM 1224 O O   . HOH F 4 .   ? 18.967  -7.446  8.078   1.000 25.692 ? 395 HOH AAA O   1 ? 
HETATM 1225 O O   . HOH F 4 .   ? 17.408  -6.624  5.743   1.000 36.222 ? 396 HOH AAA O   1 ? 
HETATM 1226 O O   . HOH F 4 .   ? -7.416  -12.695 -1.617  1.000 25.565 ? 397 HOH AAA O   1 ? 
HETATM 1227 O O   . HOH F 4 .   ? 14.703  -16.174 1.879   1.000 15.789 ? 398 HOH AAA O   1 ? 
HETATM 1228 O O   . HOH F 4 .   ? -15.574 -4.363  -7.326  1.000 41.807 ? 399 HOH AAA O   1 ? 
HETATM 1229 O O   . HOH F 4 .   ? 0.545   -10.986 11.364  1.000 32.478 ? 400 HOH AAA O   1 ? 
HETATM 1230 O O   . HOH F 4 .   ? -0.770  -2.140  13.218  1.000 38.216 ? 401 HOH AAA O   1 ? 
HETATM 1231 O O   . HOH F 4 .   ? -10.022 0.064   5.277   1.000 47.466 ? 402 HOH AAA O   1 ? 
HETATM 1232 O O   . HOH F 4 .   ? 13.449  -8.676  2.521   1.000 16.012 ? 403 HOH AAA O   1 ? 
HETATM 1233 O O   . HOH F 4 .   ? 10.943  -5.561  -4.748  1.000 35.360 ? 404 HOH AAA O   1 ? 
HETATM 1234 O O   . HOH F 4 .   ? 13.177  -6.936  15.762  1.000 32.378 ? 405 HOH AAA O   1 ? 
HETATM 1235 O O   . HOH F 4 .   ? -5.764  1.123   -5.317  1.000 16.149 ? 406 HOH AAA O   1 ? 
HETATM 1236 O O   . HOH F 4 .   ? -7.429  -2.189  -6.733  1.000 15.060 ? 407 HOH AAA O   1 ? 
HETATM 1237 O O   . HOH F 4 .   ? 5.414   -21.143 2.907   1.000 20.845 ? 408 HOH AAA O   1 ? 
HETATM 1238 O O   . HOH F 4 .   ? 14.210  -13.779 0.500   1.000 17.298 ? 409 HOH AAA O   1 ? 
HETATM 1239 O O   . HOH F 4 .   ? 7.173   -18.350 9.895   1.000 29.641 ? 410 HOH AAA O   1 ? 
HETATM 1240 O O   . HOH F 4 .   ? -1.410  13.076  11.480  1.000 37.324 ? 411 HOH AAA O   1 ? 
HETATM 1241 O O   . HOH F 4 .   ? 0.691   -15.650 -5.791  1.000 37.767 ? 412 HOH AAA O   1 ? 
HETATM 1242 O O   . HOH F 4 .   ? -7.013  9.556   7.731   1.000 22.041 ? 413 HOH AAA O   1 ? 
HETATM 1243 O O   . HOH F 4 .   ? 1.032   -7.945  -5.525  1.000 31.158 ? 414 HOH AAA O   1 ? 
HETATM 1244 O O   . HOH F 4 .   ? -4.115  -10.400 -7.235  1.000 24.317 ? 415 HOH AAA O   1 ? 
HETATM 1245 O O   . HOH F 4 .   ? -10.538 0.166   -16.717 1.000 17.478 ? 416 HOH AAA O   1 ? 
HETATM 1246 O O   . HOH F 4 .   ? -13.708 2.477   -16.883 1.000 28.186 ? 417 HOH AAA O   1 ? 
HETATM 1247 O O   . HOH F 4 .   ? 8.113   4.870   -4.415  1.000 30.764 ? 418 HOH AAA O   1 ? 
HETATM 1248 O O   . HOH F 4 .   ? -8.037  -9.759  -1.522  1.000 37.373 ? 419 HOH AAA O   1 ? 
HETATM 1249 O O   . HOH F 4 .   ? -15.754 14.380  -11.566 1.000 41.778 ? 420 HOH AAA O   1 ? 
HETATM 1250 O O   . HOH F 4 .   ? 3.608   -10.921 8.442   1.000 30.468 ? 421 HOH AAA O   1 ? 
HETATM 1251 O O   . HOH F 4 .   ? 0.988   20.254  -11.006 1.000 45.259 ? 422 HOH AAA O   1 ? 
HETATM 1252 O O   . HOH F 4 .   ? -5.214  -12.876 -7.431  1.000 20.347 ? 423 HOH AAA O   1 ? 
HETATM 1253 O O   . HOH F 4 .   ? 11.689  2.112   0.176   1.000 32.030 ? 424 HOH AAA O   1 ? 
HETATM 1254 O O   . HOH F 4 .   ? 5.877   -11.717 10.602  1.000 26.806 ? 425 HOH AAA O   1 ? 
HETATM 1255 O O   . HOH F 4 .   ? 12.969  -0.366  -2.026  1.000 42.766 ? 426 HOH AAA O   1 ? 
HETATM 1256 O O   . HOH F 4 .   ? -8.575  14.185  7.629   1.000 43.886 ? 427 HOH AAA O   1 ? 
HETATM 1257 O O   . HOH F 4 .   ? -2.026  -9.493  -6.402  1.000 35.772 ? 428 HOH AAA O   1 ? 
HETATM 1258 O O   . HOH F 4 .   ? 9.762   9.225   -4.124  1.000 41.652 ? 429 HOH AAA O   1 ? 
HETATM 1259 O O   . HOH F 4 .   ? 0.229   13.161  -13.844 1.000 35.264 ? 430 HOH AAA O   1 ? 
HETATM 1260 O O   . HOH F 4 .   ? -1.633  10.903  13.702  1.000 32.007 ? 431 HOH AAA O   1 ? 
HETATM 1261 O O   . HOH F 4 .   ? -13.476 -8.835  -9.256  1.000 22.402 ? 432 HOH AAA O   1 ? 
HETATM 1262 O O   . HOH F 4 .   ? 1.010   -5.400  -14.284 1.000 43.399 ? 433 HOH AAA O   1 ? 
HETATM 1263 O O   . HOH F 4 .   ? -20.886 3.923   -3.504  1.000 53.618 ? 434 HOH AAA O   1 ? 
HETATM 1264 O O   . HOH F 4 .   ? 5.659   16.096  3.372   1.000 30.882 ? 435 HOH AAA O   1 ? 
HETATM 1265 O O   . HOH F 4 .   ? 9.494   -7.519  -4.042  1.000 33.496 ? 436 HOH AAA O   1 ? 
HETATM 1266 O O   . HOH F 4 .   ? 9.997   11.467  1.588   1.000 27.136 ? 437 HOH AAA O   1 ? 
HETATM 1267 O O   . HOH F 4 .   ? 0.026   15.174  11.371  1.000 46.352 ? 438 HOH AAA O   1 ? 
HETATM 1268 O O   . HOH F 4 .   ? 4.240   -10.147 -2.910  1.000 30.489 ? 439 HOH AAA O   1 ? 
HETATM 1269 O O   . HOH F 4 .   ? 8.092   15.406  1.984   1.000 28.734 ? 440 HOH AAA O   1 ? 
HETATM 1270 O O   . HOH F 4 .   ? 6.687   -7.547  -4.706  1.000 33.804 ? 441 HOH AAA O   1 ? 
HETATM 1271 O O   . HOH F 4 .   ? -0.236  -18.041 7.892   1.000 39.173 ? 442 HOH AAA O   1 ? 
HETATM 1272 O O   . HOH F 4 .   ? -11.689 -3.744  -4.440  1.000 27.608 ? 443 HOH AAA O   1 ? 
HETATM 1273 O O   . HOH F 4 .   ? 11.325  14.720  10.073  1.000 39.141 ? 444 HOH AAA O   1 ? 
HETATM 1274 O O   . HOH F 4 .   ? -13.369 -0.636  -4.541  1.000 30.197 ? 445 HOH AAA O   1 ? 
HETATM 1275 O O   . HOH F 4 .   ? 13.056  0.907   16.020  1.000 38.321 ? 446 HOH AAA O   1 ? 
HETATM 1276 O O   . HOH F 4 .   ? -11.864 14.447  -10.254 1.000 43.002 ? 447 HOH AAA O   1 ? 
HETATM 1277 O O   . HOH F 4 .   ? -17.718 8.931   -17.960 1.000 38.403 ? 448 HOH AAA O   1 ? 
HETATM 1278 O O   . HOH F 4 .   ? 1.197   -5.752  -6.828  1.000 36.022 ? 449 HOH AAA O   1 ? 
HETATM 1279 O O   . HOH F 4 .   ? -14.609 2.990   -14.236 1.000 21.050 ? 450 HOH AAA O   1 ? 
HETATM 1280 O O   . HOH F 4 .   ? -3.371  -7.664  14.203  1.000 49.733 ? 451 HOH AAA O   1 ? 
HETATM 1281 O O   . HOH F 4 .   ? 2.988   -9.881  12.344  1.000 31.607 ? 452 HOH AAA O   1 ? 
HETATM 1282 O O   . HOH F 4 .   ? -7.873  15.546  -8.002  1.000 37.380 ? 453 HOH AAA O   1 ? 
HETATM 1283 O O   . HOH F 4 .   ? -14.147 2.514   -1.304  1.000 28.684 ? 454 HOH AAA O   1 ? 
HETATM 1284 O O   . HOH F 4 .   ? 7.310   13.330  9.177   1.000 41.439 ? 455 HOH AAA O   1 ? 
HETATM 1285 O O   . HOH F 4 .   ? 3.527   3.995   -16.193 1.000 58.880 ? 456 HOH AAA O   1 ? 
HETATM 1286 O O   . HOH F 4 .   ? -11.336 -10.624 -4.966  1.000 37.066 ? 457 HOH AAA O   1 ? 
HETATM 1287 O O   . HOH F 4 .   ? 5.191   16.000  5.908   1.000 30.131 ? 458 HOH AAA O   1 ? 
HETATM 1288 O O   . HOH F 4 .   ? 10.771  -9.951  -3.974  1.000 26.084 ? 459 HOH AAA O   1 ? 
HETATM 1289 O O   . HOH F 4 .   ? 0.346   19.368  3.134   1.000 37.392 ? 460 HOH AAA O   1 ? 
HETATM 1290 O O   . HOH F 4 .   ? 2.693   17.442  5.294   1.000 42.850 ? 461 HOH AAA O   1 ? 
HETATM 1291 O O   . HOH F 4 .   ? -13.538 -9.575  -6.451  1.000 32.394 ? 462 HOH AAA O   1 ? 
# 
